data_1YNA
# 
_entry.id   1YNA 
# 
_audit_conform.dict_name       mmcif_pdbx.dic 
_audit_conform.dict_version    5.399 
_audit_conform.dict_location   http://mmcif.pdb.org/dictionaries/ascii/mmcif_pdbx.dic 
# 
loop_
_database_2.database_id 
_database_2.database_code 
_database_2.pdbx_database_accession 
_database_2.pdbx_DOI 
PDB   1YNA         pdb_00001yna 10.2210/pdb1yna/pdb 
WWPDB D_1000177412 ?            ?                   
# 
loop_
_pdbx_audit_revision_history.ordinal 
_pdbx_audit_revision_history.data_content_type 
_pdbx_audit_revision_history.major_revision 
_pdbx_audit_revision_history.minor_revision 
_pdbx_audit_revision_history.revision_date 
1 'Structure model' 1 0 1997-02-12 
2 'Structure model' 1 1 2008-03-24 
3 'Structure model' 1 2 2011-07-13 
4 'Structure model' 1 3 2018-03-07 
5 'Structure model' 2 0 2019-12-25 
6 'Structure model' 2 1 2024-11-20 
# 
_pdbx_audit_revision_details.ordinal             1 
_pdbx_audit_revision_details.revision_ordinal    1 
_pdbx_audit_revision_details.data_content_type   'Structure model' 
_pdbx_audit_revision_details.provider            repository 
_pdbx_audit_revision_details.type                'Initial release' 
_pdbx_audit_revision_details.description         ? 
_pdbx_audit_revision_details.details             ? 
# 
loop_
_pdbx_audit_revision_group.ordinal 
_pdbx_audit_revision_group.revision_ordinal 
_pdbx_audit_revision_group.data_content_type 
_pdbx_audit_revision_group.group 
1 2 'Structure model' 'Version format compliance' 
2 3 'Structure model' 'Version format compliance' 
3 4 'Structure model' 'Data collection'           
4 5 'Structure model' 'Derived calculations'      
5 5 'Structure model' 'Polymer sequence'          
6 6 'Structure model' 'Data collection'           
7 6 'Structure model' 'Database references'       
8 6 'Structure model' 'Structure summary'         
# 
loop_
_pdbx_audit_revision_category.ordinal 
_pdbx_audit_revision_category.revision_ordinal 
_pdbx_audit_revision_category.data_content_type 
_pdbx_audit_revision_category.category 
1 4 'Structure model' diffrn_source             
2 5 'Structure model' entity_poly               
3 5 'Structure model' pdbx_struct_mod_residue   
4 5 'Structure model' struct_conn               
5 6 'Structure model' chem_comp_atom            
6 6 'Structure model' chem_comp_bond            
7 6 'Structure model' database_2                
8 6 'Structure model' pdbx_entry_details        
9 6 'Structure model' pdbx_modification_feature 
# 
loop_
_pdbx_audit_revision_item.ordinal 
_pdbx_audit_revision_item.revision_ordinal 
_pdbx_audit_revision_item.data_content_type 
_pdbx_audit_revision_item.item 
1 4 'Structure model' '_diffrn_source.source'                     
2 5 'Structure model' '_entity_poly.pdbx_seq_one_letter_code_can' 
3 5 'Structure model' '_pdbx_struct_mod_residue.parent_comp_id'   
4 5 'Structure model' '_struct_conn.pdbx_leaving_atom_flag'       
5 6 'Structure model' '_database_2.pdbx_DOI'                      
6 6 'Structure model' '_database_2.pdbx_database_accession'       
# 
_pdbx_database_status.status_code                     REL 
_pdbx_database_status.entry_id                        1YNA 
_pdbx_database_status.recvd_initial_deposition_date   1996-08-22 
_pdbx_database_status.deposit_site                    ? 
_pdbx_database_status.process_site                    BNL 
_pdbx_database_status.status_code_sf                  REL 
_pdbx_database_status.status_code_mr                  ? 
_pdbx_database_status.SG_entry                        ? 
_pdbx_database_status.pdb_format_compatible           Y 
_pdbx_database_status.status_code_cs                  ? 
_pdbx_database_status.methods_development_category    ? 
_pdbx_database_status.status_code_nmr_data            ? 
# 
loop_
_audit_author.name 
_audit_author.pdbx_ordinal 
'Gruber, K.' 1 
'Kratky, C.' 2 
# 
loop_
_citation.id 
_citation.title 
_citation.journal_abbrev 
_citation.journal_volume 
_citation.page_first 
_citation.page_last 
_citation.year 
_citation.journal_id_ASTM 
_citation.country 
_citation.journal_id_ISSN 
_citation.journal_id_CSD 
_citation.book_publisher 
_citation.pdbx_database_id_PubMed 
_citation.pdbx_database_id_DOI 
primary 'Thermophilic xylanase from Thermomyces lanuginosus: high-resolution X-ray structure and modeling studies.' Biochemistry  
37 13475 13485 1998 BICHAW US 0006-2960 0033 ? 9753433 10.1021/bi980864l 
1       
'Three-Dimensional Structure of Endo-1,4-Beta-Xylanase II from Trichoderma Reesei: Two Conformational States in the Active Site' 
J.Biotechnol. 49 211   ?     1996 JBITD4 NE 0168-1656 2082 ? ?       ?                 
2       
'Three-Dimensional Structure of Endo-1,4-Beta-Xylanase II from Trichoderma Reesei: Two Conformational States in the Active Site' 
'Embo J.'     13 2493  ?     1994 EMJODG UK 0261-4189 0897 ? ?       ?                 
# 
loop_
_citation_author.citation_id 
_citation_author.name 
_citation_author.ordinal 
_citation_author.identifier_ORCID 
primary 'Gruber, K.'     1  ? 
primary 'Klintschar, G.' 2  ? 
primary 'Hayn, M.'       3  ? 
primary 'Schlacher, A.'  4  ? 
primary 'Steiner, W.'    5  ? 
primary 'Kratky, C.'     6  ? 
1       'Schlacher, A.'  7  ? 
1       'Holzmann, K.'   8  ? 
1       'Hayn, M.'       9  ? 
1       'Steiner, W.'    10 ? 
1       'Schwab, H.'     11 ? 
2       'Torronen, A.'   12 ? 
2       'Harkki, A.'     13 ? 
2       'Rouvinen, J.'   14 ? 
# 
loop_
_entity.id 
_entity.type 
_entity.src_method 
_entity.pdbx_description 
_entity.formula_weight 
_entity.pdbx_number_of_molecules 
_entity.pdbx_ec 
_entity.pdbx_mutation 
_entity.pdbx_fragment 
_entity.details 
1 polymer nat ENDO-1,4-BETA-XYLANASE 21311.848 1   3.2.1.8 ? ? ? 
2 water   nat water                  18.015    138 ?       ? ? ? 
# 
_entity_name_com.entity_id   1 
_entity_name_com.name        XYNA 
# 
_entity_poly.entity_id                      1 
_entity_poly.type                           'polypeptide(L)' 
_entity_poly.nstd_linkage                   no 
_entity_poly.nstd_monomer                   yes 
_entity_poly.pdbx_seq_one_letter_code       
;(PCA)TTPNSEGWHDGYYYSWWSDGGAQATYTNLEGGTYEISWGDGGNLVGGKGWNPGLNARAIHFEGVYQPNGNSYLAV
YGWTRNPLVEYYIVENFGTYDPSSGATDLGTVECDGSIYRLGKTTRVNAPSIDGTQTFDQYWSVRQDKRTSGTVQTGCHF
DAWARAGLNVNGDHYYQIVATEGYFSSGYARITVADVG
;
_entity_poly.pdbx_seq_one_letter_code_can   
;QTTPNSEGWHDGYYYSWWSDGGAQATYTNLEGGTYEISWGDGGNLVGGKGWNPGLNARAIHFEGVYQPNGNSYLAVYGWT
RNPLVEYYIVENFGTYDPSSGATDLGTVECDGSIYRLGKTTRVNAPSIDGTQTFDQYWSVRQDKRTSGTVQTGCHFDAWA
RAGLNVNGDHYYQIVATEGYFSSGYARITVADVG
;
_entity_poly.pdbx_strand_id                 A 
_entity_poly.pdbx_target_identifier         ? 
# 
_pdbx_entity_nonpoly.entity_id   2 
_pdbx_entity_nonpoly.name        water 
_pdbx_entity_nonpoly.comp_id     HOH 
# 
loop_
_entity_poly_seq.entity_id 
_entity_poly_seq.num 
_entity_poly_seq.mon_id 
_entity_poly_seq.hetero 
1 1   PCA n 
1 2   THR n 
1 3   THR n 
1 4   PRO n 
1 5   ASN n 
1 6   SER n 
1 7   GLU n 
1 8   GLY n 
1 9   TRP n 
1 10  HIS n 
1 11  ASP n 
1 12  GLY n 
1 13  TYR n 
1 14  TYR n 
1 15  TYR n 
1 16  SER n 
1 17  TRP n 
1 18  TRP n 
1 19  SER n 
1 20  ASP n 
1 21  GLY n 
1 22  GLY n 
1 23  ALA n 
1 24  GLN n 
1 25  ALA n 
1 26  THR n 
1 27  TYR n 
1 28  THR n 
1 29  ASN n 
1 30  LEU n 
1 31  GLU n 
1 32  GLY n 
1 33  GLY n 
1 34  THR n 
1 35  TYR n 
1 36  GLU n 
1 37  ILE n 
1 38  SER n 
1 39  TRP n 
1 40  GLY n 
1 41  ASP n 
1 42  GLY n 
1 43  GLY n 
1 44  ASN n 
1 45  LEU n 
1 46  VAL n 
1 47  GLY n 
1 48  GLY n 
1 49  LYS n 
1 50  GLY n 
1 51  TRP n 
1 52  ASN n 
1 53  PRO n 
1 54  GLY n 
1 55  LEU n 
1 56  ASN n 
1 57  ALA n 
1 58  ARG n 
1 59  ALA n 
1 60  ILE n 
1 61  HIS n 
1 62  PHE n 
1 63  GLU n 
1 64  GLY n 
1 65  VAL n 
1 66  TYR n 
1 67  GLN n 
1 68  PRO n 
1 69  ASN n 
1 70  GLY n 
1 71  ASN n 
1 72  SER n 
1 73  TYR n 
1 74  LEU n 
1 75  ALA n 
1 76  VAL n 
1 77  TYR n 
1 78  GLY n 
1 79  TRP n 
1 80  THR n 
1 81  ARG n 
1 82  ASN n 
1 83  PRO n 
1 84  LEU n 
1 85  VAL n 
1 86  GLU n 
1 87  TYR n 
1 88  TYR n 
1 89  ILE n 
1 90  VAL n 
1 91  GLU n 
1 92  ASN n 
1 93  PHE n 
1 94  GLY n 
1 95  THR n 
1 96  TYR n 
1 97  ASP n 
1 98  PRO n 
1 99  SER n 
1 100 SER n 
1 101 GLY n 
1 102 ALA n 
1 103 THR n 
1 104 ASP n 
1 105 LEU n 
1 106 GLY n 
1 107 THR n 
1 108 VAL n 
1 109 GLU n 
1 110 CYS n 
1 111 ASP n 
1 112 GLY n 
1 113 SER n 
1 114 ILE n 
1 115 TYR n 
1 116 ARG n 
1 117 LEU n 
1 118 GLY n 
1 119 LYS n 
1 120 THR n 
1 121 THR n 
1 122 ARG n 
1 123 VAL n 
1 124 ASN n 
1 125 ALA n 
1 126 PRO n 
1 127 SER n 
1 128 ILE n 
1 129 ASP n 
1 130 GLY n 
1 131 THR n 
1 132 GLN n 
1 133 THR n 
1 134 PHE n 
1 135 ASP n 
1 136 GLN n 
1 137 TYR n 
1 138 TRP n 
1 139 SER n 
1 140 VAL n 
1 141 ARG n 
1 142 GLN n 
1 143 ASP n 
1 144 LYS n 
1 145 ARG n 
1 146 THR n 
1 147 SER n 
1 148 GLY n 
1 149 THR n 
1 150 VAL n 
1 151 GLN n 
1 152 THR n 
1 153 GLY n 
1 154 CYS n 
1 155 HIS n 
1 156 PHE n 
1 157 ASP n 
1 158 ALA n 
1 159 TRP n 
1 160 ALA n 
1 161 ARG n 
1 162 ALA n 
1 163 GLY n 
1 164 LEU n 
1 165 ASN n 
1 166 VAL n 
1 167 ASN n 
1 168 GLY n 
1 169 ASP n 
1 170 HIS n 
1 171 TYR n 
1 172 TYR n 
1 173 GLN n 
1 174 ILE n 
1 175 VAL n 
1 176 ALA n 
1 177 THR n 
1 178 GLU n 
1 179 GLY n 
1 180 TYR n 
1 181 PHE n 
1 182 SER n 
1 183 SER n 
1 184 GLY n 
1 185 TYR n 
1 186 ALA n 
1 187 ARG n 
1 188 ILE n 
1 189 THR n 
1 190 VAL n 
1 191 ALA n 
1 192 ASP n 
1 193 VAL n 
1 194 GLY n 
# 
_entity_src_nat.entity_id                  1 
_entity_src_nat.pdbx_src_id                1 
_entity_src_nat.pdbx_alt_source_flag       sample 
_entity_src_nat.pdbx_beg_seq_num           ? 
_entity_src_nat.pdbx_end_seq_num           ? 
_entity_src_nat.common_name                ? 
_entity_src_nat.pdbx_organism_scientific   'Thermomyces lanuginosus' 
_entity_src_nat.pdbx_ncbi_taxonomy_id      5541 
_entity_src_nat.genus                      Thermomyces 
_entity_src_nat.species                    ? 
_entity_src_nat.strain                     TSIKLINSKY 
_entity_src_nat.tissue                     ? 
_entity_src_nat.tissue_fraction            ? 
_entity_src_nat.pdbx_secretion             ? 
_entity_src_nat.pdbx_fragment              ? 
_entity_src_nat.pdbx_variant               ? 
_entity_src_nat.pdbx_cell_line             ? 
_entity_src_nat.pdbx_atcc                  'DSM 5826' 
_entity_src_nat.pdbx_cellular_location     ? 
_entity_src_nat.pdbx_organ                 ? 
_entity_src_nat.pdbx_organelle             ? 
_entity_src_nat.pdbx_cell                  ? 
_entity_src_nat.pdbx_plasmid_name          ? 
_entity_src_nat.pdbx_plasmid_details       ? 
_entity_src_nat.details                    ? 
# 
loop_
_chem_comp.id 
_chem_comp.type 
_chem_comp.mon_nstd_flag 
_chem_comp.name 
_chem_comp.pdbx_synonyms 
_chem_comp.formula 
_chem_comp.formula_weight 
ALA 'L-peptide linking' y ALANINE             ? 'C3 H7 N O2'     89.093  
ARG 'L-peptide linking' y ARGININE            ? 'C6 H15 N4 O2 1' 175.209 
ASN 'L-peptide linking' y ASPARAGINE          ? 'C4 H8 N2 O3'    132.118 
ASP 'L-peptide linking' y 'ASPARTIC ACID'     ? 'C4 H7 N O4'     133.103 
CYS 'L-peptide linking' y CYSTEINE            ? 'C3 H7 N O2 S'   121.158 
GLN 'L-peptide linking' y GLUTAMINE           ? 'C5 H10 N2 O3'   146.144 
GLU 'L-peptide linking' y 'GLUTAMIC ACID'     ? 'C5 H9 N O4'     147.129 
GLY 'peptide linking'   y GLYCINE             ? 'C2 H5 N O2'     75.067  
HIS 'L-peptide linking' y HISTIDINE           ? 'C6 H10 N3 O2 1' 156.162 
HOH non-polymer         . WATER               ? 'H2 O'           18.015  
ILE 'L-peptide linking' y ISOLEUCINE          ? 'C6 H13 N O2'    131.173 
LEU 'L-peptide linking' y LEUCINE             ? 'C6 H13 N O2'    131.173 
LYS 'L-peptide linking' y LYSINE              ? 'C6 H15 N2 O2 1' 147.195 
PCA 'L-peptide linking' n 'PYROGLUTAMIC ACID' ? 'C5 H7 N O3'     129.114 
PHE 'L-peptide linking' y PHENYLALANINE       ? 'C9 H11 N O2'    165.189 
PRO 'L-peptide linking' y PROLINE             ? 'C5 H9 N O2'     115.130 
SER 'L-peptide linking' y SERINE              ? 'C3 H7 N O3'     105.093 
THR 'L-peptide linking' y THREONINE           ? 'C4 H9 N O3'     119.119 
TRP 'L-peptide linking' y TRYPTOPHAN          ? 'C11 H12 N2 O2'  204.225 
TYR 'L-peptide linking' y TYROSINE            ? 'C9 H11 N O3'    181.189 
VAL 'L-peptide linking' y VALINE              ? 'C5 H11 N O2'    117.146 
# 
loop_
_pdbx_poly_seq_scheme.asym_id 
_pdbx_poly_seq_scheme.entity_id 
_pdbx_poly_seq_scheme.seq_id 
_pdbx_poly_seq_scheme.mon_id 
_pdbx_poly_seq_scheme.ndb_seq_num 
_pdbx_poly_seq_scheme.pdb_seq_num 
_pdbx_poly_seq_scheme.auth_seq_num 
_pdbx_poly_seq_scheme.pdb_mon_id 
_pdbx_poly_seq_scheme.auth_mon_id 
_pdbx_poly_seq_scheme.pdb_strand_id 
_pdbx_poly_seq_scheme.pdb_ins_code 
_pdbx_poly_seq_scheme.hetero 
A 1 1   PCA 1   1   1   PCA PCA A . n 
A 1 2   THR 2   2   2   THR THR A . n 
A 1 3   THR 3   3   3   THR THR A . n 
A 1 4   PRO 4   4   4   PRO PRO A . n 
A 1 5   ASN 5   5   5   ASN ASN A . n 
A 1 6   SER 6   6   6   SER SER A . n 
A 1 7   GLU 7   7   7   GLU GLU A . n 
A 1 8   GLY 8   8   8   GLY GLY A . n 
A 1 9   TRP 9   9   9   TRP TRP A . n 
A 1 10  HIS 10  10  10  HIS HIS A . n 
A 1 11  ASP 11  11  11  ASP ASP A . n 
A 1 12  GLY 12  12  12  GLY GLY A . n 
A 1 13  TYR 13  13  13  TYR TYR A . n 
A 1 14  TYR 14  14  14  TYR TYR A . n 
A 1 15  TYR 15  15  15  TYR TYR A . n 
A 1 16  SER 16  16  16  SER SER A . n 
A 1 17  TRP 17  17  17  TRP TRP A . n 
A 1 18  TRP 18  18  18  TRP TRP A . n 
A 1 19  SER 19  19  19  SER SER A . n 
A 1 20  ASP 20  20  20  ASP ASP A . n 
A 1 21  GLY 21  21  21  GLY GLY A . n 
A 1 22  GLY 22  22  22  GLY GLY A . n 
A 1 23  ALA 23  23  23  ALA ALA A . n 
A 1 24  GLN 24  24  24  GLN GLN A . n 
A 1 25  ALA 25  25  25  ALA ALA A . n 
A 1 26  THR 26  26  26  THR THR A . n 
A 1 27  TYR 27  27  27  TYR TYR A . n 
A 1 28  THR 28  28  28  THR THR A . n 
A 1 29  ASN 29  29  29  ASN ASN A . n 
A 1 30  LEU 30  30  30  LEU LEU A . n 
A 1 31  GLU 31  31  31  GLU GLU A . n 
A 1 32  GLY 32  32  32  GLY GLY A . n 
A 1 33  GLY 33  33  33  GLY GLY A . n 
A 1 34  THR 34  34  34  THR THR A . n 
A 1 35  TYR 35  35  35  TYR TYR A . n 
A 1 36  GLU 36  36  36  GLU GLU A . n 
A 1 37  ILE 37  37  37  ILE ILE A . n 
A 1 38  SER 38  38  38  SER SER A . n 
A 1 39  TRP 39  39  39  TRP TRP A . n 
A 1 40  GLY 40  40  40  GLY GLY A . n 
A 1 41  ASP 41  41  41  ASP ASP A . n 
A 1 42  GLY 42  42  42  GLY GLY A . n 
A 1 43  GLY 43  43  43  GLY GLY A . n 
A 1 44  ASN 44  44  44  ASN ASN A . n 
A 1 45  LEU 45  45  45  LEU LEU A . n 
A 1 46  VAL 46  46  46  VAL VAL A . n 
A 1 47  GLY 47  47  47  GLY GLY A . n 
A 1 48  GLY 48  48  48  GLY GLY A . n 
A 1 49  LYS 49  49  49  LYS LYS A . n 
A 1 50  GLY 50  50  50  GLY GLY A . n 
A 1 51  TRP 51  51  51  TRP TRP A . n 
A 1 52  ASN 52  52  52  ASN ASN A . n 
A 1 53  PRO 53  53  53  PRO PRO A . n 
A 1 54  GLY 54  54  54  GLY GLY A . n 
A 1 55  LEU 55  55  55  LEU LEU A . n 
A 1 56  ASN 56  56  56  ASN ASN A . n 
A 1 57  ALA 57  57  57  ALA ALA A . n 
A 1 58  ARG 58  58  58  ARG ARG A . n 
A 1 59  ALA 59  59  59  ALA ALA A . n 
A 1 60  ILE 60  60  60  ILE ILE A . n 
A 1 61  HIS 61  61  61  HIS HIS A . n 
A 1 62  PHE 62  62  62  PHE PHE A . n 
A 1 63  GLU 63  63  63  GLU GLU A . n 
A 1 64  GLY 64  64  64  GLY GLY A . n 
A 1 65  VAL 65  65  65  VAL VAL A . n 
A 1 66  TYR 66  66  66  TYR TYR A . n 
A 1 67  GLN 67  67  67  GLN GLN A . n 
A 1 68  PRO 68  68  68  PRO PRO A . n 
A 1 69  ASN 69  69  69  ASN ASN A . n 
A 1 70  GLY 70  70  70  GLY GLY A . n 
A 1 71  ASN 71  71  71  ASN ASN A . n 
A 1 72  SER 72  72  72  SER SER A . n 
A 1 73  TYR 73  73  73  TYR TYR A . n 
A 1 74  LEU 74  74  74  LEU LEU A . n 
A 1 75  ALA 75  75  75  ALA ALA A . n 
A 1 76  VAL 76  76  76  VAL VAL A . n 
A 1 77  TYR 77  77  77  TYR TYR A . n 
A 1 78  GLY 78  78  78  GLY GLY A . n 
A 1 79  TRP 79  79  79  TRP TRP A . n 
A 1 80  THR 80  80  80  THR THR A . n 
A 1 81  ARG 81  81  81  ARG ARG A . n 
A 1 82  ASN 82  82  82  ASN ASN A . n 
A 1 83  PRO 83  83  83  PRO PRO A . n 
A 1 84  LEU 84  84  84  LEU LEU A . n 
A 1 85  VAL 85  85  85  VAL VAL A . n 
A 1 86  GLU 86  86  86  GLU GLU A . n 
A 1 87  TYR 87  87  87  TYR TYR A . n 
A 1 88  TYR 88  88  88  TYR TYR A . n 
A 1 89  ILE 89  89  89  ILE ILE A . n 
A 1 90  VAL 90  90  90  VAL VAL A . n 
A 1 91  GLU 91  91  91  GLU GLU A . n 
A 1 92  ASN 92  92  92  ASN ASN A . n 
A 1 93  PHE 93  93  93  PHE PHE A . n 
A 1 94  GLY 94  94  94  GLY GLY A . n 
A 1 95  THR 95  95  95  THR THR A . n 
A 1 96  TYR 96  96  96  TYR TYR A . n 
A 1 97  ASP 97  97  97  ASP ASP A . n 
A 1 98  PRO 98  98  98  PRO PRO A . n 
A 1 99  SER 99  99  99  SER SER A . n 
A 1 100 SER 100 100 100 SER SER A . n 
A 1 101 GLY 101 101 101 GLY GLY A . n 
A 1 102 ALA 102 102 102 ALA ALA A . n 
A 1 103 THR 103 103 103 THR THR A . n 
A 1 104 ASP 104 104 104 ASP ASP A . n 
A 1 105 LEU 105 105 105 LEU LEU A . n 
A 1 106 GLY 106 106 106 GLY GLY A . n 
A 1 107 THR 107 107 107 THR THR A . n 
A 1 108 VAL 108 108 108 VAL VAL A . n 
A 1 109 GLU 109 109 109 GLU GLU A . n 
A 1 110 CYS 110 110 110 CYS CYS A . n 
A 1 111 ASP 111 111 111 ASP ASP A . n 
A 1 112 GLY 112 112 112 GLY GLY A . n 
A 1 113 SER 113 113 113 SER SER A . n 
A 1 114 ILE 114 114 114 ILE ILE A . n 
A 1 115 TYR 115 115 115 TYR TYR A . n 
A 1 116 ARG 116 116 116 ARG ARG A . n 
A 1 117 LEU 117 117 117 LEU LEU A . n 
A 1 118 GLY 118 118 118 GLY GLY A . n 
A 1 119 LYS 119 119 119 LYS LYS A . n 
A 1 120 THR 120 120 120 THR THR A . n 
A 1 121 THR 121 121 121 THR THR A . n 
A 1 122 ARG 122 122 122 ARG ARG A . n 
A 1 123 VAL 123 123 123 VAL VAL A . n 
A 1 124 ASN 124 124 124 ASN ASN A . n 
A 1 125 ALA 125 125 125 ALA ALA A . n 
A 1 126 PRO 126 126 126 PRO PRO A . n 
A 1 127 SER 127 127 127 SER SER A . n 
A 1 128 ILE 128 128 128 ILE ILE A . n 
A 1 129 ASP 129 129 129 ASP ASP A . n 
A 1 130 GLY 130 130 130 GLY GLY A . n 
A 1 131 THR 131 131 131 THR THR A . n 
A 1 132 GLN 132 132 132 GLN GLN A . n 
A 1 133 THR 133 133 133 THR THR A . n 
A 1 134 PHE 134 134 134 PHE PHE A . n 
A 1 135 ASP 135 135 135 ASP ASP A . n 
A 1 136 GLN 136 136 136 GLN GLN A . n 
A 1 137 TYR 137 137 137 TYR TYR A . n 
A 1 138 TRP 138 138 138 TRP TRP A . n 
A 1 139 SER 139 139 139 SER SER A . n 
A 1 140 VAL 140 140 140 VAL VAL A . n 
A 1 141 ARG 141 141 141 ARG ARG A . n 
A 1 142 GLN 142 142 142 GLN GLN A . n 
A 1 143 ASP 143 143 143 ASP ASP A . n 
A 1 144 LYS 144 144 144 LYS LYS A . n 
A 1 145 ARG 145 145 145 ARG ARG A . n 
A 1 146 THR 146 146 146 THR THR A . n 
A 1 147 SER 147 147 147 SER SER A . n 
A 1 148 GLY 148 148 148 GLY GLY A . n 
A 1 149 THR 149 149 149 THR THR A . n 
A 1 150 VAL 150 150 150 VAL VAL A . n 
A 1 151 GLN 151 151 151 GLN GLN A . n 
A 1 152 THR 152 152 152 THR THR A . n 
A 1 153 GLY 153 153 153 GLY GLY A . n 
A 1 154 CYS 154 154 154 CYS CYS A . n 
A 1 155 HIS 155 155 155 HIS HIS A . n 
A 1 156 PHE 156 156 156 PHE PHE A . n 
A 1 157 ASP 157 157 157 ASP ASP A . n 
A 1 158 ALA 158 158 158 ALA ALA A . n 
A 1 159 TRP 159 159 159 TRP TRP A . n 
A 1 160 ALA 160 160 160 ALA ALA A . n 
A 1 161 ARG 161 161 161 ARG ARG A . n 
A 1 162 ALA 162 162 162 ALA ALA A . n 
A 1 163 GLY 163 163 163 GLY GLY A . n 
A 1 164 LEU 164 164 164 LEU LEU A . n 
A 1 165 ASN 165 165 165 ASN ASN A . n 
A 1 166 VAL 166 166 166 VAL VAL A . n 
A 1 167 ASN 167 167 167 ASN ASN A . n 
A 1 168 GLY 168 168 168 GLY GLY A . n 
A 1 169 ASP 169 169 169 ASP ASP A . n 
A 1 170 HIS 170 170 170 HIS HIS A . n 
A 1 171 TYR 171 171 171 TYR TYR A . n 
A 1 172 TYR 172 172 172 TYR TYR A . n 
A 1 173 GLN 173 173 173 GLN GLN A . n 
A 1 174 ILE 174 174 174 ILE ILE A . n 
A 1 175 VAL 175 175 175 VAL VAL A . n 
A 1 176 ALA 176 176 176 ALA ALA A . n 
A 1 177 THR 177 177 177 THR THR A . n 
A 1 178 GLU 178 178 178 GLU GLU A . n 
A 1 179 GLY 179 179 179 GLY GLY A . n 
A 1 180 TYR 180 180 180 TYR TYR A . n 
A 1 181 PHE 181 181 181 PHE PHE A . n 
A 1 182 SER 182 182 182 SER SER A . n 
A 1 183 SER 183 183 183 SER SER A . n 
A 1 184 GLY 184 184 184 GLY GLY A . n 
A 1 185 TYR 185 185 185 TYR TYR A . n 
A 1 186 ALA 186 186 186 ALA ALA A . n 
A 1 187 ARG 187 187 187 ARG ARG A . n 
A 1 188 ILE 188 188 188 ILE ILE A . n 
A 1 189 THR 189 189 189 THR THR A . n 
A 1 190 VAL 190 190 190 VAL VAL A . n 
A 1 191 ALA 191 191 191 ALA ALA A . n 
A 1 192 ASP 192 192 192 ASP ASP A . n 
A 1 193 VAL 193 193 193 VAL VAL A . n 
A 1 194 GLY 194 194 194 GLY GLY A . n 
# 
loop_
_pdbx_nonpoly_scheme.asym_id 
_pdbx_nonpoly_scheme.entity_id 
_pdbx_nonpoly_scheme.mon_id 
_pdbx_nonpoly_scheme.ndb_seq_num 
_pdbx_nonpoly_scheme.pdb_seq_num 
_pdbx_nonpoly_scheme.auth_seq_num 
_pdbx_nonpoly_scheme.pdb_mon_id 
_pdbx_nonpoly_scheme.auth_mon_id 
_pdbx_nonpoly_scheme.pdb_strand_id 
_pdbx_nonpoly_scheme.pdb_ins_code 
B 2 HOH 1   201 201 HOH HOH A . 
B 2 HOH 2   202 202 HOH HOH A . 
B 2 HOH 3   203 203 HOH HOH A . 
B 2 HOH 4   204 204 HOH HOH A . 
B 2 HOH 5   205 205 HOH HOH A . 
B 2 HOH 6   206 206 HOH HOH A . 
B 2 HOH 7   207 207 HOH HOH A . 
B 2 HOH 8   208 208 HOH HOH A . 
B 2 HOH 9   209 209 HOH HOH A . 
B 2 HOH 10  210 210 HOH HOH A . 
B 2 HOH 11  211 211 HOH HOH A . 
B 2 HOH 12  212 212 HOH HOH A . 
B 2 HOH 13  213 213 HOH HOH A . 
B 2 HOH 14  214 214 HOH HOH A . 
B 2 HOH 15  215 215 HOH HOH A . 
B 2 HOH 16  216 216 HOH HOH A . 
B 2 HOH 17  217 217 HOH HOH A . 
B 2 HOH 18  218 218 HOH HOH A . 
B 2 HOH 19  219 219 HOH HOH A . 
B 2 HOH 20  220 220 HOH HOH A . 
B 2 HOH 21  221 221 HOH HOH A . 
B 2 HOH 22  222 222 HOH HOH A . 
B 2 HOH 23  223 223 HOH HOH A . 
B 2 HOH 24  224 224 HOH HOH A . 
B 2 HOH 25  225 225 HOH HOH A . 
B 2 HOH 26  226 226 HOH HOH A . 
B 2 HOH 27  227 227 HOH HOH A . 
B 2 HOH 28  228 228 HOH HOH A . 
B 2 HOH 29  229 229 HOH HOH A . 
B 2 HOH 30  230 230 HOH HOH A . 
B 2 HOH 31  231 231 HOH HOH A . 
B 2 HOH 32  232 232 HOH HOH A . 
B 2 HOH 33  233 233 HOH HOH A . 
B 2 HOH 34  234 234 HOH HOH A . 
B 2 HOH 35  235 235 HOH HOH A . 
B 2 HOH 36  236 236 HOH HOH A . 
B 2 HOH 37  237 237 HOH HOH A . 
B 2 HOH 38  238 238 HOH HOH A . 
B 2 HOH 39  239 239 HOH HOH A . 
B 2 HOH 40  240 240 HOH HOH A . 
B 2 HOH 41  241 241 HOH HOH A . 
B 2 HOH 42  242 242 HOH HOH A . 
B 2 HOH 43  243 243 HOH HOH A . 
B 2 HOH 44  244 244 HOH HOH A . 
B 2 HOH 45  245 245 HOH HOH A . 
B 2 HOH 46  246 246 HOH HOH A . 
B 2 HOH 47  247 247 HOH HOH A . 
B 2 HOH 48  248 248 HOH HOH A . 
B 2 HOH 49  249 249 HOH HOH A . 
B 2 HOH 50  250 250 HOH HOH A . 
B 2 HOH 51  251 251 HOH HOH A . 
B 2 HOH 52  252 252 HOH HOH A . 
B 2 HOH 53  253 253 HOH HOH A . 
B 2 HOH 54  254 254 HOH HOH A . 
B 2 HOH 55  255 255 HOH HOH A . 
B 2 HOH 56  256 256 HOH HOH A . 
B 2 HOH 57  257 257 HOH HOH A . 
B 2 HOH 58  258 258 HOH HOH A . 
B 2 HOH 59  259 259 HOH HOH A . 
B 2 HOH 60  260 260 HOH HOH A . 
B 2 HOH 61  261 261 HOH HOH A . 
B 2 HOH 62  262 262 HOH HOH A . 
B 2 HOH 63  263 263 HOH HOH A . 
B 2 HOH 64  264 264 HOH HOH A . 
B 2 HOH 65  265 265 HOH HOH A . 
B 2 HOH 66  266 266 HOH HOH A . 
B 2 HOH 67  267 267 HOH HOH A . 
B 2 HOH 68  268 268 HOH HOH A . 
B 2 HOH 69  269 269 HOH HOH A . 
B 2 HOH 70  270 270 HOH HOH A . 
B 2 HOH 71  271 271 HOH HOH A . 
B 2 HOH 72  272 272 HOH HOH A . 
B 2 HOH 73  273 273 HOH HOH A . 
B 2 HOH 74  274 274 HOH HOH A . 
B 2 HOH 75  275 275 HOH HOH A . 
B 2 HOH 76  276 276 HOH HOH A . 
B 2 HOH 77  277 277 HOH HOH A . 
B 2 HOH 78  278 278 HOH HOH A . 
B 2 HOH 79  279 279 HOH HOH A . 
B 2 HOH 80  280 280 HOH HOH A . 
B 2 HOH 81  281 281 HOH HOH A . 
B 2 HOH 82  282 282 HOH HOH A . 
B 2 HOH 83  283 283 HOH HOH A . 
B 2 HOH 84  284 284 HOH HOH A . 
B 2 HOH 85  285 285 HOH HOH A . 
B 2 HOH 86  286 286 HOH HOH A . 
B 2 HOH 87  287 287 HOH HOH A . 
B 2 HOH 88  288 288 HOH HOH A . 
B 2 HOH 89  289 289 HOH HOH A . 
B 2 HOH 90  290 290 HOH HOH A . 
B 2 HOH 91  291 291 HOH HOH A . 
B 2 HOH 92  292 292 HOH HOH A . 
B 2 HOH 93  293 293 HOH HOH A . 
B 2 HOH 94  294 294 HOH HOH A . 
B 2 HOH 95  295 295 HOH HOH A . 
B 2 HOH 96  296 296 HOH HOH A . 
B 2 HOH 97  297 297 HOH HOH A . 
B 2 HOH 98  298 298 HOH HOH A . 
B 2 HOH 99  299 299 HOH HOH A . 
B 2 HOH 100 300 300 HOH HOH A . 
B 2 HOH 101 301 301 HOH HOH A . 
B 2 HOH 102 302 302 HOH HOH A . 
B 2 HOH 103 303 303 HOH HOH A . 
B 2 HOH 104 304 304 HOH HOH A . 
B 2 HOH 105 305 305 HOH HOH A . 
B 2 HOH 106 306 306 HOH HOH A . 
B 2 HOH 107 307 307 HOH HOH A . 
B 2 HOH 108 308 308 HOH HOH A . 
B 2 HOH 109 309 309 HOH HOH A . 
B 2 HOH 110 310 310 HOH HOH A . 
B 2 HOH 111 311 311 HOH HOH A . 
B 2 HOH 112 312 312 HOH HOH A . 
B 2 HOH 113 313 313 HOH HOH A . 
B 2 HOH 114 314 314 HOH HOH A . 
B 2 HOH 115 315 315 HOH HOH A . 
B 2 HOH 116 316 316 HOH HOH A . 
B 2 HOH 117 317 317 HOH HOH A . 
B 2 HOH 118 318 318 HOH HOH A . 
B 2 HOH 119 319 319 HOH HOH A . 
B 2 HOH 120 320 320 HOH HOH A . 
B 2 HOH 121 321 321 HOH HOH A . 
B 2 HOH 122 322 322 HOH HOH A . 
B 2 HOH 123 323 323 HOH HOH A . 
B 2 HOH 124 324 324 HOH HOH A . 
B 2 HOH 125 325 325 HOH HOH A . 
B 2 HOH 126 326 326 HOH HOH A . 
B 2 HOH 127 327 327 HOH HOH A . 
B 2 HOH 128 328 328 HOH HOH A . 
B 2 HOH 129 329 329 HOH HOH A . 
B 2 HOH 130 330 330 HOH HOH A . 
B 2 HOH 131 331 331 HOH HOH A . 
B 2 HOH 132 332 332 HOH HOH A . 
B 2 HOH 133 333 333 HOH HOH A . 
B 2 HOH 134 334 334 HOH HOH A . 
B 2 HOH 135 335 335 HOH HOH A . 
B 2 HOH 136 336 336 HOH HOH A . 
B 2 HOH 137 337 337 HOH HOH A . 
B 2 HOH 138 338 338 HOH HOH A . 
# 
loop_
_software.name 
_software.classification 
_software.version 
_software.citation_id 
_software.pdbx_ordinal 
XDS       'data scaling'   .   ? 1  
CCP4      'data reduction' .   ? 2  
SHELXL-93 'model building' .   ? 3  
X-PLOR    'model building' 3.1 ? 4  
SHELXL-93 refinement       .   ? 5  
X-PLOR    refinement       3.1 ? 6  
XDS       'data reduction' .   ? 7  
CCP4      'data scaling'   .   ? 8  
SHELXL-93 phasing          .   ? 9  
X-PLOR    phasing          3.1 ? 10 
# 
_cell.entry_id           1YNA 
_cell.length_a           40.960 
_cell.length_b           52.570 
_cell.length_c           50.470 
_cell.angle_alpha        90.00 
_cell.angle_beta         100.43 
_cell.angle_gamma        90.00 
_cell.Z_PDB              2 
_cell.pdbx_unique_axis   ? 
# 
_symmetry.entry_id                         1YNA 
_symmetry.space_group_name_H-M             'P 1 21 1' 
_symmetry.pdbx_full_space_group_name_H-M   ? 
_symmetry.cell_setting                     ? 
_symmetry.Int_Tables_number                4 
# 
_exptl.entry_id          1YNA 
_exptl.method            'X-RAY DIFFRACTION' 
_exptl.crystals_number   1 
# 
_exptl_crystal.id                    1 
_exptl_crystal.density_meas          ? 
_exptl_crystal.density_Matthews      2.51 
_exptl_crystal.density_percent_sol   51. 
_exptl_crystal.description           ? 
# 
_exptl_crystal_grow.crystal_id      1 
_exptl_crystal_grow.method          ? 
_exptl_crystal_grow.temp            277 
_exptl_crystal_grow.temp_details    ? 
_exptl_crystal_grow.pH              4.0 
_exptl_crystal_grow.pdbx_pH_range   ? 
_exptl_crystal_grow.pdbx_details    '5-10% PEG-4000, PH 4.0, T=4 DEG C, temperature 277K' 
# 
_diffrn.id                     1 
_diffrn.ambient_temp           298 
_diffrn.ambient_temp_details   ? 
_diffrn.crystal_id             1 
# 
_diffrn_detector.diffrn_id              1 
_diffrn_detector.detector               ? 
_diffrn_detector.type                   SIEMENS 
_diffrn_detector.pdbx_collection_date   1995-04-24 
_diffrn_detector.details                ? 
# 
_diffrn_radiation.diffrn_id                        1 
_diffrn_radiation.wavelength_id                    1 
_diffrn_radiation.pdbx_monochromatic_or_laue_m_l   M 
_diffrn_radiation.monochromator                    'GRAPHITE(002)' 
_diffrn_radiation.pdbx_diffrn_protocol             ? 
_diffrn_radiation.pdbx_scattering_type             x-ray 
# 
_diffrn_radiation_wavelength.id           1 
_diffrn_radiation_wavelength.wavelength   1.5418 
_diffrn_radiation_wavelength.wt           1.0 
# 
_diffrn_source.diffrn_id                   1 
_diffrn_source.source                      'ROTATING ANODE' 
_diffrn_source.type                        SIEMENS 
_diffrn_source.pdbx_synchrotron_site       ? 
_diffrn_source.pdbx_synchrotron_beamline   ? 
_diffrn_source.pdbx_wavelength             1.5418 
_diffrn_source.pdbx_wavelength_list        ? 
# 
_reflns.entry_id                     1YNA 
_reflns.observed_criterion_sigma_I   0.0 
_reflns.observed_criterion_sigma_F   ? 
_reflns.d_resolution_low             25.3 
_reflns.d_resolution_high            1.55 
_reflns.number_obs                   26211 
_reflns.number_all                   ? 
_reflns.percent_possible_obs         83.9 
_reflns.pdbx_Rmerge_I_obs            0.075 
_reflns.pdbx_Rsym_value              ? 
_reflns.pdbx_netI_over_sigmaI        7.7 
_reflns.B_iso_Wilson_estimate        ? 
_reflns.pdbx_redundancy              3.1 
_reflns.pdbx_diffrn_id               1 
_reflns.pdbx_ordinal                 1 
# 
_reflns_shell.d_res_high             1.55 
_reflns_shell.d_res_low              1.59 
_reflns_shell.percent_possible_all   30.7 
_reflns_shell.Rmerge_I_obs           0.354 
_reflns_shell.pdbx_Rsym_value        ? 
_reflns_shell.meanI_over_sigI_obs    ? 
_reflns_shell.pdbx_redundancy        ? 
_reflns_shell.pdbx_diffrn_id         ? 
_reflns_shell.pdbx_ordinal           1 
# 
_refine.entry_id                                 1YNA 
_refine.ls_number_reflns_obs                     ? 
_refine.ls_number_reflns_all                     26211 
_refine.pdbx_ls_sigma_I                          ? 
_refine.pdbx_ls_sigma_F                          0. 
_refine.pdbx_data_cutoff_high_absF               ? 
_refine.pdbx_data_cutoff_low_absF                ? 
_refine.pdbx_data_cutoff_high_rms_absF           ? 
_refine.ls_d_res_low                             25.3 
_refine.ls_d_res_high                            1.55 
_refine.ls_percent_reflns_obs                    83.9 
_refine.ls_R_factor_obs                          0.193 
_refine.ls_R_factor_all                          ? 
_refine.ls_R_factor_R_work                       ? 
_refine.ls_R_factor_R_free                       ? 
_refine.ls_R_factor_R_free_error                 ? 
_refine.ls_R_factor_R_free_error_details         ? 
_refine.ls_percent_reflns_R_free                 ? 
_refine.ls_number_reflns_R_free                  ? 
_refine.ls_number_parameters                     6598 
_refine.ls_number_restraints                     6091 
_refine.occupancy_min                            ? 
_refine.occupancy_max                            ? 
_refine.B_iso_mean                               19.6 
_refine.aniso_B[1][1]                            ? 
_refine.aniso_B[2][2]                            ? 
_refine.aniso_B[3][3]                            ? 
_refine.aniso_B[1][2]                            ? 
_refine.aniso_B[1][3]                            ? 
_refine.aniso_B[2][3]                            ? 
_refine.solvent_model_details                    
;BABINET'S PRINCIPLE (SWAT)
;
_refine.solvent_model_param_ksol                 ? 
_refine.solvent_model_param_bsol                 ? 
_refine.pdbx_ls_cross_valid_method               ? 
_refine.details                                  ? 
_refine.pdbx_starting_model                      ? 
_refine.pdbx_method_to_determine_struct          'MOLECULAR REPLACEMENT' 
_refine.pdbx_isotropic_thermal_model             ? 
_refine.pdbx_stereochemistry_target_values       'ENGH & HUBER' 
_refine.pdbx_stereochem_target_val_spec_case     ? 
_refine.pdbx_R_Free_selection_details            ? 
_refine.pdbx_overall_ESU_R                       ? 
_refine.pdbx_overall_ESU_R_Free                  ? 
_refine.overall_SU_ML                            ? 
_refine.overall_SU_B                             ? 
_refine.pdbx_refine_id                           'X-RAY DIFFRACTION' 
_refine.pdbx_diffrn_id                           1 
_refine.pdbx_TLS_residual_ADP_flag               ? 
_refine.correlation_coeff_Fo_to_Fc               ? 
_refine.correlation_coeff_Fo_to_Fc_free          ? 
_refine.pdbx_solvent_vdw_probe_radii             ? 
_refine.pdbx_solvent_ion_probe_radii             ? 
_refine.pdbx_solvent_shrinkage_radii             ? 
_refine.pdbx_overall_phase_error                 ? 
_refine.overall_SU_R_Cruickshank_DPI             ? 
_refine.pdbx_overall_SU_R_free_Cruickshank_DPI   ? 
_refine.pdbx_overall_SU_R_Blow_DPI               ? 
_refine.pdbx_overall_SU_R_free_Blow_DPI          ? 
# 
_refine_analyze.entry_id                        1YNA 
_refine_analyze.Luzzati_coordinate_error_obs    ? 
_refine_analyze.Luzzati_sigma_a_obs             ? 
_refine_analyze.Luzzati_d_res_low_obs           ? 
_refine_analyze.Luzzati_coordinate_error_free   ? 
_refine_analyze.Luzzati_sigma_a_free            ? 
_refine_analyze.Luzzati_d_res_low_free          ? 
_refine_analyze.number_disordered_residues      0 
_refine_analyze.occupancy_sum_hydrogen          0 
_refine_analyze.occupancy_sum_non_hydrogen      1650 
_refine_analyze.pdbx_refine_id                  'X-RAY DIFFRACTION' 
# 
_refine_hist.pdbx_refine_id                   'X-RAY DIFFRACTION' 
_refine_hist.cycle_id                         LAST 
_refine_hist.pdbx_number_atoms_protein        1504 
_refine_hist.pdbx_number_atoms_nucleic_acid   0 
_refine_hist.pdbx_number_atoms_ligand         8 
_refine_hist.number_atoms_solvent             138 
_refine_hist.number_atoms_total               1650 
_refine_hist.d_res_high                       1.55 
_refine_hist.d_res_low                        25.3 
# 
loop_
_refine_ls_restr.type 
_refine_ls_restr.dev_ideal 
_refine_ls_restr.dev_ideal_target 
_refine_ls_restr.weight 
_refine_ls_restr.number 
_refine_ls_restr.pdbx_refine_id 
_refine_ls_restr.pdbx_restraint_function 
s_bond_d               0.008 ? ? ? 'X-RAY DIFFRACTION' ? 
s_angle_d              1.4   ? ? ? 'X-RAY DIFFRACTION' ? 
s_similar_dist         ?     ? ? ? 'X-RAY DIFFRACTION' ? 
s_from_restr_planes    ?     ? ? ? 'X-RAY DIFFRACTION' ? 
s_zero_chiral_vol      ?     ? ? ? 'X-RAY DIFFRACTION' ? 
s_non_zero_chiral_vol  ?     ? ? ? 'X-RAY DIFFRACTION' ? 
s_anti_bump_dis_restr  ?     ? ? ? 'X-RAY DIFFRACTION' ? 
s_rigid_bond_adp_cmpnt ?     ? ? ? 'X-RAY DIFFRACTION' ? 
s_similar_adp_cmpnt    ?     ? ? ? 'X-RAY DIFFRACTION' ? 
s_approx_iso_adps      ?     ? ? ? 'X-RAY DIFFRACTION' ? 
# 
_pdbx_refine.entry_id                                    1YNA 
_pdbx_refine.R_factor_all_no_cutoff                      ? 
_pdbx_refine.R_factor_obs_no_cutoff                      0.193 
_pdbx_refine.free_R_factor_no_cutoff                     ? 
_pdbx_refine.free_R_val_test_set_size_perc_no_cutoff     ? 
_pdbx_refine.free_R_val_test_set_ct_no_cutoff            ? 
_pdbx_refine.R_factor_all_4sig_cutoff                    ? 
_pdbx_refine.R_factor_obs_4sig_cutoff                    0.155 
_pdbx_refine.free_R_factor_4sig_cutoff                   ? 
_pdbx_refine.free_R_val_test_set_size_perc_4sig_cutoff   ? 
_pdbx_refine.free_R_val_test_set_ct_4sig_cutoff          ? 
_pdbx_refine.number_reflns_obs_4sig_cutoff               19452 
_pdbx_refine.pdbx_refine_id                              'X-RAY DIFFRACTION' 
_pdbx_refine.free_R_error_no_cutoff                      ? 
# 
_struct.entry_id                  1YNA 
_struct.title                     'ENDO-1,4-BETA-XYLANASE, ROOM TEMPERATURE, PH 4.0' 
_struct.pdbx_model_details        ? 
_struct.pdbx_CASP_flag            ? 
_struct.pdbx_model_type_details   ? 
# 
_struct_keywords.entry_id        1YNA 
_struct_keywords.pdbx_keywords   HYDROLASE 
_struct_keywords.text            'HYDROLASE, XYLANASE' 
# 
loop_
_struct_asym.id 
_struct_asym.pdbx_blank_PDB_chainid_flag 
_struct_asym.pdbx_modified 
_struct_asym.entity_id 
_struct_asym.details 
A N N 1 ? 
B N N 2 ? 
# 
_struct_ref.id                         1 
_struct_ref.db_name                    UNP 
_struct_ref.db_code                    XYNA_THELA 
_struct_ref.entity_id                  1 
_struct_ref.pdbx_db_accession          O43097 
_struct_ref.pdbx_align_begin           1 
_struct_ref.pdbx_seq_one_letter_code   
;MVGFTPVALAALAATGALAFPAGNATELEKRQTTPNSEGWHDGYYYSWWSDGGAQATYTNLEGGTYEISWGDGGNLVGGK
GWNPGLNARAIHFEGVYQPNGNSYLAVYGWTRNPLVEYYIVENFGTYDPSSGATDLGTVECDGSIYRLGKTTRVNAPSID
GTQTFDQYWSVRQDKRTSGTVQTGCHFDAWARAGLNVNGDHYYQIVATEGYFSSGYARITVADVG
;
_struct_ref.pdbx_db_isoform            ? 
# 
_struct_ref_seq.align_id                      1 
_struct_ref_seq.ref_id                        1 
_struct_ref_seq.pdbx_PDB_id_code              1YNA 
_struct_ref_seq.pdbx_strand_id                A 
_struct_ref_seq.seq_align_beg                 2 
_struct_ref_seq.pdbx_seq_align_beg_ins_code   ? 
_struct_ref_seq.seq_align_end                 194 
_struct_ref_seq.pdbx_seq_align_end_ins_code   ? 
_struct_ref_seq.pdbx_db_accession             O43097 
_struct_ref_seq.db_align_beg                  33 
_struct_ref_seq.pdbx_db_align_beg_ins_code    ? 
_struct_ref_seq.db_align_end                  225 
_struct_ref_seq.pdbx_db_align_end_ins_code    ? 
_struct_ref_seq.pdbx_auth_seq_align_beg       2 
_struct_ref_seq.pdbx_auth_seq_align_end       194 
# 
_pdbx_struct_assembly.id                   1 
_pdbx_struct_assembly.details              author_defined_assembly 
_pdbx_struct_assembly.method_details       ? 
_pdbx_struct_assembly.oligomeric_details   monomeric 
_pdbx_struct_assembly.oligomeric_count     1 
# 
_pdbx_struct_assembly_gen.assembly_id       1 
_pdbx_struct_assembly_gen.oper_expression   1 
_pdbx_struct_assembly_gen.asym_id_list      A,B 
# 
_pdbx_struct_oper_list.id                   1 
_pdbx_struct_oper_list.type                 'identity operation' 
_pdbx_struct_oper_list.name                 1_555 
_pdbx_struct_oper_list.symmetry_operation   x,y,z 
_pdbx_struct_oper_list.matrix[1][1]         1.0000000000 
_pdbx_struct_oper_list.matrix[1][2]         0.0000000000 
_pdbx_struct_oper_list.matrix[1][3]         0.0000000000 
_pdbx_struct_oper_list.vector[1]            0.0000000000 
_pdbx_struct_oper_list.matrix[2][1]         0.0000000000 
_pdbx_struct_oper_list.matrix[2][2]         1.0000000000 
_pdbx_struct_oper_list.matrix[2][3]         0.0000000000 
_pdbx_struct_oper_list.vector[2]            0.0000000000 
_pdbx_struct_oper_list.matrix[3][1]         0.0000000000 
_pdbx_struct_oper_list.matrix[3][2]         0.0000000000 
_pdbx_struct_oper_list.matrix[3][3]         1.0000000000 
_pdbx_struct_oper_list.vector[3]            0.0000000000 
# 
_struct_biol.id   1 
# 
_struct_conf.conf_type_id            HELX_P 
_struct_conf.id                      HELX_P1 
_struct_conf.pdbx_PDB_helix_id       1 
_struct_conf.beg_label_comp_id       GLY 
_struct_conf.beg_label_asym_id       A 
_struct_conf.beg_label_seq_id        153 
_struct_conf.pdbx_beg_PDB_ins_code   ? 
_struct_conf.end_label_comp_id       ALA 
_struct_conf.end_label_asym_id       A 
_struct_conf.end_label_seq_id        162 
_struct_conf.pdbx_end_PDB_ins_code   ? 
_struct_conf.beg_auth_comp_id        GLY 
_struct_conf.beg_auth_asym_id        A 
_struct_conf.beg_auth_seq_id         153 
_struct_conf.end_auth_comp_id        ALA 
_struct_conf.end_auth_asym_id        A 
_struct_conf.end_auth_seq_id         162 
_struct_conf.pdbx_PDB_helix_class    1 
_struct_conf.details                 ? 
_struct_conf.pdbx_PDB_helix_length   10 
# 
_struct_conf_type.id          HELX_P 
_struct_conf_type.criteria    ? 
_struct_conf_type.reference   ? 
# 
loop_
_struct_conn.id 
_struct_conn.conn_type_id 
_struct_conn.pdbx_leaving_atom_flag 
_struct_conn.pdbx_PDB_id 
_struct_conn.ptnr1_label_asym_id 
_struct_conn.ptnr1_label_comp_id 
_struct_conn.ptnr1_label_seq_id 
_struct_conn.ptnr1_label_atom_id 
_struct_conn.pdbx_ptnr1_label_alt_id 
_struct_conn.pdbx_ptnr1_PDB_ins_code 
_struct_conn.pdbx_ptnr1_standard_comp_id 
_struct_conn.ptnr1_symmetry 
_struct_conn.ptnr2_label_asym_id 
_struct_conn.ptnr2_label_comp_id 
_struct_conn.ptnr2_label_seq_id 
_struct_conn.ptnr2_label_atom_id 
_struct_conn.pdbx_ptnr2_label_alt_id 
_struct_conn.pdbx_ptnr2_PDB_ins_code 
_struct_conn.ptnr1_auth_asym_id 
_struct_conn.ptnr1_auth_comp_id 
_struct_conn.ptnr1_auth_seq_id 
_struct_conn.ptnr2_auth_asym_id 
_struct_conn.ptnr2_auth_comp_id 
_struct_conn.ptnr2_auth_seq_id 
_struct_conn.ptnr2_symmetry 
_struct_conn.pdbx_ptnr3_label_atom_id 
_struct_conn.pdbx_ptnr3_label_seq_id 
_struct_conn.pdbx_ptnr3_label_comp_id 
_struct_conn.pdbx_ptnr3_label_asym_id 
_struct_conn.pdbx_ptnr3_label_alt_id 
_struct_conn.pdbx_ptnr3_PDB_ins_code 
_struct_conn.details 
_struct_conn.pdbx_dist_value 
_struct_conn.pdbx_value_order 
_struct_conn.pdbx_role 
disulf1 disulf ?    ? A CYS 110 SG ? ? ? 1_555 A CYS 154 SG ? ? A CYS 110 A CYS 154 1_555 ? ? ? ? ? ? ? 2.028 ? ? 
covale1 covale both ? A PCA 1   C  ? ? ? 1_555 A THR 2   N  ? ? A PCA 1   A THR 2   1_555 ? ? ? ? ? ? ? 1.338 ? ? 
# 
loop_
_struct_conn_type.id 
_struct_conn_type.criteria 
_struct_conn_type.reference 
disulf ? ? 
covale ? ? 
# 
loop_
_pdbx_modification_feature.ordinal 
_pdbx_modification_feature.label_comp_id 
_pdbx_modification_feature.label_asym_id 
_pdbx_modification_feature.label_seq_id 
_pdbx_modification_feature.label_alt_id 
_pdbx_modification_feature.modified_residue_label_comp_id 
_pdbx_modification_feature.modified_residue_label_asym_id 
_pdbx_modification_feature.modified_residue_label_seq_id 
_pdbx_modification_feature.modified_residue_label_alt_id 
_pdbx_modification_feature.auth_comp_id 
_pdbx_modification_feature.auth_asym_id 
_pdbx_modification_feature.auth_seq_id 
_pdbx_modification_feature.PDB_ins_code 
_pdbx_modification_feature.symmetry 
_pdbx_modification_feature.modified_residue_auth_comp_id 
_pdbx_modification_feature.modified_residue_auth_asym_id 
_pdbx_modification_feature.modified_residue_auth_seq_id 
_pdbx_modification_feature.modified_residue_PDB_ins_code 
_pdbx_modification_feature.modified_residue_symmetry 
_pdbx_modification_feature.comp_id_linking_atom 
_pdbx_modification_feature.modified_residue_id_linking_atom 
_pdbx_modification_feature.modified_residue_id 
_pdbx_modification_feature.ref_pcm_id 
_pdbx_modification_feature.ref_comp_id 
_pdbx_modification_feature.type 
_pdbx_modification_feature.category 
1 PCA A 1   ? .   . .   . PCA A 1   ? 1_555 .   . .   . .     .  .  GLN 1 PCA 'Pyrrolidone carboxylic acid' 
'Named protein modification' 
2 CYS A 110 ? CYS A 154 ? CYS A 110 ? 1_555 CYS A 154 ? 1_555 SG SG .   . .   None                          'Disulfide bridge' 
# 
loop_
_struct_mon_prot_cis.pdbx_id 
_struct_mon_prot_cis.label_comp_id 
_struct_mon_prot_cis.label_seq_id 
_struct_mon_prot_cis.label_asym_id 
_struct_mon_prot_cis.label_alt_id 
_struct_mon_prot_cis.pdbx_PDB_ins_code 
_struct_mon_prot_cis.auth_comp_id 
_struct_mon_prot_cis.auth_seq_id 
_struct_mon_prot_cis.auth_asym_id 
_struct_mon_prot_cis.pdbx_label_comp_id_2 
_struct_mon_prot_cis.pdbx_label_seq_id_2 
_struct_mon_prot_cis.pdbx_label_asym_id_2 
_struct_mon_prot_cis.pdbx_PDB_ins_code_2 
_struct_mon_prot_cis.pdbx_auth_comp_id_2 
_struct_mon_prot_cis.pdbx_auth_seq_id_2 
_struct_mon_prot_cis.pdbx_auth_asym_id_2 
_struct_mon_prot_cis.pdbx_PDB_model_num 
_struct_mon_prot_cis.pdbx_omega_angle 
1 ASN 52 A . ? ASN 52 A PRO 53 A ? PRO 53 A 1 6.67 
2 ASN 82 A . ? ASN 82 A PRO 83 A ? PRO 83 A 1 2.68 
# 
loop_
_struct_sheet.id 
_struct_sheet.type 
_struct_sheet.number_strands 
_struct_sheet.details 
A ? 5 ? 
B ? 9 ? 
# 
loop_
_struct_sheet_order.sheet_id 
_struct_sheet_order.range_id_1 
_struct_sheet_order.range_id_2 
_struct_sheet_order.offset 
_struct_sheet_order.sense 
A 1 2 ? anti-parallel 
A 2 3 ? anti-parallel 
A 3 4 ? anti-parallel 
A 4 5 ? anti-parallel 
B 1 2 ? anti-parallel 
B 2 3 ? anti-parallel 
B 3 4 ? anti-parallel 
B 4 5 ? anti-parallel 
B 5 6 ? anti-parallel 
B 6 7 ? parallel      
B 7 8 ? anti-parallel 
B 8 9 ? anti-parallel 
# 
loop_
_struct_sheet_range.sheet_id 
_struct_sheet_range.id 
_struct_sheet_range.beg_label_comp_id 
_struct_sheet_range.beg_label_asym_id 
_struct_sheet_range.beg_label_seq_id 
_struct_sheet_range.pdbx_beg_PDB_ins_code 
_struct_sheet_range.end_label_comp_id 
_struct_sheet_range.end_label_asym_id 
_struct_sheet_range.end_label_seq_id 
_struct_sheet_range.pdbx_end_PDB_ins_code 
_struct_sheet_range.beg_auth_comp_id 
_struct_sheet_range.beg_auth_asym_id 
_struct_sheet_range.beg_auth_seq_id 
_struct_sheet_range.end_auth_comp_id 
_struct_sheet_range.end_auth_asym_id 
_struct_sheet_range.end_auth_seq_id 
A 1 ALA A 25  ? LEU A 30  ? ALA A 25  LEU A 30  
A 2 TYR A 35  ? TRP A 39  ? TYR A 35  TRP A 39  
A 3 SER A 183 ? ALA A 191 ? SER A 183 ALA A 191 
A 4 ALA A 59  ? GLN A 67  ? ALA A 59  GLN A 67  
A 5 GLY A 148 ? GLN A 151 ? GLY A 148 GLN A 151 
B 1 SER A 6   ? HIS A 10  ? SER A 6   HIS A 10  
B 2 TYR A 13  ? SER A 19  ? TYR A 13  SER A 19  
B 3 ASN A 44  ? TRP A 51  ? ASN A 44  TRP A 51  
B 4 TYR A 172 ? TYR A 180 ? TYR A 172 TYR A 180 
B 5 SER A 72  ? THR A 80  ? SER A 72  THR A 80  
B 6 VAL A 85  ? GLY A 94  ? VAL A 85  GLY A 94  
B 7 PHE A 134 ? GLN A 142 ? PHE A 134 GLN A 142 
B 8 SER A 113 ? ARG A 122 ? SER A 113 ARG A 122 
B 9 THR A 103 ? CYS A 110 ? THR A 103 CYS A 110 
# 
loop_
_pdbx_struct_sheet_hbond.sheet_id 
_pdbx_struct_sheet_hbond.range_id_1 
_pdbx_struct_sheet_hbond.range_id_2 
_pdbx_struct_sheet_hbond.range_1_label_atom_id 
_pdbx_struct_sheet_hbond.range_1_label_comp_id 
_pdbx_struct_sheet_hbond.range_1_label_asym_id 
_pdbx_struct_sheet_hbond.range_1_label_seq_id 
_pdbx_struct_sheet_hbond.range_1_PDB_ins_code 
_pdbx_struct_sheet_hbond.range_1_auth_atom_id 
_pdbx_struct_sheet_hbond.range_1_auth_comp_id 
_pdbx_struct_sheet_hbond.range_1_auth_asym_id 
_pdbx_struct_sheet_hbond.range_1_auth_seq_id 
_pdbx_struct_sheet_hbond.range_2_label_atom_id 
_pdbx_struct_sheet_hbond.range_2_label_comp_id 
_pdbx_struct_sheet_hbond.range_2_label_asym_id 
_pdbx_struct_sheet_hbond.range_2_label_seq_id 
_pdbx_struct_sheet_hbond.range_2_PDB_ins_code 
_pdbx_struct_sheet_hbond.range_2_auth_atom_id 
_pdbx_struct_sheet_hbond.range_2_auth_comp_id 
_pdbx_struct_sheet_hbond.range_2_auth_asym_id 
_pdbx_struct_sheet_hbond.range_2_auth_seq_id 
A 1 2 O THR A 26  ? O THR A 26  N SER A 38  ? N SER A 38  
A 2 3 O TYR A 35  ? O TYR A 35  N ILE A 188 ? N ILE A 188 
A 3 4 O ALA A 191 ? O ALA A 191 N HIS A 61  ? N HIS A 61  
A 4 5 O ILE A 60  ? O ILE A 60  N VAL A 150 ? N VAL A 150 
B 1 2 O SER A 6   ? O SER A 6   N TRP A 17  ? N TRP A 17  
B 2 3 O TYR A 14  ? O TYR A 14  N GLY A 50  ? N GLY A 50  
B 3 4 O LEU A 45  ? O LEU A 45  N GLY A 179 ? N GLY A 179 
B 4 5 O ILE A 174 ? O ILE A 174 N TYR A 77  ? N TYR A 77  
B 5 6 O LEU A 74  ? O LEU A 74  N ASN A 92  ? N ASN A 92  
B 6 7 O GLU A 86  ? O GLU A 86  N ASP A 135 ? N ASP A 135 
B 7 8 O PHE A 134 ? O PHE A 134 N ARG A 122 ? N ARG A 122 
B 8 9 O SER A 113 ? O SER A 113 N CYS A 110 ? N CYS A 110 
# 
_pdbx_entry_details.entry_id                   1YNA 
_pdbx_entry_details.compound_details           ? 
_pdbx_entry_details.source_details             ? 
_pdbx_entry_details.nonpolymer_details         ? 
_pdbx_entry_details.sequence_details           ? 
_pdbx_entry_details.has_ligand_of_interest     ? 
_pdbx_entry_details.has_protein_modification   Y 
# 
_pdbx_validate_torsion.id              1 
_pdbx_validate_torsion.PDB_model_num   1 
_pdbx_validate_torsion.auth_comp_id    TYR 
_pdbx_validate_torsion.auth_asym_id    A 
_pdbx_validate_torsion.auth_seq_id     171 
_pdbx_validate_torsion.PDB_ins_code    ? 
_pdbx_validate_torsion.label_alt_id    ? 
_pdbx_validate_torsion.phi             -100.80 
_pdbx_validate_torsion.psi             -138.45 
# 
loop_
_pdbx_validate_planes.id 
_pdbx_validate_planes.PDB_model_num 
_pdbx_validate_planes.auth_comp_id 
_pdbx_validate_planes.auth_asym_id 
_pdbx_validate_planes.auth_seq_id 
_pdbx_validate_planes.PDB_ins_code 
_pdbx_validate_planes.label_alt_id 
_pdbx_validate_planes.rmsd 
_pdbx_validate_planes.type 
1 1 ARG A 81  ? ? 0.081 'SIDE CHAIN' 
2 1 ARG A 116 ? ? 0.118 'SIDE CHAIN' 
3 1 ARG A 122 ? ? 0.197 'SIDE CHAIN' 
4 1 ARG A 161 ? ? 0.198 'SIDE CHAIN' 
# 
_pdbx_struct_mod_residue.id               1 
_pdbx_struct_mod_residue.label_asym_id    A 
_pdbx_struct_mod_residue.label_comp_id    PCA 
_pdbx_struct_mod_residue.label_seq_id     1 
_pdbx_struct_mod_residue.auth_asym_id     A 
_pdbx_struct_mod_residue.auth_comp_id     PCA 
_pdbx_struct_mod_residue.auth_seq_id      1 
_pdbx_struct_mod_residue.PDB_ins_code     ? 
_pdbx_struct_mod_residue.parent_comp_id   GLN 
_pdbx_struct_mod_residue.details          'PYROGLUTAMIC ACID' 
# 
loop_
_chem_comp_atom.comp_id 
_chem_comp_atom.atom_id 
_chem_comp_atom.type_symbol 
_chem_comp_atom.pdbx_aromatic_flag 
_chem_comp_atom.pdbx_stereo_config 
_chem_comp_atom.pdbx_ordinal 
ALA N    N N N 1   
ALA CA   C N S 2   
ALA C    C N N 3   
ALA O    O N N 4   
ALA CB   C N N 5   
ALA OXT  O N N 6   
ALA H    H N N 7   
ALA H2   H N N 8   
ALA HA   H N N 9   
ALA HB1  H N N 10  
ALA HB2  H N N 11  
ALA HB3  H N N 12  
ALA HXT  H N N 13  
ARG N    N N N 14  
ARG CA   C N S 15  
ARG C    C N N 16  
ARG O    O N N 17  
ARG CB   C N N 18  
ARG CG   C N N 19  
ARG CD   C N N 20  
ARG NE   N N N 21  
ARG CZ   C N N 22  
ARG NH1  N N N 23  
ARG NH2  N N N 24  
ARG OXT  O N N 25  
ARG H    H N N 26  
ARG H2   H N N 27  
ARG HA   H N N 28  
ARG HB2  H N N 29  
ARG HB3  H N N 30  
ARG HG2  H N N 31  
ARG HG3  H N N 32  
ARG HD2  H N N 33  
ARG HD3  H N N 34  
ARG HE   H N N 35  
ARG HH11 H N N 36  
ARG HH12 H N N 37  
ARG HH21 H N N 38  
ARG HH22 H N N 39  
ARG HXT  H N N 40  
ASN N    N N N 41  
ASN CA   C N S 42  
ASN C    C N N 43  
ASN O    O N N 44  
ASN CB   C N N 45  
ASN CG   C N N 46  
ASN OD1  O N N 47  
ASN ND2  N N N 48  
ASN OXT  O N N 49  
ASN H    H N N 50  
ASN H2   H N N 51  
ASN HA   H N N 52  
ASN HB2  H N N 53  
ASN HB3  H N N 54  
ASN HD21 H N N 55  
ASN HD22 H N N 56  
ASN HXT  H N N 57  
ASP N    N N N 58  
ASP CA   C N S 59  
ASP C    C N N 60  
ASP O    O N N 61  
ASP CB   C N N 62  
ASP CG   C N N 63  
ASP OD1  O N N 64  
ASP OD2  O N N 65  
ASP OXT  O N N 66  
ASP H    H N N 67  
ASP H2   H N N 68  
ASP HA   H N N 69  
ASP HB2  H N N 70  
ASP HB3  H N N 71  
ASP HD2  H N N 72  
ASP HXT  H N N 73  
CYS N    N N N 74  
CYS CA   C N R 75  
CYS C    C N N 76  
CYS O    O N N 77  
CYS CB   C N N 78  
CYS SG   S N N 79  
CYS OXT  O N N 80  
CYS H    H N N 81  
CYS H2   H N N 82  
CYS HA   H N N 83  
CYS HB2  H N N 84  
CYS HB3  H N N 85  
CYS HG   H N N 86  
CYS HXT  H N N 87  
GLN N    N N N 88  
GLN CA   C N S 89  
GLN C    C N N 90  
GLN O    O N N 91  
GLN CB   C N N 92  
GLN CG   C N N 93  
GLN CD   C N N 94  
GLN OE1  O N N 95  
GLN NE2  N N N 96  
GLN OXT  O N N 97  
GLN H    H N N 98  
GLN H2   H N N 99  
GLN HA   H N N 100 
GLN HB2  H N N 101 
GLN HB3  H N N 102 
GLN HG2  H N N 103 
GLN HG3  H N N 104 
GLN HE21 H N N 105 
GLN HE22 H N N 106 
GLN HXT  H N N 107 
GLU N    N N N 108 
GLU CA   C N S 109 
GLU C    C N N 110 
GLU O    O N N 111 
GLU CB   C N N 112 
GLU CG   C N N 113 
GLU CD   C N N 114 
GLU OE1  O N N 115 
GLU OE2  O N N 116 
GLU OXT  O N N 117 
GLU H    H N N 118 
GLU H2   H N N 119 
GLU HA   H N N 120 
GLU HB2  H N N 121 
GLU HB3  H N N 122 
GLU HG2  H N N 123 
GLU HG3  H N N 124 
GLU HE2  H N N 125 
GLU HXT  H N N 126 
GLY N    N N N 127 
GLY CA   C N N 128 
GLY C    C N N 129 
GLY O    O N N 130 
GLY OXT  O N N 131 
GLY H    H N N 132 
GLY H2   H N N 133 
GLY HA2  H N N 134 
GLY HA3  H N N 135 
GLY HXT  H N N 136 
HIS N    N N N 137 
HIS CA   C N S 138 
HIS C    C N N 139 
HIS O    O N N 140 
HIS CB   C N N 141 
HIS CG   C Y N 142 
HIS ND1  N Y N 143 
HIS CD2  C Y N 144 
HIS CE1  C Y N 145 
HIS NE2  N Y N 146 
HIS OXT  O N N 147 
HIS H    H N N 148 
HIS H2   H N N 149 
HIS HA   H N N 150 
HIS HB2  H N N 151 
HIS HB3  H N N 152 
HIS HD1  H N N 153 
HIS HD2  H N N 154 
HIS HE1  H N N 155 
HIS HE2  H N N 156 
HIS HXT  H N N 157 
HOH O    O N N 158 
HOH H1   H N N 159 
HOH H2   H N N 160 
ILE N    N N N 161 
ILE CA   C N S 162 
ILE C    C N N 163 
ILE O    O N N 164 
ILE CB   C N S 165 
ILE CG1  C N N 166 
ILE CG2  C N N 167 
ILE CD1  C N N 168 
ILE OXT  O N N 169 
ILE H    H N N 170 
ILE H2   H N N 171 
ILE HA   H N N 172 
ILE HB   H N N 173 
ILE HG12 H N N 174 
ILE HG13 H N N 175 
ILE HG21 H N N 176 
ILE HG22 H N N 177 
ILE HG23 H N N 178 
ILE HD11 H N N 179 
ILE HD12 H N N 180 
ILE HD13 H N N 181 
ILE HXT  H N N 182 
LEU N    N N N 183 
LEU CA   C N S 184 
LEU C    C N N 185 
LEU O    O N N 186 
LEU CB   C N N 187 
LEU CG   C N N 188 
LEU CD1  C N N 189 
LEU CD2  C N N 190 
LEU OXT  O N N 191 
LEU H    H N N 192 
LEU H2   H N N 193 
LEU HA   H N N 194 
LEU HB2  H N N 195 
LEU HB3  H N N 196 
LEU HG   H N N 197 
LEU HD11 H N N 198 
LEU HD12 H N N 199 
LEU HD13 H N N 200 
LEU HD21 H N N 201 
LEU HD22 H N N 202 
LEU HD23 H N N 203 
LEU HXT  H N N 204 
LYS N    N N N 205 
LYS CA   C N S 206 
LYS C    C N N 207 
LYS O    O N N 208 
LYS CB   C N N 209 
LYS CG   C N N 210 
LYS CD   C N N 211 
LYS CE   C N N 212 
LYS NZ   N N N 213 
LYS OXT  O N N 214 
LYS H    H N N 215 
LYS H2   H N N 216 
LYS HA   H N N 217 
LYS HB2  H N N 218 
LYS HB3  H N N 219 
LYS HG2  H N N 220 
LYS HG3  H N N 221 
LYS HD2  H N N 222 
LYS HD3  H N N 223 
LYS HE2  H N N 224 
LYS HE3  H N N 225 
LYS HZ1  H N N 226 
LYS HZ2  H N N 227 
LYS HZ3  H N N 228 
LYS HXT  H N N 229 
PCA N    N N N 230 
PCA CA   C N S 231 
PCA CB   C N N 232 
PCA CG   C N N 233 
PCA CD   C N N 234 
PCA OE   O N N 235 
PCA C    C N N 236 
PCA O    O N N 237 
PCA OXT  O N N 238 
PCA H    H N N 239 
PCA HA   H N N 240 
PCA HB2  H N N 241 
PCA HB3  H N N 242 
PCA HG2  H N N 243 
PCA HG3  H N N 244 
PCA HXT  H N N 245 
PHE N    N N N 246 
PHE CA   C N S 247 
PHE C    C N N 248 
PHE O    O N N 249 
PHE CB   C N N 250 
PHE CG   C Y N 251 
PHE CD1  C Y N 252 
PHE CD2  C Y N 253 
PHE CE1  C Y N 254 
PHE CE2  C Y N 255 
PHE CZ   C Y N 256 
PHE OXT  O N N 257 
PHE H    H N N 258 
PHE H2   H N N 259 
PHE HA   H N N 260 
PHE HB2  H N N 261 
PHE HB3  H N N 262 
PHE HD1  H N N 263 
PHE HD2  H N N 264 
PHE HE1  H N N 265 
PHE HE2  H N N 266 
PHE HZ   H N N 267 
PHE HXT  H N N 268 
PRO N    N N N 269 
PRO CA   C N S 270 
PRO C    C N N 271 
PRO O    O N N 272 
PRO CB   C N N 273 
PRO CG   C N N 274 
PRO CD   C N N 275 
PRO OXT  O N N 276 
PRO H    H N N 277 
PRO HA   H N N 278 
PRO HB2  H N N 279 
PRO HB3  H N N 280 
PRO HG2  H N N 281 
PRO HG3  H N N 282 
PRO HD2  H N N 283 
PRO HD3  H N N 284 
PRO HXT  H N N 285 
SER N    N N N 286 
SER CA   C N S 287 
SER C    C N N 288 
SER O    O N N 289 
SER CB   C N N 290 
SER OG   O N N 291 
SER OXT  O N N 292 
SER H    H N N 293 
SER H2   H N N 294 
SER HA   H N N 295 
SER HB2  H N N 296 
SER HB3  H N N 297 
SER HG   H N N 298 
SER HXT  H N N 299 
THR N    N N N 300 
THR CA   C N S 301 
THR C    C N N 302 
THR O    O N N 303 
THR CB   C N R 304 
THR OG1  O N N 305 
THR CG2  C N N 306 
THR OXT  O N N 307 
THR H    H N N 308 
THR H2   H N N 309 
THR HA   H N N 310 
THR HB   H N N 311 
THR HG1  H N N 312 
THR HG21 H N N 313 
THR HG22 H N N 314 
THR HG23 H N N 315 
THR HXT  H N N 316 
TRP N    N N N 317 
TRP CA   C N S 318 
TRP C    C N N 319 
TRP O    O N N 320 
TRP CB   C N N 321 
TRP CG   C Y N 322 
TRP CD1  C Y N 323 
TRP CD2  C Y N 324 
TRP NE1  N Y N 325 
TRP CE2  C Y N 326 
TRP CE3  C Y N 327 
TRP CZ2  C Y N 328 
TRP CZ3  C Y N 329 
TRP CH2  C Y N 330 
TRP OXT  O N N 331 
TRP H    H N N 332 
TRP H2   H N N 333 
TRP HA   H N N 334 
TRP HB2  H N N 335 
TRP HB3  H N N 336 
TRP HD1  H N N 337 
TRP HE1  H N N 338 
TRP HE3  H N N 339 
TRP HZ2  H N N 340 
TRP HZ3  H N N 341 
TRP HH2  H N N 342 
TRP HXT  H N N 343 
TYR N    N N N 344 
TYR CA   C N S 345 
TYR C    C N N 346 
TYR O    O N N 347 
TYR CB   C N N 348 
TYR CG   C Y N 349 
TYR CD1  C Y N 350 
TYR CD2  C Y N 351 
TYR CE1  C Y N 352 
TYR CE2  C Y N 353 
TYR CZ   C Y N 354 
TYR OH   O N N 355 
TYR OXT  O N N 356 
TYR H    H N N 357 
TYR H2   H N N 358 
TYR HA   H N N 359 
TYR HB2  H N N 360 
TYR HB3  H N N 361 
TYR HD1  H N N 362 
TYR HD2  H N N 363 
TYR HE1  H N N 364 
TYR HE2  H N N 365 
TYR HH   H N N 366 
TYR HXT  H N N 367 
VAL N    N N N 368 
VAL CA   C N S 369 
VAL C    C N N 370 
VAL O    O N N 371 
VAL CB   C N N 372 
VAL CG1  C N N 373 
VAL CG2  C N N 374 
VAL OXT  O N N 375 
VAL H    H N N 376 
VAL H2   H N N 377 
VAL HA   H N N 378 
VAL HB   H N N 379 
VAL HG11 H N N 380 
VAL HG12 H N N 381 
VAL HG13 H N N 382 
VAL HG21 H N N 383 
VAL HG22 H N N 384 
VAL HG23 H N N 385 
VAL HXT  H N N 386 
# 
loop_
_chem_comp_bond.comp_id 
_chem_comp_bond.atom_id_1 
_chem_comp_bond.atom_id_2 
_chem_comp_bond.value_order 
_chem_comp_bond.pdbx_aromatic_flag 
_chem_comp_bond.pdbx_stereo_config 
_chem_comp_bond.pdbx_ordinal 
ALA N   CA   sing N N 1   
ALA N   H    sing N N 2   
ALA N   H2   sing N N 3   
ALA CA  C    sing N N 4   
ALA CA  CB   sing N N 5   
ALA CA  HA   sing N N 6   
ALA C   O    doub N N 7   
ALA C   OXT  sing N N 8   
ALA CB  HB1  sing N N 9   
ALA CB  HB2  sing N N 10  
ALA CB  HB3  sing N N 11  
ALA OXT HXT  sing N N 12  
ARG N   CA   sing N N 13  
ARG N   H    sing N N 14  
ARG N   H2   sing N N 15  
ARG CA  C    sing N N 16  
ARG CA  CB   sing N N 17  
ARG CA  HA   sing N N 18  
ARG C   O    doub N N 19  
ARG C   OXT  sing N N 20  
ARG CB  CG   sing N N 21  
ARG CB  HB2  sing N N 22  
ARG CB  HB3  sing N N 23  
ARG CG  CD   sing N N 24  
ARG CG  HG2  sing N N 25  
ARG CG  HG3  sing N N 26  
ARG CD  NE   sing N N 27  
ARG CD  HD2  sing N N 28  
ARG CD  HD3  sing N N 29  
ARG NE  CZ   sing N N 30  
ARG NE  HE   sing N N 31  
ARG CZ  NH1  sing N N 32  
ARG CZ  NH2  doub N N 33  
ARG NH1 HH11 sing N N 34  
ARG NH1 HH12 sing N N 35  
ARG NH2 HH21 sing N N 36  
ARG NH2 HH22 sing N N 37  
ARG OXT HXT  sing N N 38  
ASN N   CA   sing N N 39  
ASN N   H    sing N N 40  
ASN N   H2   sing N N 41  
ASN CA  C    sing N N 42  
ASN CA  CB   sing N N 43  
ASN CA  HA   sing N N 44  
ASN C   O    doub N N 45  
ASN C   OXT  sing N N 46  
ASN CB  CG   sing N N 47  
ASN CB  HB2  sing N N 48  
ASN CB  HB3  sing N N 49  
ASN CG  OD1  doub N N 50  
ASN CG  ND2  sing N N 51  
ASN ND2 HD21 sing N N 52  
ASN ND2 HD22 sing N N 53  
ASN OXT HXT  sing N N 54  
ASP N   CA   sing N N 55  
ASP N   H    sing N N 56  
ASP N   H2   sing N N 57  
ASP CA  C    sing N N 58  
ASP CA  CB   sing N N 59  
ASP CA  HA   sing N N 60  
ASP C   O    doub N N 61  
ASP C   OXT  sing N N 62  
ASP CB  CG   sing N N 63  
ASP CB  HB2  sing N N 64  
ASP CB  HB3  sing N N 65  
ASP CG  OD1  doub N N 66  
ASP CG  OD2  sing N N 67  
ASP OD2 HD2  sing N N 68  
ASP OXT HXT  sing N N 69  
CYS N   CA   sing N N 70  
CYS N   H    sing N N 71  
CYS N   H2   sing N N 72  
CYS CA  C    sing N N 73  
CYS CA  CB   sing N N 74  
CYS CA  HA   sing N N 75  
CYS C   O    doub N N 76  
CYS C   OXT  sing N N 77  
CYS CB  SG   sing N N 78  
CYS CB  HB2  sing N N 79  
CYS CB  HB3  sing N N 80  
CYS SG  HG   sing N N 81  
CYS OXT HXT  sing N N 82  
GLN N   CA   sing N N 83  
GLN N   H    sing N N 84  
GLN N   H2   sing N N 85  
GLN CA  C    sing N N 86  
GLN CA  CB   sing N N 87  
GLN CA  HA   sing N N 88  
GLN C   O    doub N N 89  
GLN C   OXT  sing N N 90  
GLN CB  CG   sing N N 91  
GLN CB  HB2  sing N N 92  
GLN CB  HB3  sing N N 93  
GLN CG  CD   sing N N 94  
GLN CG  HG2  sing N N 95  
GLN CG  HG3  sing N N 96  
GLN CD  OE1  doub N N 97  
GLN CD  NE2  sing N N 98  
GLN NE2 HE21 sing N N 99  
GLN NE2 HE22 sing N N 100 
GLN OXT HXT  sing N N 101 
GLU N   CA   sing N N 102 
GLU N   H    sing N N 103 
GLU N   H2   sing N N 104 
GLU CA  C    sing N N 105 
GLU CA  CB   sing N N 106 
GLU CA  HA   sing N N 107 
GLU C   O    doub N N 108 
GLU C   OXT  sing N N 109 
GLU CB  CG   sing N N 110 
GLU CB  HB2  sing N N 111 
GLU CB  HB3  sing N N 112 
GLU CG  CD   sing N N 113 
GLU CG  HG2  sing N N 114 
GLU CG  HG3  sing N N 115 
GLU CD  OE1  doub N N 116 
GLU CD  OE2  sing N N 117 
GLU OE2 HE2  sing N N 118 
GLU OXT HXT  sing N N 119 
GLY N   CA   sing N N 120 
GLY N   H    sing N N 121 
GLY N   H2   sing N N 122 
GLY CA  C    sing N N 123 
GLY CA  HA2  sing N N 124 
GLY CA  HA3  sing N N 125 
GLY C   O    doub N N 126 
GLY C   OXT  sing N N 127 
GLY OXT HXT  sing N N 128 
HIS N   CA   sing N N 129 
HIS N   H    sing N N 130 
HIS N   H2   sing N N 131 
HIS CA  C    sing N N 132 
HIS CA  CB   sing N N 133 
HIS CA  HA   sing N N 134 
HIS C   O    doub N N 135 
HIS C   OXT  sing N N 136 
HIS CB  CG   sing N N 137 
HIS CB  HB2  sing N N 138 
HIS CB  HB3  sing N N 139 
HIS CG  ND1  sing Y N 140 
HIS CG  CD2  doub Y N 141 
HIS ND1 CE1  doub Y N 142 
HIS ND1 HD1  sing N N 143 
HIS CD2 NE2  sing Y N 144 
HIS CD2 HD2  sing N N 145 
HIS CE1 NE2  sing Y N 146 
HIS CE1 HE1  sing N N 147 
HIS NE2 HE2  sing N N 148 
HIS OXT HXT  sing N N 149 
HOH O   H1   sing N N 150 
HOH O   H2   sing N N 151 
ILE N   CA   sing N N 152 
ILE N   H    sing N N 153 
ILE N   H2   sing N N 154 
ILE CA  C    sing N N 155 
ILE CA  CB   sing N N 156 
ILE CA  HA   sing N N 157 
ILE C   O    doub N N 158 
ILE C   OXT  sing N N 159 
ILE CB  CG1  sing N N 160 
ILE CB  CG2  sing N N 161 
ILE CB  HB   sing N N 162 
ILE CG1 CD1  sing N N 163 
ILE CG1 HG12 sing N N 164 
ILE CG1 HG13 sing N N 165 
ILE CG2 HG21 sing N N 166 
ILE CG2 HG22 sing N N 167 
ILE CG2 HG23 sing N N 168 
ILE CD1 HD11 sing N N 169 
ILE CD1 HD12 sing N N 170 
ILE CD1 HD13 sing N N 171 
ILE OXT HXT  sing N N 172 
LEU N   CA   sing N N 173 
LEU N   H    sing N N 174 
LEU N   H2   sing N N 175 
LEU CA  C    sing N N 176 
LEU CA  CB   sing N N 177 
LEU CA  HA   sing N N 178 
LEU C   O    doub N N 179 
LEU C   OXT  sing N N 180 
LEU CB  CG   sing N N 181 
LEU CB  HB2  sing N N 182 
LEU CB  HB3  sing N N 183 
LEU CG  CD1  sing N N 184 
LEU CG  CD2  sing N N 185 
LEU CG  HG   sing N N 186 
LEU CD1 HD11 sing N N 187 
LEU CD1 HD12 sing N N 188 
LEU CD1 HD13 sing N N 189 
LEU CD2 HD21 sing N N 190 
LEU CD2 HD22 sing N N 191 
LEU CD2 HD23 sing N N 192 
LEU OXT HXT  sing N N 193 
LYS N   CA   sing N N 194 
LYS N   H    sing N N 195 
LYS N   H2   sing N N 196 
LYS CA  C    sing N N 197 
LYS CA  CB   sing N N 198 
LYS CA  HA   sing N N 199 
LYS C   O    doub N N 200 
LYS C   OXT  sing N N 201 
LYS CB  CG   sing N N 202 
LYS CB  HB2  sing N N 203 
LYS CB  HB3  sing N N 204 
LYS CG  CD   sing N N 205 
LYS CG  HG2  sing N N 206 
LYS CG  HG3  sing N N 207 
LYS CD  CE   sing N N 208 
LYS CD  HD2  sing N N 209 
LYS CD  HD3  sing N N 210 
LYS CE  NZ   sing N N 211 
LYS CE  HE2  sing N N 212 
LYS CE  HE3  sing N N 213 
LYS NZ  HZ1  sing N N 214 
LYS NZ  HZ2  sing N N 215 
LYS NZ  HZ3  sing N N 216 
LYS OXT HXT  sing N N 217 
PCA N   CA   sing N N 218 
PCA N   CD   sing N N 219 
PCA N   H    sing N N 220 
PCA CA  CB   sing N N 221 
PCA CA  C    sing N N 222 
PCA CA  HA   sing N N 223 
PCA CB  CG   sing N N 224 
PCA CB  HB2  sing N N 225 
PCA CB  HB3  sing N N 226 
PCA CG  CD   sing N N 227 
PCA CG  HG2  sing N N 228 
PCA CG  HG3  sing N N 229 
PCA CD  OE   doub N N 230 
PCA C   O    doub N N 231 
PCA C   OXT  sing N N 232 
PCA OXT HXT  sing N N 233 
PHE N   CA   sing N N 234 
PHE N   H    sing N N 235 
PHE N   H2   sing N N 236 
PHE CA  C    sing N N 237 
PHE CA  CB   sing N N 238 
PHE CA  HA   sing N N 239 
PHE C   O    doub N N 240 
PHE C   OXT  sing N N 241 
PHE CB  CG   sing N N 242 
PHE CB  HB2  sing N N 243 
PHE CB  HB3  sing N N 244 
PHE CG  CD1  doub Y N 245 
PHE CG  CD2  sing Y N 246 
PHE CD1 CE1  sing Y N 247 
PHE CD1 HD1  sing N N 248 
PHE CD2 CE2  doub Y N 249 
PHE CD2 HD2  sing N N 250 
PHE CE1 CZ   doub Y N 251 
PHE CE1 HE1  sing N N 252 
PHE CE2 CZ   sing Y N 253 
PHE CE2 HE2  sing N N 254 
PHE CZ  HZ   sing N N 255 
PHE OXT HXT  sing N N 256 
PRO N   CA   sing N N 257 
PRO N   CD   sing N N 258 
PRO N   H    sing N N 259 
PRO CA  C    sing N N 260 
PRO CA  CB   sing N N 261 
PRO CA  HA   sing N N 262 
PRO C   O    doub N N 263 
PRO C   OXT  sing N N 264 
PRO CB  CG   sing N N 265 
PRO CB  HB2  sing N N 266 
PRO CB  HB3  sing N N 267 
PRO CG  CD   sing N N 268 
PRO CG  HG2  sing N N 269 
PRO CG  HG3  sing N N 270 
PRO CD  HD2  sing N N 271 
PRO CD  HD3  sing N N 272 
PRO OXT HXT  sing N N 273 
SER N   CA   sing N N 274 
SER N   H    sing N N 275 
SER N   H2   sing N N 276 
SER CA  C    sing N N 277 
SER CA  CB   sing N N 278 
SER CA  HA   sing N N 279 
SER C   O    doub N N 280 
SER C   OXT  sing N N 281 
SER CB  OG   sing N N 282 
SER CB  HB2  sing N N 283 
SER CB  HB3  sing N N 284 
SER OG  HG   sing N N 285 
SER OXT HXT  sing N N 286 
THR N   CA   sing N N 287 
THR N   H    sing N N 288 
THR N   H2   sing N N 289 
THR CA  C    sing N N 290 
THR CA  CB   sing N N 291 
THR CA  HA   sing N N 292 
THR C   O    doub N N 293 
THR C   OXT  sing N N 294 
THR CB  OG1  sing N N 295 
THR CB  CG2  sing N N 296 
THR CB  HB   sing N N 297 
THR OG1 HG1  sing N N 298 
THR CG2 HG21 sing N N 299 
THR CG2 HG22 sing N N 300 
THR CG2 HG23 sing N N 301 
THR OXT HXT  sing N N 302 
TRP N   CA   sing N N 303 
TRP N   H    sing N N 304 
TRP N   H2   sing N N 305 
TRP CA  C    sing N N 306 
TRP CA  CB   sing N N 307 
TRP CA  HA   sing N N 308 
TRP C   O    doub N N 309 
TRP C   OXT  sing N N 310 
TRP CB  CG   sing N N 311 
TRP CB  HB2  sing N N 312 
TRP CB  HB3  sing N N 313 
TRP CG  CD1  doub Y N 314 
TRP CG  CD2  sing Y N 315 
TRP CD1 NE1  sing Y N 316 
TRP CD1 HD1  sing N N 317 
TRP CD2 CE2  doub Y N 318 
TRP CD2 CE3  sing Y N 319 
TRP NE1 CE2  sing Y N 320 
TRP NE1 HE1  sing N N 321 
TRP CE2 CZ2  sing Y N 322 
TRP CE3 CZ3  doub Y N 323 
TRP CE3 HE3  sing N N 324 
TRP CZ2 CH2  doub Y N 325 
TRP CZ2 HZ2  sing N N 326 
TRP CZ3 CH2  sing Y N 327 
TRP CZ3 HZ3  sing N N 328 
TRP CH2 HH2  sing N N 329 
TRP OXT HXT  sing N N 330 
TYR N   CA   sing N N 331 
TYR N   H    sing N N 332 
TYR N   H2   sing N N 333 
TYR CA  C    sing N N 334 
TYR CA  CB   sing N N 335 
TYR CA  HA   sing N N 336 
TYR C   O    doub N N 337 
TYR C   OXT  sing N N 338 
TYR CB  CG   sing N N 339 
TYR CB  HB2  sing N N 340 
TYR CB  HB3  sing N N 341 
TYR CG  CD1  doub Y N 342 
TYR CG  CD2  sing Y N 343 
TYR CD1 CE1  sing Y N 344 
TYR CD1 HD1  sing N N 345 
TYR CD2 CE2  doub Y N 346 
TYR CD2 HD2  sing N N 347 
TYR CE1 CZ   doub Y N 348 
TYR CE1 HE1  sing N N 349 
TYR CE2 CZ   sing Y N 350 
TYR CE2 HE2  sing N N 351 
TYR CZ  OH   sing N N 352 
TYR OH  HH   sing N N 353 
TYR OXT HXT  sing N N 354 
VAL N   CA   sing N N 355 
VAL N   H    sing N N 356 
VAL N   H2   sing N N 357 
VAL CA  C    sing N N 358 
VAL CA  CB   sing N N 359 
VAL CA  HA   sing N N 360 
VAL C   O    doub N N 361 
VAL C   OXT  sing N N 362 
VAL CB  CG1  sing N N 363 
VAL CB  CG2  sing N N 364 
VAL CB  HB   sing N N 365 
VAL CG1 HG11 sing N N 366 
VAL CG1 HG12 sing N N 367 
VAL CG1 HG13 sing N N 368 
VAL CG2 HG21 sing N N 369 
VAL CG2 HG22 sing N N 370 
VAL CG2 HG23 sing N N 371 
VAL OXT HXT  sing N N 372 
# 
_atom_sites.entry_id                    1YNA 
_atom_sites.fract_transf_matrix[1][1]   0.00150043 
_atom_sites.fract_transf_matrix[1][2]   0.02161834 
_atom_sites.fract_transf_matrix[1][3]   -0.01210932 
_atom_sites.fract_transf_matrix[2][1]   -0.01560695 
_atom_sites.fract_transf_matrix[2][2]   -0.00446983 
_atom_sites.fract_transf_matrix[2][3]   -0.00991364 
_atom_sites.fract_transf_matrix[3][1]   -0.01104363 
_atom_sites.fract_transf_matrix[3][2]   0.01173057 
_atom_sites.fract_transf_matrix[3][3]   0.01209684 
_atom_sites.fract_transf_vector[1]      0.046758 
_atom_sites.fract_transf_vector[2]      -0.002583 
_atom_sites.fract_transf_vector[3]      0.263731 
# 
loop_
_atom_type.symbol 
C 
N 
O 
S 
# 
loop_
_atom_site.group_PDB 
_atom_site.id 
_atom_site.type_symbol 
_atom_site.label_atom_id 
_atom_site.label_alt_id 
_atom_site.label_comp_id 
_atom_site.label_asym_id 
_atom_site.label_entity_id 
_atom_site.label_seq_id 
_atom_site.pdbx_PDB_ins_code 
_atom_site.Cartn_x 
_atom_site.Cartn_y 
_atom_site.Cartn_z 
_atom_site.occupancy 
_atom_site.B_iso_or_equiv 
_atom_site.pdbx_formal_charge 
_atom_site.auth_seq_id 
_atom_site.auth_comp_id 
_atom_site.auth_asym_id 
_atom_site.auth_atom_id 
_atom_site.pdbx_PDB_model_num 
HETATM 1    N N   . PCA A 1 1   ? -15.429 -4.938  17.677  1.00 61.06 ? 1   PCA A N   1 
HETATM 2    C CA  . PCA A 1 1   ? -14.696 -3.798  18.201  1.00 57.40 ? 1   PCA A CA  1 
HETATM 3    C CB  . PCA A 1 1   ? -13.985 -4.473  19.402  1.00 60.21 ? 1   PCA A CB  1 
HETATM 4    C CG  . PCA A 1 1   ? -14.985 -5.557  19.872  1.00 62.17 ? 1   PCA A CG  1 
HETATM 5    C CD  . PCA A 1 1   ? -15.606 -5.936  18.559  1.00 63.25 ? 1   PCA A CD  1 
HETATM 6    O OE  . PCA A 1 1   ? -16.181 -6.993  18.355  1.00 70.21 ? 1   PCA A OE  1 
HETATM 7    C C   . PCA A 1 1   ? -13.696 -3.318  17.177  1.00 49.53 ? 1   PCA A C   1 
HETATM 8    O O   . PCA A 1 1   ? -13.839 -3.646  16.010  1.00 55.15 ? 1   PCA A O   1 
ATOM   9    N N   . THR A 1 2   ? -12.658 -2.593  17.611  1.00 38.52 ? 2   THR A N   1 
ATOM   10   C CA  . THR A 1 2   ? -11.619 -2.203  16.684  1.00 30.24 ? 2   THR A CA  1 
ATOM   11   C C   . THR A 1 2   ? -10.244 -2.096  17.281  1.00 24.55 ? 2   THR A C   1 
ATOM   12   O O   . THR A 1 2   ? -9.986  -1.326  18.209  1.00 22.78 ? 2   THR A O   1 
ATOM   13   C CB  . THR A 1 2   ? -11.958 -0.960  15.867  1.00 29.32 ? 2   THR A CB  1 
ATOM   14   O OG1 . THR A 1 2   ? -13.232 -1.122  15.231  1.00 32.73 ? 2   THR A OG1 1 
ATOM   15   C CG2 . THR A 1 2   ? -10.928 -0.761  14.759  1.00 24.48 ? 2   THR A CG2 1 
ATOM   16   N N   . THR A 1 3   ? -9.296  -2.851  16.713  1.00 19.35 ? 3   THR A N   1 
ATOM   17   C CA  . THR A 1 3   ? -7.904  -2.761  17.159  1.00 15.88 ? 3   THR A CA  1 
ATOM   18   C C   . THR A 1 3   ? -7.429  -1.311  17.055  1.00 15.74 ? 3   THR A C   1 
ATOM   19   O O   . THR A 1 3   ? -7.574  -0.691  16.001  1.00 15.67 ? 3   THR A O   1 
ATOM   20   C CB  . THR A 1 3   ? -6.996  -3.627  16.256  1.00 16.64 ? 3   THR A CB  1 
ATOM   21   O OG1 . THR A 1 3   ? -7.539  -4.946  16.153  1.00 17.47 ? 3   THR A OG1 1 
ATOM   22   C CG2 . THR A 1 3   ? -5.605  -3.732  16.827  1.00 17.05 ? 3   THR A CG2 1 
ATOM   23   N N   . PRO A 1 4   ? -6.895  -0.788  18.149  1.00 17.55 ? 4   PRO A N   1 
ATOM   24   C CA  . PRO A 1 4   ? -6.359  0.567   18.167  1.00 17.53 ? 4   PRO A CA  1 
ATOM   25   C C   . PRO A 1 4   ? -5.207  0.743   17.167  1.00 15.96 ? 4   PRO A C   1 
ATOM   26   O O   . PRO A 1 4   ? -4.432  -0.178  16.930  1.00 15.62 ? 4   PRO A O   1 
ATOM   27   C CB  . PRO A 1 4   ? -5.820  0.732   19.584  1.00 17.45 ? 4   PRO A CB  1 
ATOM   28   C CG  . PRO A 1 4   ? -6.481  -0.318  20.391  1.00 20.63 ? 4   PRO A CG  1 
ATOM   29   C CD  . PRO A 1 4   ? -6.804  -1.451  19.461  1.00 20.27 ? 4   PRO A CD  1 
ATOM   30   N N   . ASN A 1 5   ? -5.085  1.950   16.636  1.00 14.75 ? 5   ASN A N   1 
ATOM   31   C CA  . ASN A 1 5   ? -3.984  2.295   15.764  1.00 15.13 ? 5   ASN A CA  1 
ATOM   32   C C   . ASN A 1 5   ? -2.640  1.963   16.382  1.00 16.34 ? 5   ASN A C   1 
ATOM   33   O O   . ASN A 1 5   ? -2.400  2.151   17.566  1.00 15.07 ? 5   ASN A O   1 
ATOM   34   C CB  . ASN A 1 5   ? -4.037  3.742   15.319  1.00 13.18 ? 5   ASN A CB  1 
ATOM   35   C CG  . ASN A 1 5   ? -5.297  4.079   14.550  1.00 15.42 ? 5   ASN A CG  1 
ATOM   36   O OD1 . ASN A 1 5   ? -5.970  3.192   14.025  1.00 17.32 ? 5   ASN A OD1 1 
ATOM   37   N ND2 . ASN A 1 5   ? -5.617  5.363   14.499  1.00 22.85 ? 5   ASN A ND2 1 
ATOM   38   N N   . SER A 1 6   ? -1.727  1.473   15.538  1.00 15.23 ? 6   SER A N   1 
ATOM   39   C CA  . SER A 1 6   ? -0.428  1.036   16.048  1.00 14.86 ? 6   SER A CA  1 
ATOM   40   C C   . SER A 1 6   ? 0.607   1.030   14.910  1.00 14.87 ? 6   SER A C   1 
ATOM   41   O O   . SER A 1 6   ? 0.256   0.822   13.756  1.00 14.57 ? 6   SER A O   1 
ATOM   42   C CB  . SER A 1 6   ? -0.577  -0.423  16.556  1.00 15.84 ? 6   SER A CB  1 
ATOM   43   O OG  . SER A 1 6   ? 0.575   -0.795  17.273  1.00 30.13 ? 6   SER A OG  1 
ATOM   44   N N   . GLU A 1 7   ? 1.851   1.248   15.278  1.00 15.51 ? 7   GLU A N   1 
ATOM   45   C CA  . GLU A 1 7   ? 2.966   1.252   14.324  1.00 15.19 ? 7   GLU A CA  1 
ATOM   46   C C   . GLU A 1 7   ? 4.240   0.847   15.071  1.00 15.33 ? 7   GLU A C   1 
ATOM   47   O O   . GLU A 1 7   ? 4.405   1.197   16.236  1.00 16.36 ? 7   GLU A O   1 
ATOM   48   C CB  . GLU A 1 7   ? 3.139   2.686   13.781  1.00 17.49 ? 7   GLU A CB  1 
ATOM   49   C CG  . GLU A 1 7   ? 4.113   2.807   12.646  1.00 19.06 ? 7   GLU A CG  1 
ATOM   50   C CD  . GLU A 1 7   ? 4.273   4.218   12.116  1.00 17.94 ? 7   GLU A CD  1 
ATOM   51   O OE1 . GLU A 1 7   ? 3.308   5.008   12.189  1.00 16.40 ? 7   GLU A OE1 1 
ATOM   52   O OE2 . GLU A 1 7   ? 5.369   4.527   11.611  1.00 19.31 ? 7   GLU A OE2 1 
ATOM   53   N N   . GLY A 1 8   ? 5.121   0.095   14.412  1.00 13.72 ? 8   GLY A N   1 
ATOM   54   C CA  . GLY A 1 8   ? 6.373   -0.271  15.055  1.00 14.38 ? 8   GLY A CA  1 
ATOM   55   C C   . GLY A 1 8   ? 6.959   -1.546  14.467  1.00 14.79 ? 8   GLY A C   1 
ATOM   56   O O   . GLY A 1 8   ? 6.715   -1.857  13.305  1.00 12.32 ? 8   GLY A O   1 
ATOM   57   N N   . TRP A 1 9   ? 7.730   -2.248  15.279  1.00 15.87 ? 9   TRP A N   1 
ATOM   58   C CA  . TRP A 1 9   ? 8.400   -3.467  14.891  1.00 16.80 ? 9   TRP A CA  1 
ATOM   59   C C   . TRP A 1 9   ? 7.723   -4.698  15.471  1.00 18.25 ? 9   TRP A C   1 
ATOM   60   O O   . TRP A 1 9   ? 7.252   -4.689  16.607  1.00 18.69 ? 9   TRP A O   1 
ATOM   61   C CB  . TRP A 1 9   ? 9.875   -3.427  15.354  1.00 18.93 ? 9   TRP A CB  1 
ATOM   62   C CG  . TRP A 1 9   ? 10.602  -2.277  14.709  1.00 22.37 ? 9   TRP A CG  1 
ATOM   63   C CD1 . TRP A 1 9   ? 10.802  -1.034  15.226  1.00 23.17 ? 9   TRP A CD1 1 
ATOM   64   C CD2 . TRP A 1 9   ? 11.204  -2.284  13.410  1.00 22.48 ? 9   TRP A CD2 1 
ATOM   65   N NE1 . TRP A 1 9   ? 11.502  -0.261  14.328  1.00 24.34 ? 9   TRP A NE1 1 
ATOM   66   C CE2 . TRP A 1 9   ? 11.758  -1.005  13.206  1.00 24.03 ? 9   TRP A CE2 1 
ATOM   67   C CE3 . TRP A 1 9   ? 11.320  -3.243  12.404  1.00 22.65 ? 9   TRP A CE3 1 
ATOM   68   C CZ2 . TRP A 1 9   ? 12.427  -0.665  12.033  1.00 24.74 ? 9   TRP A CZ2 1 
ATOM   69   C CZ3 . TRP A 1 9   ? 11.987  -2.904  11.242  1.00 23.00 ? 9   TRP A CZ3 1 
ATOM   70   C CH2 . TRP A 1 9   ? 12.529  -1.629  11.068  1.00 23.62 ? 9   TRP A CH2 1 
ATOM   71   N N   . HIS A 1 10  ? 7.684   -5.759  14.675  1.00 16.89 ? 10  HIS A N   1 
ATOM   72   C CA  . HIS A 1 10  ? 7.214   -7.053  15.134  1.00 17.70 ? 10  HIS A CA  1 
ATOM   73   C C   . HIS A 1 10  ? 7.949   -8.173  14.402  1.00 18.57 ? 10  HIS A C   1 
ATOM   74   O O   . HIS A 1 10  ? 7.837   -8.306  13.184  1.00 16.42 ? 10  HIS A O   1 
ATOM   75   C CB  . HIS A 1 10  ? 5.697   -7.191  14.902  1.00 18.72 ? 10  HIS A CB  1 
ATOM   76   C CG  . HIS A 1 10  ? 5.170   -8.493  15.432  1.00 19.38 ? 10  HIS A CG  1 
ATOM   77   N ND1 . HIS A 1 10  ? 5.011   -9.608  14.644  1.00 18.69 ? 10  HIS A ND1 1 
ATOM   78   C CD2 . HIS A 1 10  ? 4.842   -8.864  16.693  1.00 21.21 ? 10  HIS A CD2 1 
ATOM   79   C CE1 . HIS A 1 10  ? 4.569   -10.607 15.387  1.00 20.50 ? 10  HIS A CE1 1 
ATOM   80   N NE2 . HIS A 1 10  ? 4.454   -10.181 16.634  1.00 22.00 ? 10  HIS A NE2 1 
ATOM   81   N N   . ASP A 1 11  ? 8.735   -8.946  15.142  1.00 19.57 ? 11  ASP A N   1 
ATOM   82   C CA  . ASP A 1 11  ? 9.403   -10.109 14.567  1.00 21.99 ? 11  ASP A CA  1 
ATOM   83   C C   . ASP A 1 11  ? 10.332  -9.742  13.428  1.00 21.74 ? 11  ASP A C   1 
ATOM   84   O O   . ASP A 1 11  ? 10.450  -10.473 12.434  1.00 23.64 ? 11  ASP A O   1 
ATOM   85   C CB  . ASP A 1 11  ? 8.363   -11.122 14.079  1.00 26.58 ? 11  ASP A CB  1 
ATOM   86   C CG  . ASP A 1 11  ? 7.945   -12.102 15.148  1.00 31.52 ? 11  ASP A CG  1 
ATOM   87   O OD1 . ASP A 1 11  ? 7.990   -11.744 16.343  1.00 41.02 ? 11  ASP A OD1 1 
ATOM   88   O OD2 . ASP A 1 11  ? 7.568   -13.242 14.792  1.00 38.31 ? 11  ASP A OD2 1 
ATOM   89   N N   . GLY A 1 12  ? 11.022  -8.611  13.546  1.00 20.49 ? 12  GLY A N   1 
ATOM   90   C CA  . GLY A 1 12  ? 11.986  -8.231  12.524  1.00 21.38 ? 12  GLY A CA  1 
ATOM   91   C C   . GLY A 1 12  ? 11.378  -7.465  11.377  1.00 20.27 ? 12  GLY A C   1 
ATOM   92   O O   . GLY A 1 12  ? 12.101  -6.940  10.520  1.00 22.74 ? 12  GLY A O   1 
ATOM   93   N N   . TYR A 1 13  ? 10.053  -7.366  11.330  1.00 16.21 ? 13  TYR A N   1 
ATOM   94   C CA  . TYR A 1 13  ? 9.391   -6.606  10.272  1.00 13.55 ? 13  TYR A CA  1 
ATOM   95   C C   . TYR A 1 13  ? 8.769   -5.334  10.821  1.00 14.98 ? 13  TYR A C   1 
ATOM   96   O O   . TYR A 1 13  ? 8.330   -5.286  11.969  1.00 17.22 ? 13  TYR A O   1 
ATOM   97   C CB  . TYR A 1 13  ? 8.281   -7.484  9.644   1.00 14.29 ? 13  TYR A CB  1 
ATOM   98   C CG  . TYR A 1 13  ? 8.884   -8.575  8.773   1.00 16.14 ? 13  TYR A CG  1 
ATOM   99   C CD1 . TYR A 1 13  ? 9.294   -9.775  9.325   1.00 16.53 ? 13  TYR A CD1 1 
ATOM   100  C CD2 . TYR A 1 13  ? 9.066   -8.366  7.417   1.00 17.14 ? 13  TYR A CD2 1 
ATOM   101  C CE1 . TYR A 1 13  ? 9.857   -10.763 8.532   1.00 16.80 ? 13  TYR A CE1 1 
ATOM   102  C CE2 . TYR A 1 13  ? 9.626   -9.345  6.622   1.00 18.78 ? 13  TYR A CE2 1 
ATOM   103  C CZ  . TYR A 1 13  ? 10.016  -10.539 7.187   1.00 18.57 ? 13  TYR A CZ  1 
ATOM   104  O OH  . TYR A 1 13  ? 10.579  -11.511 6.384   1.00 22.56 ? 13  TYR A OH  1 
ATOM   105  N N   . TYR A 1 14  ? 8.725   -4.296  9.986   1.00 12.55 ? 14  TYR A N   1 
ATOM   106  C CA  . TYR A 1 14  ? 7.943   -3.115  10.336  1.00 12.02 ? 14  TYR A CA  1 
ATOM   107  C C   . TYR A 1 14  ? 6.467   -3.370  10.064  1.00 11.74 ? 14  TYR A C   1 
ATOM   108  O O   . TYR A 1 14  ? 6.093   -4.130  9.181   1.00 12.11 ? 14  TYR A O   1 
ATOM   109  C CB  . TYR A 1 14  ? 8.415   -1.892  9.562   1.00 12.38 ? 14  TYR A CB  1 
ATOM   110  C CG  . TYR A 1 14  ? 8.132   -0.580  10.272  1.00 13.64 ? 14  TYR A CG  1 
ATOM   111  C CD1 . TYR A 1 14  ? 8.958   -0.139  11.297  1.00 14.76 ? 14  TYR A CD1 1 
ATOM   112  C CD2 . TYR A 1 14  ? 7.035   0.194   9.928   1.00 14.12 ? 14  TYR A CD2 1 
ATOM   113  C CE1 . TYR A 1 14  ? 8.699   1.050   11.956  1.00 16.56 ? 14  TYR A CE1 1 
ATOM   114  C CE2 . TYR A 1 14  ? 6.772   1.388   10.577  1.00 14.75 ? 14  TYR A CE2 1 
ATOM   115  C CZ  . TYR A 1 14  ? 7.608   1.808   11.586  1.00 16.81 ? 14  TYR A CZ  1 
ATOM   116  O OH  . TYR A 1 14  ? 7.359   2.998   12.234  1.00 19.01 ? 14  TYR A OH  1 
ATOM   117  N N   . TYR A 1 15  ? 5.598   -2.712  10.846  1.00 11.32 ? 15  TYR A N   1 
ATOM   118  C CA  . TYR A 1 15  ? 4.180   -2.802  10.556  1.00 8.96  ? 15  TYR A CA  1 
ATOM   119  C C   . TYR A 1 15  ? 3.486   -1.466  10.829  1.00 8.76  ? 15  TYR A C   1 
ATOM   120  O O   . TYR A 1 15  ? 3.953   -0.673  11.641  1.00 10.09 ? 15  TYR A O   1 
ATOM   121  C CB  . TYR A 1 15  ? 3.506   -3.920  11.350  1.00 12.91 ? 15  TYR A CB  1 
ATOM   122  C CG  . TYR A 1 15  ? 3.220   -3.532  12.787  1.00 13.98 ? 15  TYR A CG  1 
ATOM   123  C CD1 . TYR A 1 15  ? 4.180   -3.705  13.769  1.00 15.27 ? 15  TYR A CD1 1 
ATOM   124  C CD2 . TYR A 1 15  ? 2.000   -2.970  13.139  1.00 15.82 ? 15  TYR A CD2 1 
ATOM   125  C CE1 . TYR A 1 15  ? 3.932   -3.347  15.081  1.00 15.50 ? 15  TYR A CE1 1 
ATOM   126  C CE2 . TYR A 1 15  ? 1.742   -2.608  14.449  1.00 16.06 ? 15  TYR A CE2 1 
ATOM   127  C CZ  . TYR A 1 15  ? 2.710   -2.799  15.407  1.00 16.33 ? 15  TYR A CZ  1 
ATOM   128  O OH  . TYR A 1 15  ? 2.460   -2.439  16.710  1.00 22.56 ? 15  TYR A OH  1 
ATOM   129  N N   . SER A 1 16  ? 2.401   -1.247  10.114  1.00 11.00 ? 16  SER A N   1 
ATOM   130  C CA  . SER A 1 16  ? 1.526   -0.107  10.325  1.00 12.40 ? 16  SER A CA  1 
ATOM   131  C C   . SER A 1 16  ? 0.070   -0.573  10.280  1.00 12.35 ? 16  SER A C   1 
ATOM   132  O O   . SER A 1 16  ? -0.309  -1.335  9.398   1.00 12.38 ? 16  SER A O   1 
ATOM   133  C CB  . SER A 1 16  ? 1.750   0.971   9.261   1.00 12.74 ? 16  SER A CB  1 
ATOM   134  O OG  . SER A 1 16  ? 0.812   2.030   9.441   1.00 14.74 ? 16  SER A OG  1 
ATOM   135  N N   . TRP A 1 17  ? -0.707  -0.127  11.256  1.00 11.60 ? 17  TRP A N   1 
ATOM   136  C CA  . TRP A 1 17  ? -2.131  -0.421  11.285  1.00 10.80 ? 17  TRP A CA  1 
ATOM   137  C C   . TRP A 1 17  ? -2.905  0.865   11.609  1.00 12.12 ? 17  TRP A C   1 
ATOM   138  O O   . TRP A 1 17  ? -2.618  1.536   12.596  1.00 12.15 ? 17  TRP A O   1 
ATOM   139  C CB  . TRP A 1 17  ? -2.458  -1.506  12.308  1.00 10.66 ? 17  TRP A CB  1 
ATOM   140  C CG  . TRP A 1 17  ? -3.914  -1.514  12.684  1.00 11.11 ? 17  TRP A CG  1 
ATOM   141  C CD1 . TRP A 1 17  ? -4.429  -1.251  13.922  1.00 12.22 ? 17  TRP A CD1 1 
ATOM   142  C CD2 . TRP A 1 17  ? -5.024  -1.781  11.831  1.00 10.63 ? 17  TRP A CD2 1 
ATOM   143  N NE1 . TRP A 1 17  ? -5.798  -1.341  13.889  1.00 11.94 ? 17  TRP A NE1 1 
ATOM   144  C CE2 . TRP A 1 17  ? -6.196  -1.664  12.622  1.00 11.79 ? 17  TRP A CE2 1 
ATOM   145  C CE3 . TRP A 1 17  ? -5.169  -2.102  10.479  1.00 9.98  ? 17  TRP A CE3 1 
ATOM   146  C CZ2 . TRP A 1 17  ? -7.469  -1.863  12.098  1.00 11.66 ? 17  TRP A CZ2 1 
ATOM   147  C CZ3 . TRP A 1 17  ? -6.428  -2.301  9.966   1.00 11.28 ? 17  TRP A CZ3 1 
ATOM   148  C CH2 . TRP A 1 17  ? -7.574  -2.182  10.775  1.00 12.24 ? 17  TRP A CH2 1 
ATOM   149  N N   . TRP A 1 18  ? -3.817  1.210   10.715  1.00 12.78 ? 18  TRP A N   1 
ATOM   150  C CA  . TRP A 1 18  ? -4.587  2.428   10.850  1.00 15.13 ? 18  TRP A CA  1 
ATOM   151  C C   . TRP A 1 18  ? -6.016  2.272   10.379  1.00 14.15 ? 18  TRP A C   1 
ATOM   152  O O   . TRP A 1 18  ? -6.308  1.701   9.333   1.00 13.71 ? 18  TRP A O   1 
ATOM   153  C CB  . TRP A 1 18  ? -3.891  3.573   10.068  1.00 17.62 ? 18  TRP A CB  1 
ATOM   154  C CG  . TRP A 1 18  ? -4.656  4.857   10.239  1.00 20.75 ? 18  TRP A CG  1 
ATOM   155  C CD1 . TRP A 1 18  ? -4.508  5.784   11.223  1.00 22.29 ? 18  TRP A CD1 1 
ATOM   156  C CD2 . TRP A 1 18  ? -5.714  5.315   9.390   1.00 20.55 ? 18  TRP A CD2 1 
ATOM   157  N NE1 . TRP A 1 18  ? -5.411  6.806   11.030  1.00 24.43 ? 18  TRP A NE1 1 
ATOM   158  C CE2 . TRP A 1 18  ? -6.157  6.542   9.913   1.00 22.98 ? 18  TRP A CE2 1 
ATOM   159  C CE3 . TRP A 1 18  ? -6.314  4.805   8.237   1.00 22.07 ? 18  TRP A CE3 1 
ATOM   160  C CZ2 . TRP A 1 18  ? -7.183  7.270   9.318   1.00 25.24 ? 18  TRP A CZ2 1 
ATOM   161  C CZ3 . TRP A 1 18  ? -7.334  5.530   7.648   1.00 23.85 ? 18  TRP A CZ3 1 
ATOM   162  C CH2 . TRP A 1 18  ? -7.754  6.745   8.189   1.00 25.20 ? 18  TRP A CH2 1 
ATOM   163  N N   . SER A 1 19  ? -6.956  2.796   11.171  1.00 12.99 ? 19  SER A N   1 
ATOM   164  C CA  . SER A 1 19  ? -8.333  2.910   10.737  1.00 12.30 ? 19  SER A CA  1 
ATOM   165  C C   . SER A 1 19  ? -8.938  4.223   11.231  1.00 14.90 ? 19  SER A C   1 
ATOM   166  O O   . SER A 1 19  ? -8.389  4.841   12.154  1.00 16.12 ? 19  SER A O   1 
ATOM   167  C CB  . SER A 1 19  ? -9.170  1.726   11.139  1.00 12.85 ? 19  SER A CB  1 
ATOM   168  O OG  . SER A 1 19  ? -9.658  1.823   12.457  1.00 19.91 ? 19  SER A OG  1 
ATOM   169  N N   . ASP A 1 20  ? -10.008 4.663   10.591  1.00 17.52 ? 20  ASP A N   1 
ATOM   170  C CA  . ASP A 1 20  ? -10.634 5.934   10.938  1.00 19.00 ? 20  ASP A CA  1 
ATOM   171  C C   . ASP A 1 20  ? -11.551 5.814   12.140  1.00 20.65 ? 20  ASP A C   1 
ATOM   172  O O   . ASP A 1 20  ? -12.170 6.801   12.554  1.00 28.57 ? 20  ASP A O   1 
ATOM   173  C CB  . ASP A 1 20  ? -11.363 6.536   9.747   1.00 18.72 ? 20  ASP A CB  1 
ATOM   174  C CG  . ASP A 1 20  ? -12.527 5.703   9.257   1.00 16.52 ? 20  ASP A CG  1 
ATOM   175  O OD1 . ASP A 1 20  ? -13.008 4.839   10.011  1.00 19.10 ? 20  ASP A OD1 1 
ATOM   176  O OD2 . ASP A 1 20  ? -12.957 5.906   8.100   1.00 19.51 ? 20  ASP A OD2 1 
ATOM   177  N N   . GLY A 1 21  ? -11.663 4.617   12.697  1.00 20.69 ? 21  GLY A N   1 
ATOM   178  C CA  . GLY A 1 21  ? -12.467 4.339   13.851  1.00 22.23 ? 21  GLY A CA  1 
ATOM   179  C C   . GLY A 1 21  ? -13.914 4.029   13.555  1.00 24.42 ? 21  GLY A C   1 
ATOM   180  O O   . GLY A 1 21  ? -14.656 3.613   14.455  1.00 30.28 ? 21  GLY A O   1 
ATOM   181  N N   . GLY A 1 22  ? -14.352 4.202   12.313  1.00 20.95 ? 22  GLY A N   1 
ATOM   182  C CA  . GLY A 1 22  ? -15.735 3.955   11.952  1.00 19.59 ? 22  GLY A CA  1 
ATOM   183  C C   . GLY A 1 22  ? -16.014 2.524   11.588  1.00 21.30 ? 22  GLY A C   1 
ATOM   184  O O   . GLY A 1 22  ? -17.158 2.047   11.625  1.00 20.10 ? 22  GLY A O   1 
ATOM   185  N N   . ALA A 1 23  ? -14.965 1.778   11.211  1.00 20.50 ? 23  ALA A N   1 
ATOM   186  C CA  . ALA A 1 23  ? -15.184 0.392   10.816  1.00 20.95 ? 23  ALA A CA  1 
ATOM   187  C C   . ALA A 1 23  ? -14.954 -0.568  11.979  1.00 21.52 ? 23  ALA A C   1 
ATOM   188  O O   . ALA A 1 23  ? -14.156 -0.299  12.877  1.00 22.26 ? 23  ALA A O   1 
ATOM   189  C CB  . ALA A 1 23  ? -14.316 0.021   9.633   1.00 25.07 ? 23  ALA A CB  1 
ATOM   190  N N   . GLN A 1 24  ? -15.648 -1.689  11.928  1.00 21.20 ? 24  GLN A N   1 
ATOM   191  C CA  . GLN A 1 24  ? -15.358 -2.840  12.792  1.00 24.05 ? 24  GLN A CA  1 
ATOM   192  C C   . GLN A 1 24  ? -14.179 -3.608  12.165  1.00 20.54 ? 24  GLN A C   1 
ATOM   193  O O   . GLN A 1 24  ? -14.258 -3.971  10.991  1.00 22.86 ? 24  GLN A O   1 
ATOM   194  C CB  . GLN A 1 24  ? -16.594 -3.767  12.762  1.00 32.09 ? 24  GLN A CB  1 
ATOM   195  C CG  . GLN A 1 24  ? -16.700 -4.676  13.973  1.00 41.07 ? 24  GLN A CG  1 
ATOM   196  C CD  . GLN A 1 24  ? -18.125 -5.168  14.185  1.00 48.86 ? 24  GLN A CD  1 
ATOM   197  O OE1 . GLN A 1 24  ? -19.072 -4.385  14.092  1.00 59.69 ? 24  GLN A OE1 1 
ATOM   198  N NE2 . GLN A 1 24  ? -18.276 -6.458  14.453  1.00 56.51 ? 24  GLN A NE2 1 
ATOM   199  N N   . ALA A 1 25  ? -13.095 -3.776  12.906  1.00 16.25 ? 25  ALA A N   1 
ATOM   200  C CA  . ALA A 1 25  ? -11.917 -4.411  12.324  1.00 15.92 ? 25  ALA A CA  1 
ATOM   201  C C   . ALA A 1 25  ? -10.955 -4.952  13.358  1.00 15.78 ? 25  ALA A C   1 
ATOM   202  O O   . ALA A 1 25  ? -10.698 -4.356  14.403  1.00 16.32 ? 25  ALA A O   1 
ATOM   203  C CB  . ALA A 1 25  ? -11.221 -3.473  11.355  1.00 14.90 ? 25  ALA A CB  1 
ATOM   204  N N   . THR A 1 26  ? -10.372 -6.109  13.032  1.00 12.87 ? 26  THR A N   1 
ATOM   205  C CA  . THR A 1 26  ? -9.357  -6.711  13.896  1.00 13.07 ? 26  THR A CA  1 
ATOM   206  C C   . THR A 1 26  ? -8.066  -6.905  13.074  1.00 13.38 ? 26  THR A C   1 
ATOM   207  O O   . THR A 1 26  ? -8.134  -7.518  12.015  1.00 15.34 ? 26  THR A O   1 
ATOM   208  C CB  . THR A 1 26  ? -9.829  -8.107  14.368  1.00 15.80 ? 26  THR A CB  1 
ATOM   209  O OG1 . THR A 1 26  ? -11.001 -7.926  15.196  1.00 21.65 ? 26  THR A OG1 1 
ATOM   210  C CG2 . THR A 1 26  ? -8.778  -8.770  15.222  1.00 20.20 ? 26  THR A CG2 1 
ATOM   211  N N   . TYR A 1 27  ? -6.993  -6.323  13.553  1.00 12.69 ? 27  TYR A N   1 
ATOM   212  C CA  . TYR A 1 27  ? -5.670  -6.462  12.962  1.00 12.76 ? 27  TYR A CA  1 
ATOM   213  C C   . TYR A 1 27  ? -4.772  -7.268  13.900  1.00 13.72 ? 27  TYR A C   1 
ATOM   214  O O   . TYR A 1 27  ? -4.692  -6.985  15.093  1.00 12.70 ? 27  TYR A O   1 
ATOM   215  C CB  . TYR A 1 27  ? -5.028  -5.080  12.723  1.00 11.34 ? 27  TYR A CB  1 
ATOM   216  C CG  . TYR A 1 27  ? -3.605  -5.208  12.206  1.00 11.05 ? 27  TYR A CG  1 
ATOM   217  C CD1 . TYR A 1 27  ? -2.537  -5.323  13.075  1.00 10.77 ? 27  TYR A CD1 1 
ATOM   218  C CD2 . TYR A 1 27  ? -3.358  -5.258  10.843  1.00 11.90 ? 27  TYR A CD2 1 
ATOM   219  C CE1 . TYR A 1 27  ? -1.237  -5.462  12.602  1.00 11.63 ? 27  TYR A CE1 1 
ATOM   220  C CE2 . TYR A 1 27  ? -2.063  -5.390  10.363  1.00 11.33 ? 27  TYR A CE2 1 
ATOM   221  C CZ  . TYR A 1 27  ? -1.017  -5.496  11.244  1.00 11.47 ? 27  TYR A CZ  1 
ATOM   222  O OH  . TYR A 1 27  ? 0.276   -5.634  10.761  1.00 13.50 ? 27  TYR A OH  1 
ATOM   223  N N   . THR A 1 28  ? -4.115  -8.288  13.352  1.00 13.22 ? 28  THR A N   1 
ATOM   224  C CA  . THR A 1 28  ? -3.232  -9.115  14.179  1.00 12.08 ? 28  THR A CA  1 
ATOM   225  C C   . THR A 1 28  ? -1.893  -9.337  13.488  1.00 11.29 ? 28  THR A C   1 
ATOM   226  O O   . THR A 1 28  ? -1.832  -9.749  12.336  1.00 12.77 ? 28  THR A O   1 
ATOM   227  C CB  . THR A 1 28  ? -3.884  -10.491 14.449  1.00 14.57 ? 28  THR A CB  1 
ATOM   228  O OG1 . THR A 1 28  ? -5.161  -10.279 15.068  1.00 19.05 ? 28  THR A OG1 1 
ATOM   229  C CG2 . THR A 1 28  ? -3.047  -11.280 15.442  1.00 16.49 ? 28  THR A CG2 1 
ATOM   230  N N   . ASN A 1 29  ? -0.813  -9.062  14.218  1.00 12.88 ? 29  ASN A N   1 
ATOM   231  C CA  . ASN A 1 29  ? 0.511   -9.460  13.752  1.00 12.53 ? 29  ASN A CA  1 
ATOM   232  C C   . ASN A 1 29  ? 0.733   -10.949 14.052  1.00 13.43 ? 29  ASN A C   1 
ATOM   233  O O   . ASN A 1 29  ? 0.770   -11.343 15.208  1.00 14.98 ? 29  ASN A O   1 
ATOM   234  C CB  . ASN A 1 29  ? 1.607   -8.656  14.450  1.00 13.98 ? 29  ASN A CB  1 
ATOM   235  C CG  . ASN A 1 29  ? 1.747   -7.257  13.874  1.00 16.02 ? 29  ASN A CG  1 
ATOM   236  O OD1 . ASN A 1 29  ? 1.752   -7.083  12.659  1.00 15.38 ? 29  ASN A OD1 1 
ATOM   237  N ND2 . ASN A 1 29  ? 1.823   -6.266  14.754  1.00 16.76 ? 29  ASN A ND2 1 
ATOM   238  N N   . LEU A 1 30  ? 0.936   -11.721 12.996  1.00 13.23 ? 30  LEU A N   1 
ATOM   239  C CA  . LEU A 1 30  ? 1.356   -13.118 13.157  1.00 13.53 ? 30  LEU A CA  1 
ATOM   240  C C   . LEU A 1 30  ? 2.854   -13.235 13.058  1.00 13.95 ? 30  LEU A C   1 
ATOM   241  O O   . LEU A 1 30  ? 3.568   -12.215 13.069  1.00 13.93 ? 30  LEU A O   1 
ATOM   242  C CB  . LEU A 1 30  ? 0.608   -14.002 12.178  1.00 14.50 ? 30  LEU A CB  1 
ATOM   243  C CG  . LEU A 1 30  ? -0.927  -13.989 12.314  1.00 15.42 ? 30  LEU A CG  1 
ATOM   244  C CD1 . LEU A 1 30  ? -1.562  -14.877 11.264  1.00 19.21 ? 30  LEU A CD1 1 
ATOM   245  C CD2 . LEU A 1 30  ? -1.321  -14.424 13.718  1.00 20.42 ? 30  LEU A CD2 1 
ATOM   246  N N   . GLU A 1 31  ? 3.401   -14.449 13.015  1.00 15.12 ? 31  GLU A N   1 
ATOM   247  C CA  . GLU A 1 31  ? 4.857   -14.589 13.053  1.00 18.34 ? 31  GLU A CA  1 
ATOM   248  C C   . GLU A 1 31  ? 5.507   -14.168 11.748  1.00 16.55 ? 31  GLU A C   1 
ATOM   249  O O   . GLU A 1 31  ? 4.911   -14.259 10.674  1.00 15.33 ? 31  GLU A O   1 
ATOM   250  C CB  . GLU A 1 31  ? 5.251   -16.025 13.409  1.00 23.22 ? 31  GLU A CB  1 
ATOM   251  C CG  . GLU A 1 31  ? 5.003   -16.381 14.866  1.00 28.00 ? 31  GLU A CG  1 
ATOM   252  C CD  . GLU A 1 31  ? 5.716   -15.450 15.827  1.00 31.27 ? 31  GLU A CD  1 
ATOM   253  O OE1 . GLU A 1 31  ? 6.915   -15.671 16.086  1.00 40.14 ? 31  GLU A OE1 1 
ATOM   254  O OE2 . GLU A 1 31  ? 5.075   -14.501 16.331  1.00 35.88 ? 31  GLU A OE2 1 
ATOM   255  N N   . GLY A 1 32  ? 6.756   -13.725 11.840  1.00 15.17 ? 32  GLY A N   1 
ATOM   256  C CA  . GLY A 1 32  ? 7.528   -13.349 10.675  1.00 17.25 ? 32  GLY A CA  1 
ATOM   257  C C   . GLY A 1 32  ? 6.887   -12.226 9.888   1.00 14.26 ? 32  GLY A C   1 
ATOM   258  O O   . GLY A 1 32  ? 6.507   -11.192 10.450  1.00 14.50 ? 32  GLY A O   1 
ATOM   259  N N   . GLY A 1 33  ? 6.748   -12.419 8.585   1.00 11.86 ? 33  GLY A N   1 
ATOM   260  C CA  . GLY A 1 33  ? 6.192   -11.406 7.712   1.00 10.89 ? 33  GLY A CA  1 
ATOM   261  C C   . GLY A 1 33  ? 4.706   -11.532 7.517   1.00 8.64  ? 33  GLY A C   1 
ATOM   262  O O   . GLY A 1 33  ? 4.136   -11.015 6.551   1.00 11.15 ? 33  GLY A O   1 
ATOM   263  N N   . THR A 1 34  ? 4.030   -12.228 8.436   1.00 9.07  ? 34  THR A N   1 
ATOM   264  C CA  . THR A 1 34  ? 2.612   -12.499 8.269   1.00 9.62  ? 34  THR A CA  1 
ATOM   265  C C   . THR A 1 34  ? 1.755   -11.597 9.151   1.00 10.22 ? 34  THR A C   1 
ATOM   266  O O   . THR A 1 34  ? 2.082   -11.337 10.302  1.00 8.92  ? 34  THR A O   1 
ATOM   267  C CB  . THR A 1 34  ? 2.279   -13.973 8.592   1.00 11.47 ? 34  THR A CB  1 
ATOM   268  O OG1 . THR A 1 34  ? 3.100   -14.821 7.779   1.00 14.76 ? 34  THR A OG1 1 
ATOM   269  C CG2 . THR A 1 34  ? 0.839   -14.290 8.247   1.00 12.26 ? 34  THR A CG2 1 
ATOM   270  N N   . TYR A 1 35  ? 0.653   -11.131 8.569   1.00 10.37 ? 35  TYR A N   1 
ATOM   271  C CA  . TYR A 1 35  ? -0.362  -10.398 9.307   1.00 10.94 ? 35  TYR A CA  1 
ATOM   272  C C   . TYR A 1 35  ? -1.762  -10.822 8.873   1.00 10.96 ? 35  TYR A C   1 
ATOM   273  O O   . TYR A 1 35  ? -1.950  -11.460 7.841   1.00 12.76 ? 35  TYR A O   1 
ATOM   274  C CB  . TYR A 1 35  ? -0.188  -8.897  9.166   1.00 11.70 ? 35  TYR A CB  1 
ATOM   275  C CG  . TYR A 1 35  ? -0.459  -8.353  7.785   1.00 10.94 ? 35  TYR A CG  1 
ATOM   276  C CD1 . TYR A 1 35  ? 0.562   -8.273  6.843   1.00 8.74  ? 35  TYR A CD1 1 
ATOM   277  C CD2 . TYR A 1 35  ? -1.727  -7.931  7.412   1.00 10.23 ? 35  TYR A CD2 1 
ATOM   278  C CE1 . TYR A 1 35  ? 0.326   -7.778  5.580   1.00 8.47  ? 35  TYR A CE1 1 
ATOM   279  C CE2 . TYR A 1 35  ? -1.968  -7.439  6.142   1.00 9.65  ? 35  TYR A CE2 1 
ATOM   280  C CZ  . TYR A 1 35  ? -0.941  -7.365  5.231   1.00 9.17  ? 35  TYR A CZ  1 
ATOM   281  O OH  . TYR A 1 35  ? -1.171  -6.868  3.968   1.00 11.83 ? 35  TYR A OH  1 
ATOM   282  N N   . GLU A 1 36  ? -2.748  -10.449 9.673   1.00 10.77 ? 36  GLU A N   1 
ATOM   283  C CA  . GLU A 1 36  ? -4.130  -10.871 9.405   1.00 11.09 ? 36  GLU A CA  1 
ATOM   284  C C   . GLU A 1 36  ? -5.066  -9.689  9.719   1.00 9.97  ? 36  GLU A C   1 
ATOM   285  O O   . GLU A 1 36  ? -4.876  -9.019  10.729  1.00 12.84 ? 36  GLU A O   1 
ATOM   286  C CB  . GLU A 1 36  ? -4.469  -12.049 10.319  1.00 13.81 ? 36  GLU A CB  1 
ATOM   287  C CG  . GLU A 1 36  ? -5.839  -12.666 10.119  1.00 17.23 ? 36  GLU A CG  1 
ATOM   288  C CD  . GLU A 1 36  ? -6.105  -13.743 11.180  1.00 18.96 ? 36  GLU A CD  1 
ATOM   289  O OE1 . GLU A 1 36  ? -5.686  -13.529 12.333  1.00 21.91 ? 36  GLU A OE1 1 
ATOM   290  O OE2 . GLU A 1 36  ? -6.664  -14.789 10.839  1.00 16.77 ? 36  GLU A OE2 1 
ATOM   291  N N   . ILE A 1 37  ? -6.004  -9.456  8.827   1.00 9.63  ? 37  ILE A N   1 
ATOM   292  C CA  . ILE A 1 37  ? -7.021  -8.454  8.967   1.00 9.63  ? 37  ILE A CA  1 
ATOM   293  C C   . ILE A 1 37  ? -8.410  -9.004  8.690   1.00 11.11 ? 37  ILE A C   1 
ATOM   294  O O   . ILE A 1 37  ? -8.654  -9.667  7.681   1.00 13.68 ? 37  ILE A O   1 
ATOM   295  C CB  . ILE A 1 37  ? -6.790  -7.198  8.127   1.00 11.15 ? 37  ILE A CB  1 
ATOM   296  C CG1 . ILE A 1 37  ? -5.354  -6.703  8.089   1.00 13.79 ? 37  ILE A CG1 1 
ATOM   297  C CG2 . ILE A 1 37  ? -7.727  -6.077  8.577   1.00 13.45 ? 37  ILE A CG2 1 
ATOM   298  C CD1 . ILE A 1 37  ? -5.147  -5.482  7.220   1.00 18.04 ? 37  ILE A CD1 1 
ATOM   299  N N   . SER A 1 38  ? -9.317  -8.732  9.613   1.00 10.92 ? 38  SER A N   1 
ATOM   300  C CA  . SER A 1 38  ? -10.732 -9.066  9.396   1.00 11.05 ? 38  SER A CA  1 
ATOM   301  C C   . SER A 1 38  ? -11.529 -7.761  9.603   1.00 11.80 ? 38  SER A C   1 
ATOM   302  O O   . SER A 1 38  ? -11.297 -7.093  10.607  1.00 12.31 ? 38  SER A O   1 
ATOM   303  C CB  . SER A 1 38  ? -11.161 -10.072 10.490  1.00 14.38 ? 38  SER A CB  1 
ATOM   304  O OG  . SER A 1 38  ? -12.460 -10.552 10.222  1.00 28.66 ? 38  SER A OG  1 
ATOM   305  N N   . TRP A 1 39  ? -12.377 -7.423  8.647   1.00 12.17 ? 39  TRP A N   1 
ATOM   306  C CA  . TRP A 1 39  ? -13.088 -6.161  8.695   1.00 11.73 ? 39  TRP A CA  1 
ATOM   307  C C   . TRP A 1 39  ? -14.533 -6.247  8.247   1.00 11.60 ? 39  TRP A C   1 
ATOM   308  O O   . TRP A 1 39  ? -14.922 -7.097  7.452   1.00 10.19 ? 39  TRP A O   1 
ATOM   309  C CB  . TRP A 1 39  ? -12.346 -5.041  8.007   1.00 10.31 ? 39  TRP A CB  1 
ATOM   310  C CG  . TRP A 1 39  ? -12.409 -5.010  6.521   1.00 11.39 ? 39  TRP A CG  1 
ATOM   311  C CD1 . TRP A 1 39  ? -13.294 -4.303  5.749   1.00 12.54 ? 39  TRP A CD1 1 
ATOM   312  C CD2 . TRP A 1 39  ? -11.550 -5.705  5.598   1.00 11.27 ? 39  TRP A CD2 1 
ATOM   313  N NE1 . TRP A 1 39  ? -13.044 -4.524  4.420   1.00 13.20 ? 39  TRP A NE1 1 
ATOM   314  C CE2 . TRP A 1 39  ? -11.978 -5.373  4.299   1.00 12.68 ? 39  TRP A CE2 1 
ATOM   315  C CE3 . TRP A 1 39  ? -10.466 -6.570  5.749   1.00 12.07 ? 39  TRP A CE3 1 
ATOM   316  C CZ2 . TRP A 1 39  ? -11.362 -5.879  3.152   1.00 13.07 ? 39  TRP A CZ2 1 
ATOM   317  C CZ3 . TRP A 1 39  ? -9.852  -7.070  4.613   1.00 12.59 ? 39  TRP A CZ3 1 
ATOM   318  C CH2 . TRP A 1 39  ? -10.300 -6.724  3.334   1.00 13.27 ? 39  TRP A CH2 1 
ATOM   319  N N   . GLY A 1 40  ? -15.333 -5.321  8.772   1.00 12.03 ? 40  GLY A N   1 
ATOM   320  C CA  . GLY A 1 40  ? -16.705 -5.107  8.409   1.00 10.86 ? 40  GLY A CA  1 
ATOM   321  C C   . GLY A 1 40  ? -16.963 -3.650  8.031   1.00 9.59  ? 40  GLY A C   1 
ATOM   322  O O   . GLY A 1 40  ? -16.047 -2.832  8.093   1.00 9.99  ? 40  GLY A O   1 
ATOM   323  N N   . ASP A 1 41  ? -18.189 -3.351  7.654   1.00 10.41 ? 41  ASP A N   1 
ATOM   324  C CA  . ASP A 1 41  ? -18.552 -2.033  7.140   1.00 12.33 ? 41  ASP A CA  1 
ATOM   325  C C   . ASP A 1 41  ? -18.274 -0.938  8.151   1.00 13.06 ? 41  ASP A C   1 
ATOM   326  O O   . ASP A 1 41  ? -18.239 -1.163  9.362   1.00 15.80 ? 41  ASP A O   1 
ATOM   327  C CB  . ASP A 1 41  ? -20.043 -2.044  6.762   1.00 12.54 ? 41  ASP A CB  1 
ATOM   328  C CG  . ASP A 1 41  ? -20.412 -1.048  5.696   1.00 12.82 ? 41  ASP A CG  1 
ATOM   329  O OD1 . ASP A 1 41  ? -19.538 -0.287  5.232   1.00 12.20 ? 41  ASP A OD1 1 
ATOM   330  O OD2 . ASP A 1 41  ? -21.595 -1.022  5.289   1.00 13.60 ? 41  ASP A OD2 1 
ATOM   331  N N   . GLY A 1 42  ? -18.092 0.298   7.668   1.00 13.51 ? 42  GLY A N   1 
ATOM   332  C CA  . GLY A 1 42  ? -18.070 1.439   8.563   1.00 15.31 ? 42  GLY A CA  1 
ATOM   333  C C   . GLY A 1 42  ? -17.036 2.459   8.304   1.00 15.42 ? 42  GLY A C   1 
ATOM   334  O O   . GLY A 1 42  ? -17.108 3.626   8.730   1.00 13.70 ? 42  GLY A O   1 
ATOM   335  N N   . GLY A 1 43  ? -15.942 2.109   7.582   1.00 13.36 ? 43  GLY A N   1 
ATOM   336  C CA  . GLY A 1 43  ? -14.941 3.155   7.393   1.00 14.65 ? 43  GLY A CA  1 
ATOM   337  C C   . GLY A 1 43  ? -13.718 2.682   6.632   1.00 14.07 ? 43  GLY A C   1 
ATOM   338  O O   . GLY A 1 43  ? -13.727 1.632   6.000   1.00 13.47 ? 43  GLY A O   1 
ATOM   339  N N   . ASN A 1 44  ? -12.682 3.505   6.688   1.00 14.50 ? 44  ASN A N   1 
ATOM   340  C CA  . ASN A 1 44  ? -11.431 3.259   5.984   1.00 13.35 ? 44  ASN A CA  1 
ATOM   341  C C   . ASN A 1 44  ? -10.418 2.620   6.922   1.00 11.95 ? 44  ASN A C   1 
ATOM   342  O O   . ASN A 1 44  ? -10.266 3.018   8.078   1.00 11.65 ? 44  ASN A O   1 
ATOM   343  C CB  . ASN A 1 44  ? -10.890 4.589   5.452   1.00 17.65 ? 44  ASN A CB  1 
ATOM   344  C CG  . ASN A 1 44  ? -9.707  4.439   4.525   1.00 20.07 ? 44  ASN A CG  1 
ATOM   345  O OD1 . ASN A 1 44  ? -8.919  5.378   4.375   1.00 30.16 ? 44  ASN A OD1 1 
ATOM   346  N ND2 . ASN A 1 44  ? -9.578  3.294   3.875   1.00 20.95 ? 44  ASN A ND2 1 
ATOM   347  N N   . LEU A 1 45  ? -9.714  1.608   6.421   1.00 10.92 ? 45  LEU A N   1 
ATOM   348  C CA  . LEU A 1 45  ? -8.676  0.975   7.242   1.00 9.65  ? 45  LEU A CA  1 
ATOM   349  C C   . LEU A 1 45  ? -7.544  0.481   6.322   1.00 9.85  ? 45  LEU A C   1 
ATOM   350  O O   . LEU A 1 45  ? -7.801  0.104   5.183   1.00 11.65 ? 45  LEU A O   1 
ATOM   351  C CB  . LEU A 1 45  ? -9.288  -0.241  7.969   1.00 11.68 ? 45  LEU A CB  1 
ATOM   352  C CG  . LEU A 1 45  ? -10.051 -1.206  7.052   1.00 13.44 ? 45  LEU A CG  1 
ATOM   353  C CD1 . LEU A 1 45  ? -9.393  -2.572  7.039   1.00 18.81 ? 45  LEU A CD1 1 
ATOM   354  C CD2 . LEU A 1 45  ? -11.510 -1.294  7.450   1.00 17.73 ? 45  LEU A CD2 1 
ATOM   355  N N   . VAL A 1 46  ? -6.336  0.511   6.853   1.00 10.09 ? 46  VAL A N   1 
ATOM   356  C CA  . VAL A 1 46  ? -5.165  0.047   6.102   1.00 11.30 ? 46  VAL A CA  1 
ATOM   357  C C   . VAL A 1 46  ? -4.109  -0.483  7.041   1.00 11.13 ? 46  VAL A C   1 
ATOM   358  O O   . VAL A 1 46  ? -3.745  0.132   8.044   1.00 11.11 ? 46  VAL A O   1 
ATOM   359  C CB  . VAL A 1 46  ? -4.606  1.136   5.190   1.00 13.13 ? 46  VAL A CB  1 
ATOM   360  C CG1 . VAL A 1 46  ? -4.370  2.429   5.940   1.00 24.29 ? 46  VAL A CG1 1 
ATOM   361  C CG2 . VAL A 1 46  ? -3.326  0.671   4.498   1.00 15.08 ? 46  VAL A CG2 1 
ATOM   362  N N   . GLY A 1 47  ? -3.616  -1.700  6.754   1.00 11.37 ? 47  GLY A N   1 
ATOM   363  C CA  . GLY A 1 47  ? -2.555  -2.242  7.595   1.00 11.08 ? 47  GLY A CA  1 
ATOM   364  C C   . GLY A 1 47  ? -1.687  -3.223  6.824   1.00 10.31 ? 47  GLY A C   1 
ATOM   365  O O   . GLY A 1 47  ? -2.111  -3.762  5.809   1.00 9.72  ? 47  GLY A O   1 
ATOM   366  N N   . GLY A 1 48  ? -0.482  -3.460  7.347   1.00 11.01 ? 48  GLY A N   1 
ATOM   367  C CA  . GLY A 1 48  ? 0.406   -4.423  6.734   1.00 11.27 ? 48  GLY A CA  1 
ATOM   368  C C   . GLY A 1 48  ? 1.802   -4.409  7.301   1.00 9.26  ? 48  GLY A C   1 
ATOM   369  O O   . GLY A 1 48  ? 2.134   -3.593  8.158   1.00 9.26  ? 48  GLY A O   1 
ATOM   370  N N   . LYS A 1 49  ? 2.630   -5.327  6.795   1.00 8.35  ? 49  LYS A N   1 
ATOM   371  C CA  . LYS A 1 49  ? 3.995   -5.499  7.257   1.00 7.13  ? 49  LYS A CA  1 
ATOM   372  C C   . LYS A 1 49  ? 4.985   -5.236  6.119   1.00 6.00  ? 49  LYS A C   1 
ATOM   373  O O   . LYS A 1 49  ? 4.644   -5.360  4.947   1.00 8.51  ? 49  LYS A O   1 
ATOM   374  C CB  . LYS A 1 49  ? 4.209   -6.935  7.767   1.00 9.97  ? 49  LYS A CB  1 
ATOM   375  C CG  . LYS A 1 49  ? 3.842   -7.152  9.213   1.00 11.39 ? 49  LYS A CG  1 
ATOM   376  C CD  . LYS A 1 49  ? 4.182   -8.568  9.678   1.00 13.47 ? 49  LYS A CD  1 
ATOM   377  C CE  . LYS A 1 49  ? 4.331   -8.622  11.182  1.00 15.86 ? 49  LYS A CE  1 
ATOM   378  N NZ  . LYS A 1 49  ? 4.495   -9.998  11.703  1.00 15.37 ? 49  LYS A NZ  1 
ATOM   379  N N   . GLY A 1 50  ? 6.210   -4.901  6.506   1.00 8.29  ? 50  GLY A N   1 
ATOM   380  C CA  . GLY A 1 50  ? 7.270   -4.642  5.548   1.00 8.96  ? 50  GLY A CA  1 
ATOM   381  C C   . GLY A 1 50  ? 8.537   -4.150  6.232   1.00 10.19 ? 50  GLY A C   1 
ATOM   382  O O   . GLY A 1 50  ? 9.029   -4.787  7.162   1.00 12.82 ? 50  GLY A O   1 
ATOM   383  N N   . TRP A 1 51  ? 9.021   -3.012  5.771   1.00 9.46  ? 51  TRP A N   1 
ATOM   384  C CA  . TRP A 1 51  ? 10.304  -2.469  6.118   1.00 9.50  ? 51  TRP A CA  1 
ATOM   385  C C   . TRP A 1 51  ? 10.254  -0.977  6.425   1.00 10.83 ? 51  TRP A C   1 
ATOM   386  O O   . TRP A 1 51  ? 9.358   -0.258  5.991   1.00 11.14 ? 51  TRP A O   1 
ATOM   387  C CB  . TRP A 1 51  ? 11.277  -2.688  4.914   1.00 11.63 ? 51  TRP A CB  1 
ATOM   388  C CG  . TRP A 1 51  ? 11.350  -4.152  4.580   1.00 12.93 ? 51  TRP A CG  1 
ATOM   389  C CD1 . TRP A 1 51  ? 12.275  -5.044  5.038   1.00 15.69 ? 51  TRP A CD1 1 
ATOM   390  C CD2 . TRP A 1 51  ? 10.457  -4.886  3.740   1.00 13.10 ? 51  TRP A CD2 1 
ATOM   391  N NE1 . TRP A 1 51  ? 12.011  -6.295  4.527   1.00 15.31 ? 51  TRP A NE1 1 
ATOM   392  C CE2 . TRP A 1 51  ? 10.908  -6.228  3.728   1.00 14.54 ? 51  TRP A CE2 1 
ATOM   393  C CE3 . TRP A 1 51  ? 9.329   -4.555  2.995   1.00 13.11 ? 51  TRP A CE3 1 
ATOM   394  C CZ2 . TRP A 1 51  ? 10.257  -7.224  2.998   1.00 13.81 ? 51  TRP A CZ2 1 
ATOM   395  C CZ3 . TRP A 1 51  ? 8.690   -5.541  2.270   1.00 14.00 ? 51  TRP A CZ3 1 
ATOM   396  C CH2 . TRP A 1 51  ? 9.160   -6.864  2.277   1.00 12.99 ? 51  TRP A CH2 1 
ATOM   397  N N   . ASN A 1 52  ? 11.260  -0.534  7.159   1.00 11.27 ? 52  ASN A N   1 
ATOM   398  C CA  . ASN A 1 52  ? 11.496  0.892   7.385   1.00 13.17 ? 52  ASN A CA  1 
ATOM   399  C C   . ASN A 1 52  ? 12.995  1.080   7.690   1.00 14.64 ? 52  ASN A C   1 
ATOM   400  O O   . ASN A 1 52  ? 13.453  0.564   8.711   1.00 17.83 ? 52  ASN A O   1 
ATOM   401  C CB  . ASN A 1 52  ? 10.686  1.366   8.597   1.00 13.72 ? 52  ASN A CB  1 
ATOM   402  C CG  . ASN A 1 52  ? 10.738  2.874   8.757   1.00 17.29 ? 52  ASN A CG  1 
ATOM   403  O OD1 . ASN A 1 52  ? 11.461  3.559   8.035   1.00 16.97 ? 52  ASN A OD1 1 
ATOM   404  N ND2 . ASN A 1 52  ? 9.962   3.389   9.698   1.00 21.17 ? 52  ASN A ND2 1 
ATOM   405  N N   . PRO A 1 53  ? 13.696  1.744   6.808   1.00 13.54 ? 53  PRO A N   1 
ATOM   406  C CA  . PRO A 1 53  ? 13.171  2.423   5.658   1.00 14.11 ? 53  PRO A CA  1 
ATOM   407  C C   . PRO A 1 53  ? 12.900  1.546   4.453   1.00 14.21 ? 53  PRO A C   1 
ATOM   408  O O   . PRO A 1 53  ? 13.469  0.477   4.266   1.00 15.95 ? 53  PRO A O   1 
ATOM   409  C CB  . PRO A 1 53  ? 14.312  3.413   5.303   1.00 17.14 ? 53  PRO A CB  1 
ATOM   410  C CG  . PRO A 1 53  ? 15.540  2.678   5.723   1.00 17.09 ? 53  PRO A CG  1 
ATOM   411  C CD  . PRO A 1 53  ? 15.162  1.898   6.950   1.00 15.94 ? 53  PRO A CD  1 
ATOM   412  N N   . GLY A 1 54  ? 12.043  2.062   3.563   1.00 12.64 ? 54  GLY A N   1 
ATOM   413  C CA  . GLY A 1 54  ? 11.884  1.447   2.256   1.00 13.41 ? 54  GLY A CA  1 
ATOM   414  C C   . GLY A 1 54  ? 13.120  1.710   1.385   1.00 14.49 ? 54  GLY A C   1 
ATOM   415  O O   . GLY A 1 54  ? 13.980  2.506   1.755   1.00 14.37 ? 54  GLY A O   1 
ATOM   416  N N   . LEU A 1 55  ? 13.167  1.034   0.259   1.00 13.57 ? 55  LEU A N   1 
ATOM   417  C CA  . LEU A 1 55  ? 14.179  1.232   -0.765  1.00 15.12 ? 55  LEU A CA  1 
ATOM   418  C C   . LEU A 1 55  ? 13.500  1.550   -2.094  1.00 13.85 ? 55  LEU A C   1 
ATOM   419  O O   . LEU A 1 55  ? 12.363  1.140   -2.326  1.00 15.86 ? 55  LEU A O   1 
ATOM   420  C CB  . LEU A 1 55  ? 15.012  -0.053  -0.925  1.00 16.16 ? 55  LEU A CB  1 
ATOM   421  C CG  . LEU A 1 55  ? 15.725  -0.557  0.324   1.00 16.59 ? 55  LEU A CG  1 
ATOM   422  C CD1 . LEU A 1 55  ? 16.452  -1.868  0.030   1.00 21.90 ? 55  LEU A CD1 1 
ATOM   423  C CD2 . LEU A 1 55  ? 16.703  0.479   0.850   1.00 26.04 ? 55  LEU A CD2 1 
ATOM   424  N N   . ASN A 1 56  ? 14.193  2.292   -2.955  1.00 15.29 ? 56  ASN A N   1 
ATOM   425  C CA  . ASN A 1 56  ? 13.622  2.539   -4.291  1.00 16.45 ? 56  ASN A CA  1 
ATOM   426  C C   . ASN A 1 56  ? 13.566  1.203   -5.051  1.00 15.37 ? 56  ASN A C   1 
ATOM   427  O O   . ASN A 1 56  ? 12.695  1.004   -5.892  1.00 20.95 ? 56  ASN A O   1 
ATOM   428  C CB  . ASN A 1 56  ? 14.492  3.530   -5.055  1.00 22.28 ? 56  ASN A CB  1 
ATOM   429  C CG  . ASN A 1 56  ? 14.036  4.966   -4.888  1.00 27.28 ? 56  ASN A CG  1 
ATOM   430  O OD1 . ASN A 1 56  ? 13.380  5.315   -3.909  1.00 27.84 ? 56  ASN A OD1 1 
ATOM   431  N ND2 . ASN A 1 56  ? 14.384  5.803   -5.858  1.00 34.79 ? 56  ASN A ND2 1 
ATOM   432  N N   . ALA A 1 57  ? 14.503  0.326   -4.715  1.00 14.57 ? 57  ALA A N   1 
ATOM   433  C CA  . ALA A 1 57  ? 14.635  -0.954  -5.398  1.00 15.86 ? 57  ALA A CA  1 
ATOM   434  C C   . ALA A 1 57  ? 14.702  -2.121  -4.436  1.00 15.69 ? 57  ALA A C   1 
ATOM   435  O O   . ALA A 1 57  ? 15.760  -2.521  -3.958  1.00 24.55 ? 57  ALA A O   1 
ATOM   436  C CB  . ALA A 1 57  ? 15.813  -0.950  -6.354  1.00 19.14 ? 57  ALA A CB  1 
ATOM   437  N N   . ARG A 1 58  ? 13.533  -2.671  -4.112  1.00 15.28 ? 58  ARG A N   1 
ATOM   438  C CA  . ARG A 1 58  ? 13.452  -3.865  -3.275  1.00 12.91 ? 58  ARG A CA  1 
ATOM   439  C C   . ARG A 1 58  ? 12.620  -4.916  -4.022  1.00 12.36 ? 58  ARG A C   1 
ATOM   440  O O   . ARG A 1 58  ? 11.635  -4.559  -4.662  1.00 14.83 ? 58  ARG A O   1 
ATOM   441  C CB  . ARG A 1 58  ? 12.745  -3.534  -1.944  1.00 13.67 ? 58  ARG A CB  1 
ATOM   442  C CG  . ARG A 1 58  ? 12.805  -4.681  -0.946  1.00 14.87 ? 58  ARG A CG  1 
ATOM   443  C CD  . ARG A 1 58  ? 12.032  -4.386  0.322   1.00 16.43 ? 58  ARG A CD  1 
ATOM   444  N NE  . ARG A 1 58  ? 12.585  -3.299  1.091   1.00 17.65 ? 58  ARG A NE  1 
ATOM   445  C CZ  . ARG A 1 58  ? 13.560  -3.340  1.974   1.00 17.76 ? 58  ARG A CZ  1 
ATOM   446  N NH1 . ARG A 1 58  ? 14.243  -4.453  2.193   1.00 21.65 ? 58  ARG A NH1 1 
ATOM   447  N NH2 . ARG A 1 58  ? 13.866  -2.254  2.681   1.00 16.39 ? 58  ARG A NH2 1 
ATOM   448  N N   . ALA A 1 59  ? 13.047  -6.166  -3.955  1.00 12.84 ? 59  ALA A N   1 
ATOM   449  C CA  . ALA A 1 59  ? 12.235  -7.241  -4.566  1.00 12.47 ? 59  ALA A CA  1 
ATOM   450  C C   . ALA A 1 59  ? 11.295  -7.777  -3.477  1.00 11.91 ? 59  ALA A C   1 
ATOM   451  O O   . ALA A 1 59  ? 11.742  -8.451  -2.559  1.00 12.61 ? 59  ALA A O   1 
ATOM   452  C CB  . ALA A 1 59  ? 13.163  -8.366  -5.029  1.00 14.94 ? 59  ALA A CB  1 
ATOM   453  N N   . ILE A 1 60  ? 10.034  -7.383  -3.574  1.00 12.81 ? 60  ILE A N   1 
ATOM   454  C CA  . ILE A 1 60  ? 9.067   -7.716  -2.536  1.00 12.76 ? 60  ILE A CA  1 
ATOM   455  C C   . ILE A 1 60  ? 8.137   -8.834  -2.976  1.00 12.10 ? 60  ILE A C   1 
ATOM   456  O O   . ILE A 1 60  ? 7.463   -8.748  -3.995  1.00 16.57 ? 60  ILE A O   1 
ATOM   457  C CB  . ILE A 1 60  ? 8.232   -6.489  -2.126  1.00 12.36 ? 60  ILE A CB  1 
ATOM   458  C CG1 . ILE A 1 60  ? 9.070   -5.394  -1.441  1.00 12.63 ? 60  ILE A CG1 1 
ATOM   459  C CG2 . ILE A 1 60  ? 7.098   -6.935  -1.191  1.00 12.81 ? 60  ILE A CG2 1 
ATOM   460  C CD1 . ILE A 1 60  ? 8.296   -4.097  -1.268  1.00 15.12 ? 60  ILE A CD1 1 
ATOM   461  N N   . HIS A 1 61  ? 8.096   -9.888  -2.162  1.00 12.27 ? 61  HIS A N   1 
ATOM   462  C CA  . HIS A 1 61  ? 7.212   -11.011 -2.443  1.00 12.71 ? 61  HIS A CA  1 
ATOM   463  C C   . HIS A 1 61  ? 6.046   -11.008 -1.445  1.00 13.41 ? 61  HIS A C   1 
ATOM   464  O O   . HIS A 1 61  ? 6.223   -10.671 -0.280  1.00 14.56 ? 61  HIS A O   1 
ATOM   465  C CB  . HIS A 1 61  ? 7.973   -12.335 -2.329  1.00 15.82 ? 61  HIS A CB  1 
ATOM   466  C CG  . HIS A 1 61  ? 7.152   -13.520 -2.753  1.00 17.09 ? 61  HIS A CG  1 
ATOM   467  N ND1 . HIS A 1 61  ? 6.458   -14.301 -1.856  1.00 18.44 ? 61  HIS A ND1 1 
ATOM   468  C CD2 . HIS A 1 61  ? 6.933   -14.053 -3.978  1.00 18.06 ? 61  HIS A CD2 1 
ATOM   469  C CE1 . HIS A 1 61  ? 5.836   -15.269 -2.510  1.00 19.16 ? 61  HIS A CE1 1 
ATOM   470  N NE2 . HIS A 1 61  ? 6.100   -15.133 -3.797  1.00 20.66 ? 61  HIS A NE2 1 
ATOM   471  N N   . PHE A 1 62  ? 4.878   -11.377 -1.944  1.00 12.00 ? 62  PHE A N   1 
ATOM   472  C CA  . PHE A 1 62  ? 3.696   -11.494 -1.111  1.00 12.36 ? 62  PHE A CA  1 
ATOM   473  C C   . PHE A 1 62  ? 2.833   -12.666 -1.573  1.00 12.43 ? 62  PHE A C   1 
ATOM   474  O O   . PHE A 1 62  ? 2.826   -13.047 -2.736  1.00 11.16 ? 62  PHE A O   1 
ATOM   475  C CB  . PHE A 1 62  ? 2.877   -10.202 -1.149  1.00 12.59 ? 62  PHE A CB  1 
ATOM   476  C CG  . PHE A 1 62  ? 2.253   -9.917  -2.506  1.00 13.97 ? 62  PHE A CG  1 
ATOM   477  C CD1 . PHE A 1 62  ? 3.014   -9.369  -3.525  1.00 17.20 ? 62  PHE A CD1 1 
ATOM   478  C CD2 . PHE A 1 62  ? 0.921   -10.201 -2.744  1.00 15.66 ? 62  PHE A CD2 1 
ATOM   479  C CE1 . PHE A 1 62  ? 2.451   -9.103  -4.759  1.00 18.56 ? 62  PHE A CE1 1 
ATOM   480  C CE2 . PHE A 1 62  ? 0.350   -9.934  -3.971  1.00 17.67 ? 62  PHE A CE2 1 
ATOM   481  C CZ  . PHE A 1 62  ? 1.122   -9.402  -4.988  1.00 17.40 ? 62  PHE A CZ  1 
ATOM   482  N N   . GLU A 1 63  ? 2.127   -13.238 -0.612  1.00 11.53 ? 63  GLU A N   1 
ATOM   483  C CA  . GLU A 1 63  ? 1.217   -14.340 -0.880  1.00 13.06 ? 63  GLU A CA  1 
ATOM   484  C C   . GLU A 1 63  ? 0.238   -14.483 0.279   1.00 13.00 ? 63  GLU A C   1 
ATOM   485  O O   . GLU A 1 63  ? 0.433   -13.927 1.354   1.00 13.35 ? 63  GLU A O   1 
ATOM   486  C CB  . GLU A 1 63  ? 2.026   -15.646 -1.032  1.00 18.05 ? 63  GLU A CB  1 
ATOM   487  C CG  . GLU A 1 63  ? 2.636   -16.125 0.268   1.00 24.43 ? 63  GLU A CG  1 
ATOM   488  C CD  . GLU A 1 63  ? 3.640   -17.246 0.072   1.00 30.90 ? 63  GLU A CD  1 
ATOM   489  O OE1 . GLU A 1 63  ? 4.282   -17.289 -0.996  1.00 35.38 ? 63  GLU A OE1 1 
ATOM   490  O OE2 . GLU A 1 63  ? 3.783   -18.073 0.996   1.00 41.20 ? 63  GLU A OE2 1 
ATOM   491  N N   . GLY A 1 64  ? -0.826  -15.249 0.050   1.00 13.88 ? 64  GLY A N   1 
ATOM   492  C CA  . GLY A 1 64  ? -1.726  -15.561 1.144   1.00 13.64 ? 64  GLY A CA  1 
ATOM   493  C C   . GLY A 1 64  ? -3.176  -15.504 0.711   1.00 13.38 ? 64  GLY A C   1 
ATOM   494  O O   . GLY A 1 64  ? -3.497  -15.752 -0.444  1.00 17.33 ? 64  GLY A O   1 
ATOM   495  N N   . VAL A 1 65  ? -4.026  -15.172 1.668   1.00 13.14 ? 65  VAL A N   1 
ATOM   496  C CA  . VAL A 1 65  ? -5.469  -15.139 1.451   1.00 14.53 ? 65  VAL A CA  1 
ATOM   497  C C   . VAL A 1 65  ? -5.920  -13.668 1.386   1.00 13.83 ? 65  VAL A C   1 
ATOM   498  O O   . VAL A 1 65  ? -5.568  -12.883 2.258   1.00 14.97 ? 65  VAL A O   1 
ATOM   499  C CB  . VAL A 1 65  ? -6.187  -15.815 2.645   1.00 16.54 ? 65  VAL A CB  1 
ATOM   500  C CG1 . VAL A 1 65  ? -7.685  -15.770 2.465   1.00 21.87 ? 65  VAL A CG1 1 
ATOM   501  C CG2 . VAL A 1 65  ? -5.682  -17.238 2.811   1.00 20.45 ? 65  VAL A CG2 1 
ATOM   502  N N   . TYR A 1 66  ? -6.612  -13.344 0.316   1.00 14.59 ? 66  TYR A N   1 
ATOM   503  C CA  . TYR A 1 66  ? -7.155  -12.007 0.104   1.00 15.27 ? 66  TYR A CA  1 
ATOM   504  C C   . TYR A 1 66  ? -8.600  -12.104 -0.354  1.00 17.75 ? 66  TYR A C   1 
ATOM   505  O O   . TYR A 1 66  ? -8.889  -12.451 -1.500  1.00 18.93 ? 66  TYR A O   1 
ATOM   506  C CB  . TYR A 1 66  ? -6.289  -11.233 -0.881  1.00 15.02 ? 66  TYR A CB  1 
ATOM   507  C CG  . TYR A 1 66  ? -6.808  -9.849  -1.192  1.00 13.99 ? 66  TYR A CG  1 
ATOM   508  C CD1 . TYR A 1 66  ? -6.918  -8.892  -0.193  1.00 14.28 ? 66  TYR A CD1 1 
ATOM   509  C CD2 . TYR A 1 66  ? -7.210  -9.510  -2.474  1.00 14.13 ? 66  TYR A CD2 1 
ATOM   510  C CE1 . TYR A 1 66  ? -7.401  -7.627  -0.474  1.00 14.07 ? 66  TYR A CE1 1 
ATOM   511  C CE2 . TYR A 1 66  ? -7.703  -8.251  -2.765  1.00 14.29 ? 66  TYR A CE2 1 
ATOM   512  C CZ  . TYR A 1 66  ? -7.796  -7.313  -1.753  1.00 14.20 ? 66  TYR A CZ  1 
ATOM   513  O OH  . TYR A 1 66  ? -8.278  -6.056  -2.034  1.00 14.60 ? 66  TYR A OH  1 
ATOM   514  N N   . GLN A 1 67  ? -9.531  -11.888 0.581   1.00 15.93 ? 67  GLN A N   1 
ATOM   515  C CA  . GLN A 1 67  ? -10.942 -12.120 0.295   1.00 15.85 ? 67  GLN A CA  1 
ATOM   516  C C   . GLN A 1 67  ? -11.788 -10.911 0.652   1.00 15.13 ? 67  GLN A C   1 
ATOM   517  O O   . GLN A 1 67  ? -12.533 -10.899 1.630   1.00 14.47 ? 67  GLN A O   1 
ATOM   518  C CB  . GLN A 1 67  ? -11.447 -13.353 1.042   1.00 19.08 ? 67  GLN A CB  1 
ATOM   519  C CG  . GLN A 1 67  ? -10.785 -14.649 0.641   1.00 25.42 ? 67  GLN A CG  1 
ATOM   520  C CD  . GLN A 1 67  ? -11.135 -15.814 1.545   1.00 32.11 ? 67  GLN A CD  1 
ATOM   521  O OE1 . GLN A 1 67  ? -11.706 -15.638 2.621   1.00 41.09 ? 67  GLN A OE1 1 
ATOM   522  N NE2 . GLN A 1 67  ? -10.789 -17.021 1.102   1.00 40.14 ? 67  GLN A NE2 1 
ATOM   523  N N   . PRO A 1 68  ? -11.667 -9.858  -0.150  1.00 16.41 ? 68  PRO A N   1 
ATOM   524  C CA  . PRO A 1 68  ? -12.506 -8.674  0.093   1.00 16.63 ? 68  PRO A CA  1 
ATOM   525  C C   . PRO A 1 68  ? -13.937 -8.923  -0.397  1.00 17.57 ? 68  PRO A C   1 
ATOM   526  O O   . PRO A 1 68  ? -14.162 -9.729  -1.299  1.00 16.64 ? 68  PRO A O   1 
ATOM   527  C CB  . PRO A 1 68  ? -11.846 -7.614  -0.805  1.00 16.10 ? 68  PRO A CB  1 
ATOM   528  C CG  . PRO A 1 68  ? -11.298 -8.426  -1.946  1.00 16.63 ? 68  PRO A CG  1 
ATOM   529  C CD  . PRO A 1 68  ? -10.757 -9.675  -1.290  1.00 16.49 ? 68  PRO A CD  1 
ATOM   530  N N   . ASN A 1 69  ? -14.874 -8.199  0.185   1.00 17.95 ? 69  ASN A N   1 
ATOM   531  C CA  . ASN A 1 69  ? -16.248 -8.150  -0.341  1.00 20.86 ? 69  ASN A CA  1 
ATOM   532  C C   . ASN A 1 69  ? -16.648 -6.670  -0.468  1.00 20.08 ? 69  ASN A C   1 
ATOM   533  O O   . ASN A 1 69  ? -17.172 -6.087  0.474   1.00 21.35 ? 69  ASN A O   1 
ATOM   534  C CB  . ASN A 1 69  ? -17.206 -8.863  0.609   1.00 25.74 ? 69  ASN A CB  1 
ATOM   535  C CG  . ASN A 1 69  ? -18.534 -9.196  -0.049  1.00 31.65 ? 69  ASN A CG  1 
ATOM   536  O OD1 . ASN A 1 69  ? -19.010 -8.468  -0.919  1.00 36.24 ? 69  ASN A OD1 1 
ATOM   537  N ND2 . ASN A 1 69  ? -19.130 -10.310 0.361   1.00 41.15 ? 69  ASN A ND2 1 
ATOM   538  N N   . GLY A 1 70  ? -16.283 -6.077  -1.593  1.00 17.97 ? 70  GLY A N   1 
ATOM   539  C CA  . GLY A 1 70  ? -16.502 -4.668  -1.832  1.00 17.97 ? 70  GLY A CA  1 
ATOM   540  C C   . GLY A 1 70  ? -15.189 -3.906  -2.000  1.00 17.95 ? 70  GLY A C   1 
ATOM   541  O O   . GLY A 1 70  ? -14.195 -4.491  -2.427  1.00 21.26 ? 70  GLY A O   1 
ATOM   542  N N   . ASN A 1 71  ? -15.216 -2.626  -1.693  1.00 16.62 ? 71  ASN A N   1 
ATOM   543  C CA  . ASN A 1 71  ? -14.129 -1.697  -1.884  1.00 15.33 ? 71  ASN A CA  1 
ATOM   544  C C   . ASN A 1 71  ? -12.909 -2.064  -1.043  1.00 15.24 ? 71  ASN A C   1 
ATOM   545  O O   . ASN A 1 71  ? -12.965 -2.023  0.186   1.00 14.78 ? 71  ASN A O   1 
ATOM   546  C CB  . ASN A 1 71  ? -14.573 -0.270  -1.543  1.00 19.05 ? 71  ASN A CB  1 
ATOM   547  C CG  . ASN A 1 71  ? -13.768 0.782   -2.271  1.00 25.63 ? 71  ASN A CG  1 
ATOM   548  O OD1 . ASN A 1 71  ? -12.604 0.564   -2.613  1.00 33.68 ? 71  ASN A OD1 1 
ATOM   549  N ND2 . ASN A 1 71  ? -14.384 1.930   -2.530  1.00 36.23 ? 71  ASN A ND2 1 
ATOM   550  N N   . SER A 1 72  ? -11.820 -2.401  -1.719  1.00 12.32 ? 72  SER A N   1 
ATOM   551  C CA  . SER A 1 72  ? -10.607 -2.873  -1.035  1.00 10.61 ? 72  SER A CA  1 
ATOM   552  C C   . SER A 1 72  ? -9.451  -2.909  -2.038  1.00 9.52  ? 72  SER A C   1 
ATOM   553  O O   . SER A 1 72  ? -9.658  -3.029  -3.242  1.00 12.03 ? 72  SER A O   1 
ATOM   554  C CB  . SER A 1 72  ? -10.863 -4.308  -0.526  1.00 11.90 ? 72  SER A CB  1 
ATOM   555  O OG  . SER A 1 72  ? -9.694  -4.886  0.028   1.00 15.45 ? 72  SER A OG  1 
ATOM   556  N N   . TYR A 1 73  ? -8.231  -2.823  -1.523  1.00 9.63  ? 73  TYR A N   1 
ATOM   557  C CA  . TYR A 1 73  ? -7.072  -3.034  -2.364  1.00 11.57 ? 73  TYR A CA  1 
ATOM   558  C C   . TYR A 1 73  ? -5.936  -3.706  -1.615  1.00 11.30 ? 73  TYR A C   1 
ATOM   559  O O   . TYR A 1 73  ? -5.898  -3.695  -0.385  1.00 9.47  ? 73  TYR A O   1 
ATOM   560  C CB  . TYR A 1 73  ? -6.639  -1.820  -3.129  1.00 13.56 ? 73  TYR A CB  1 
ATOM   561  C CG  . TYR A 1 73  ? -6.182  -0.642  -2.312  1.00 16.21 ? 73  TYR A CG  1 
ATOM   562  C CD1 . TYR A 1 73  ? -4.925  -0.614  -1.738  1.00 18.55 ? 73  TYR A CD1 1 
ATOM   563  C CD2 . TYR A 1 73  ? -7.018  0.456   -2.118  1.00 18.01 ? 73  TYR A CD2 1 
ATOM   564  C CE1 . TYR A 1 73  ? -4.492  0.463   -0.992  1.00 21.25 ? 73  TYR A CE1 1 
ATOM   565  C CE2 . TYR A 1 73  ? -6.592  1.536   -1.371  1.00 19.00 ? 73  TYR A CE2 1 
ATOM   566  C CZ  . TYR A 1 73  ? -5.339  1.542   -0.817  1.00 20.62 ? 73  TYR A CZ  1 
ATOM   567  O OH  . TYR A 1 73  ? -4.915  2.608   -0.057  1.00 31.12 ? 73  TYR A OH  1 
ATOM   568  N N   . LEU A 1 74  ? -5.045  -4.297  -2.384  1.00 10.03 ? 74  LEU A N   1 
ATOM   569  C CA  . LEU A 1 74  ? -3.808  -4.913  -1.890  1.00 10.14 ? 74  LEU A CA  1 
ATOM   570  C C   . LEU A 1 74  ? -2.640  -4.238  -2.630  1.00 10.34 ? 74  LEU A C   1 
ATOM   571  O O   . LEU A 1 74  ? -2.636  -4.201  -3.858  1.00 10.05 ? 74  LEU A O   1 
ATOM   572  C CB  . LEU A 1 74  ? -3.849  -6.404  -2.248  1.00 11.73 ? 74  LEU A CB  1 
ATOM   573  C CG  . LEU A 1 74  ? -2.682  -7.270  -1.800  1.00 13.28 ? 74  LEU A CG  1 
ATOM   574  C CD1 . LEU A 1 74  ? -2.498  -7.208  -0.301  1.00 14.67 ? 74  LEU A CD1 1 
ATOM   575  C CD2 . LEU A 1 74  ? -2.895  -8.715  -2.256  1.00 17.04 ? 74  LEU A CD2 1 
ATOM   576  N N   . ALA A 1 75  ? -1.751  -3.594  -1.888  1.00 9.77  ? 75  ALA A N   1 
ATOM   577  C CA  . ALA A 1 75  ? -0.724  -2.774  -2.534  1.00 10.82 ? 75  ALA A CA  1 
ATOM   578  C C   . ALA A 1 75  ? 0.573   -2.738  -1.765  1.00 10.73 ? 75  ALA A C   1 
ATOM   579  O O   . ALA A 1 75  ? 0.621   -2.810  -0.540  1.00 12.47 ? 75  ALA A O   1 
ATOM   580  C CB  . ALA A 1 75  ? -1.263  -1.341  -2.689  1.00 13.19 ? 75  ALA A CB  1 
ATOM   581  N N   . VAL A 1 76  ? 1.671   -2.528  -2.509  1.00 9.23  ? 76  VAL A N   1 
ATOM   582  C CA  . VAL A 1 76  ? 2.895   -2.049  -1.851  1.00 7.99  ? 76  VAL A CA  1 
ATOM   583  C C   . VAL A 1 76  ? 2.696   -0.542  -1.589  1.00 9.62  ? 76  VAL A C   1 
ATOM   584  O O   . VAL A 1 76  ? 2.267   0.177   -2.488  1.00 12.24 ? 76  VAL A O   1 
ATOM   585  C CB  . VAL A 1 76  ? 4.122   -2.241  -2.755  1.00 10.98 ? 76  VAL A CB  1 
ATOM   586  C CG1 . VAL A 1 76  ? 5.364   -1.671  -2.094  1.00 10.87 ? 76  VAL A CG1 1 
ATOM   587  C CG2 . VAL A 1 76  ? 4.313   -3.720  -3.066  1.00 11.91 ? 76  VAL A CG2 1 
ATOM   588  N N   . TYR A 1 77  ? 2.889   -0.152  -0.357  1.00 9.47  ? 77  TYR A N   1 
ATOM   589  C CA  . TYR A 1 77  ? 2.442   1.171   0.122   1.00 11.33 ? 77  TYR A CA  1 
ATOM   590  C C   . TYR A 1 77  ? 3.501   1.758   1.033   1.00 10.85 ? 77  TYR A C   1 
ATOM   591  O O   . TYR A 1 77  ? 4.056   1.084   1.903   1.00 11.65 ? 77  TYR A O   1 
ATOM   592  C CB  . TYR A 1 77  ? 1.130   0.980   0.885   1.00 14.75 ? 77  TYR A CB  1 
ATOM   593  C CG  . TYR A 1 77  ? 0.670   2.148   1.711   1.00 16.33 ? 77  TYR A CG  1 
ATOM   594  C CD1 . TYR A 1 77  ? 0.392   3.383   1.151   1.00 19.73 ? 77  TYR A CD1 1 
ATOM   595  C CD2 . TYR A 1 77  ? 0.486   2.006   3.085   1.00 18.02 ? 77  TYR A CD2 1 
ATOM   596  C CE1 . TYR A 1 77  ? -0.036  4.447   1.928   1.00 21.63 ? 77  TYR A CE1 1 
ATOM   597  C CE2 . TYR A 1 77  ? 0.063   3.054   3.864   1.00 18.94 ? 77  TYR A CE2 1 
ATOM   598  C CZ  . TYR A 1 77  ? -0.200  4.277   3.280   1.00 21.45 ? 77  TYR A CZ  1 
ATOM   599  O OH  . TYR A 1 77  ? -0.628  5.323   4.073   1.00 20.92 ? 77  TYR A OH  1 
ATOM   600  N N   . GLY A 1 78  ? 3.820   3.040   0.837   1.00 9.02  ? 78  GLY A N   1 
ATOM   601  C CA  . GLY A 1 78  ? 4.795   3.653   1.727   1.00 8.00  ? 78  GLY A CA  1 
ATOM   602  C C   . GLY A 1 78  ? 4.837   5.165   1.585   1.00 8.55  ? 78  GLY A C   1 
ATOM   603  O O   . GLY A 1 78  ? 4.029   5.755   0.868   1.00 11.71 ? 78  GLY A O   1 
ATOM   604  N N   . TRP A 1 79  ? 5.802   5.759   2.263   1.00 9.33  ? 79  TRP A N   1 
ATOM   605  C CA  . TRP A 1 79  ? 5.981   7.210   2.256   1.00 10.61 ? 79  TRP A CA  1 
ATOM   606  C C   . TRP A 1 79  ? 7.476   7.529   2.028   1.00 11.87 ? 79  TRP A C   1 
ATOM   607  O O   . TRP A 1 79  ? 8.333   6.744   2.408   1.00 11.77 ? 79  TRP A O   1 
ATOM   608  C CB  . TRP A 1 79  ? 5.617   7.765   3.647   1.00 11.11 ? 79  TRP A CB  1 
ATOM   609  C CG  . TRP A 1 79  ? 4.186   7.618   4.029   1.00 12.71 ? 79  TRP A CG  1 
ATOM   610  C CD1 . TRP A 1 79  ? 3.572   6.520   4.561   1.00 15.08 ? 79  TRP A CD1 1 
ATOM   611  C CD2 . TRP A 1 79  ? 3.169   8.630   3.926   1.00 13.94 ? 79  TRP A CD2 1 
ATOM   612  N NE1 . TRP A 1 79  ? 2.236   6.785   4.781   1.00 16.19 ? 79  TRP A NE1 1 
ATOM   613  C CE2 . TRP A 1 79  ? 1.971   8.072   4.402   1.00 14.75 ? 79  TRP A CE2 1 
ATOM   614  C CE3 . TRP A 1 79  ? 3.174   9.952   3.474   1.00 14.10 ? 79  TRP A CE3 1 
ATOM   615  C CZ2 . TRP A 1 79  ? 0.774   8.793   4.440   1.00 15.94 ? 79  TRP A CZ2 1 
ATOM   616  C CZ3 . TRP A 1 79  ? 1.990   10.659  3.510   1.00 14.44 ? 79  TRP A CZ3 1 
ATOM   617  C CH2 . TRP A 1 79  ? 0.810   10.084  3.985   1.00 14.53 ? 79  TRP A CH2 1 
ATOM   618  N N   . THR A 1 80  ? 7.714   8.691   1.466   1.00 10.89 ? 80  THR A N   1 
ATOM   619  C CA  . THR A 1 80  ? 8.959   9.400   1.538   1.00 10.82 ? 80  THR A CA  1 
ATOM   620  C C   . THR A 1 80  ? 8.716   10.785  2.191   1.00 12.10 ? 80  THR A C   1 
ATOM   621  O O   . THR A 1 80  ? 7.567   11.223  2.232   1.00 12.22 ? 80  THR A O   1 
ATOM   622  C CB  . THR A 1 80  ? 9.634   9.629   0.187   1.00 11.89 ? 80  THR A CB  1 
ATOM   623  O OG1 . THR A 1 80  ? 8.897   10.560  -0.603  1.00 12.26 ? 80  THR A OG1 1 
ATOM   624  C CG2 . THR A 1 80  ? 9.727   8.344   -0.617  1.00 15.38 ? 80  THR A CG2 1 
ATOM   625  N N   . ARG A 1 81  ? 9.783   11.385  2.641   1.00 13.25 ? 81  ARG A N   1 
ATOM   626  C CA  . ARG A 1 81  ? 9.809   12.760  3.125   1.00 14.85 ? 81  ARG A CA  1 
ATOM   627  C C   . ARG A 1 81  ? 10.789  13.572  2.249   1.00 16.98 ? 81  ARG A C   1 
ATOM   628  O O   . ARG A 1 81  ? 11.707  12.997  1.673   1.00 15.15 ? 81  ARG A O   1 
ATOM   629  C CB  . ARG A 1 81  ? 10.321  12.795  4.568   1.00 16.70 ? 81  ARG A CB  1 
ATOM   630  C CG  . ARG A 1 81  ? 9.369   12.203  5.590   1.00 18.38 ? 81  ARG A CG  1 
ATOM   631  C CD  . ARG A 1 81  ? 9.822   12.570  7.003   1.00 21.06 ? 81  ARG A CD  1 
ATOM   632  N NE  . ARG A 1 81  ? 8.816   12.188  8.000   1.00 22.15 ? 81  ARG A NE  1 
ATOM   633  C CZ  . ARG A 1 81  ? 9.043   11.306  8.966   1.00 23.12 ? 81  ARG A CZ  1 
ATOM   634  N NH1 . ARG A 1 81  ? 10.094  10.500  8.887   1.00 20.58 ? 81  ARG A NH1 1 
ATOM   635  N NH2 . ARG A 1 81  ? 8.229   11.239  10.010  1.00 21.20 ? 81  ARG A NH2 1 
ATOM   636  N N   . ASN A 1 82  ? 10.563  14.871  2.186   1.00 17.02 ? 82  ASN A N   1 
ATOM   637  C CA  . ASN A 1 82  ? 11.451  15.759  1.443   1.00 19.65 ? 82  ASN A CA  1 
ATOM   638  C C   . ASN A 1 82  ? 11.713  15.243  0.040   1.00 19.82 ? 82  ASN A C   1 
ATOM   639  O O   . ASN A 1 82  ? 12.853  14.918  -0.305  1.00 24.21 ? 82  ASN A O   1 
ATOM   640  C CB  . ASN A 1 82  ? 12.779  15.898  2.207   1.00 23.81 ? 82  ASN A CB  1 
ATOM   641  C CG  . ASN A 1 82  ? 12.528  16.332  3.645   1.00 29.18 ? 82  ASN A CG  1 
ATOM   642  O OD1 . ASN A 1 82  ? 11.850  17.331  3.881   1.00 40.54 ? 82  ASN A OD1 1 
ATOM   643  N ND2 . ASN A 1 82  ? 13.036  15.556  4.588   1.00 36.06 ? 82  ASN A ND2 1 
ATOM   644  N N   . PRO A 1 83  ? 10.676  15.191  -0.781  1.00 19.37 ? 83  PRO A N   1 
ATOM   645  C CA  . PRO A 1 83  ? 9.350   15.653  -0.408  1.00 19.67 ? 83  PRO A CA  1 
ATOM   646  C C   . PRO A 1 83  ? 8.463   14.579  0.199   1.00 19.43 ? 83  PRO A C   1 
ATOM   647  O O   . PRO A 1 83  ? 8.675   13.383  0.040   1.00 13.48 ? 83  PRO A O   1 
ATOM   648  C CB  . PRO A 1 83  ? 8.774   16.071  -1.778  1.00 20.00 ? 83  PRO A CB  1 
ATOM   649  C CG  . PRO A 1 83  ? 9.366   15.067  -2.715  1.00 20.79 ? 83  PRO A CG  1 
ATOM   650  C CD  . PRO A 1 83  ? 10.730  14.737  -2.182  1.00 20.33 ? 83  PRO A CD  1 
ATOM   651  N N   . LEU A 1 84  ? 7.414   15.042  0.887   1.00 17.84 ? 84  LEU A N   1 
ATOM   652  C CA  . LEU A 1 84  ? 6.408   14.155  1.448   1.00 16.20 ? 84  LEU A CA  1 
ATOM   653  C C   . LEU A 1 84  ? 5.562   13.544  0.325   1.00 16.20 ? 84  LEU A C   1 
ATOM   654  O O   . LEU A 1 84  ? 4.868   14.267  -0.392  1.00 13.80 ? 84  LEU A O   1 
ATOM   655  C CB  . LEU A 1 84  ? 5.472   14.946  2.382   1.00 16.92 ? 84  LEU A CB  1 
ATOM   656  C CG  . LEU A 1 84  ? 4.553   14.102  3.265   1.00 18.87 ? 84  LEU A CG  1 
ATOM   657  C CD1 . LEU A 1 84  ? 5.391   13.232  4.206   1.00 22.07 ? 84  LEU A CD1 1 
ATOM   658  C CD2 . LEU A 1 84  ? 3.626   14.997  4.080   1.00 19.23 ? 84  LEU A CD2 1 
ATOM   659  N N   . VAL A 1 85  ? 5.633   12.229  0.211   1.00 14.20 ? 85  VAL A N   1 
ATOM   660  C CA  . VAL A 1 85  ? 4.911   11.508  -0.832  1.00 13.00 ? 85  VAL A CA  1 
ATOM   661  C C   . VAL A 1 85  ? 4.340   10.199  -0.253  1.00 11.13 ? 85  VAL A C   1 
ATOM   662  O O   . VAL A 1 85  ? 5.038   9.516   0.484   1.00 13.12 ? 85  VAL A O   1 
ATOM   663  C CB  . VAL A 1 85  ? 5.856   11.125  -1.994  1.00 14.25 ? 85  VAL A CB  1 
ATOM   664  C CG1 . VAL A 1 85  ? 5.187   10.115  -2.912  1.00 18.55 ? 85  VAL A CG1 1 
ATOM   665  C CG2 . VAL A 1 85  ? 6.254   12.376  -2.769  1.00 15.48 ? 85  VAL A CG2 1 
ATOM   666  N N   . GLU A 1 86  ? 3.114   9.913   -0.624  1.00 10.65 ? 86  GLU A N   1 
ATOM   667  C CA  . GLU A 1 86  ? 2.475   8.619   -0.322  1.00 11.96 ? 86  GLU A CA  1 
ATOM   668  C C   . GLU A 1 86  ? 2.333   7.848   -1.637  1.00 12.39 ? 86  GLU A C   1 
ATOM   669  O O   . GLU A 1 86  ? 1.775   8.377   -2.603  1.00 14.95 ? 86  GLU A O   1 
ATOM   670  C CB  . GLU A 1 86  ? 1.088   8.899   0.269   1.00 14.44 ? 86  GLU A CB  1 
ATOM   671  C CG  . GLU A 1 86  ? 0.330   7.675   0.729   1.00 16.78 ? 86  GLU A CG  1 
ATOM   672  C CD  . GLU A 1 86  ? -1.013  8.036   1.351   1.00 19.40 ? 86  GLU A CD  1 
ATOM   673  O OE1 . GLU A 1 86  ? -1.700  8.909   0.784   1.00 21.24 ? 86  GLU A OE1 1 
ATOM   674  O OE2 . GLU A 1 86  ? -1.353  7.457   2.400   1.00 21.66 ? 86  GLU A OE2 1 
ATOM   675  N N   . TYR A 1 87  ? 2.888   6.638   -1.697  1.00 10.49 ? 87  TYR A N   1 
ATOM   676  C CA  . TYR A 1 87  ? 2.885   5.920   -2.974  1.00 11.02 ? 87  TYR A CA  1 
ATOM   677  C C   . TYR A 1 87  ? 2.235   4.549   -2.836  1.00 10.97 ? 87  TYR A C   1 
ATOM   678  O O   . TYR A 1 87  ? 2.195   3.983   -1.742  1.00 10.59 ? 87  TYR A O   1 
ATOM   679  C CB  . TYR A 1 87  ? 4.289   5.812   -3.553  1.00 10.80 ? 87  TYR A CB  1 
ATOM   680  C CG  . TYR A 1 87  ? 5.220   4.936   -2.750  1.00 10.67 ? 87  TYR A CG  1 
ATOM   681  C CD1 . TYR A 1 87  ? 5.206   3.554   -2.915  1.00 11.29 ? 87  TYR A CD1 1 
ATOM   682  C CD2 . TYR A 1 87  ? 6.098   5.470   -1.822  1.00 10.78 ? 87  TYR A CD2 1 
ATOM   683  C CE1 . TYR A 1 87  ? 6.050   2.752   -2.176  1.00 10.61 ? 87  TYR A CE1 1 
ATOM   684  C CE2 . TYR A 1 87  ? 6.945   4.676   -1.076  1.00 12.15 ? 87  TYR A CE2 1 
ATOM   685  C CZ  . TYR A 1 87  ? 6.917   3.304   -1.268  1.00 12.17 ? 87  TYR A CZ  1 
ATOM   686  O OH  . TYR A 1 87  ? 7.754   2.498   -0.531  1.00 13.58 ? 87  TYR A OH  1 
ATOM   687  N N   . TYR A 1 88  ? 1.685   4.071   -3.943  1.00 9.83  ? 88  TYR A N   1 
ATOM   688  C CA  . TYR A 1 88  ? 0.931   2.850   -4.033  1.00 10.38 ? 88  TYR A CA  1 
ATOM   689  C C   . TYR A 1 88  ? 1.312   2.088   -5.331  1.00 11.71 ? 88  TYR A C   1 
ATOM   690  O O   . TYR A 1 88  ? 1.151   2.644   -6.412  1.00 12.83 ? 88  TYR A O   1 
ATOM   691  C CB  . TYR A 1 88  ? -0.573  3.118   -4.138  1.00 12.26 ? 88  TYR A CB  1 
ATOM   692  C CG  . TYR A 1 88  ? -1.180  3.967   -3.068  1.00 16.32 ? 88  TYR A CG  1 
ATOM   693  C CD1 . TYR A 1 88  ? -1.083  5.353   -3.097  1.00 18.59 ? 88  TYR A CD1 1 
ATOM   694  C CD2 . TYR A 1 88  ? -1.902  3.382   -2.029  1.00 18.64 ? 88  TYR A CD2 1 
ATOM   695  C CE1 . TYR A 1 88  ? -1.660  6.131   -2.110  1.00 19.86 ? 88  TYR A CE1 1 
ATOM   696  C CE2 . TYR A 1 88  ? -2.481  4.155   -1.044  1.00 19.92 ? 88  TYR A CE2 1 
ATOM   697  C CZ  . TYR A 1 88  ? -2.356  5.523   -1.089  1.00 20.91 ? 88  TYR A CZ  1 
ATOM   698  O OH  . TYR A 1 88  ? -2.939  6.292   -0.103  1.00 28.54 ? 88  TYR A OH  1 
ATOM   699  N N   . ILE A 1 89  ? 1.702   0.850   -5.144  1.00 11.22 ? 89  ILE A N   1 
ATOM   700  C CA  . ILE A 1 89  ? 1.782   -0.110  -6.266  1.00 9.61  ? 89  ILE A CA  1 
ATOM   701  C C   . ILE A 1 89  ? 0.710   -1.169  -6.030  1.00 8.77  ? 89  ILE A C   1 
ATOM   702  O O   . ILE A 1 89  ? 0.836   -1.997  -5.125  1.00 8.97  ? 89  ILE A O   1 
ATOM   703  C CB  . ILE A 1 89  ? 3.186   -0.727  -6.336  1.00 10.50 ? 89  ILE A CB  1 
ATOM   704  C CG1 . ILE A 1 89  ? 4.296   0.337   -6.307  1.00 12.70 ? 89  ILE A CG1 1 
ATOM   705  C CG2 . ILE A 1 89  ? 3.337   -1.615  -7.558  1.00 10.08 ? 89  ILE A CG2 1 
ATOM   706  C CD1 . ILE A 1 89  ? 5.680   -0.191  -6.065  1.00 13.15 ? 89  ILE A CD1 1 
ATOM   707  N N   . VAL A 1 90  ? -0.411  -1.005  -6.720  1.00 8.59  ? 90  VAL A N   1 
ATOM   708  C CA  . VAL A 1 90  ? -1.621  -1.752  -6.459  1.00 8.98  ? 90  VAL A CA  1 
ATOM   709  C C   . VAL A 1 90  ? -1.688  -3.042  -7.267  1.00 11.20 ? 90  VAL A C   1 
ATOM   710  O O   . VAL A 1 90  ? -1.741  -3.006  -8.498  1.00 12.53 ? 90  VAL A O   1 
ATOM   711  C CB  . VAL A 1 90  ? -2.880  -0.911  -6.720  1.00 10.85 ? 90  VAL A CB  1 
ATOM   712  C CG1 . VAL A 1 90  ? -4.131  -1.687  -6.346  1.00 13.19 ? 90  VAL A CG1 1 
ATOM   713  C CG2 . VAL A 1 90  ? -2.788  0.386   -5.908  1.00 12.64 ? 90  VAL A CG2 1 
ATOM   714  N N   . GLU A 1 91  ? -1.655  -4.160  -6.561  1.00 11.79 ? 91  GLU A N   1 
ATOM   715  C CA  . GLU A 1 91  ? -1.559  -5.485  -7.155  1.00 10.82 ? 91  GLU A CA  1 
ATOM   716  C C   . GLU A 1 91  ? -2.919  -6.124  -7.356  1.00 12.09 ? 91  GLU A C   1 
ATOM   717  O O   . GLU A 1 91  ? -3.106  -7.005  -8.191  1.00 13.45 ? 91  GLU A O   1 
ATOM   718  C CB  . GLU A 1 91  ? -0.695  -6.383  -6.240  1.00 9.99  ? 91  GLU A CB  1 
ATOM   719  C CG  . GLU A 1 91  ? 0.759   -5.926  -6.187  1.00 10.24 ? 91  GLU A CG  1 
ATOM   720  C CD  . GLU A 1 91  ? 1.400   -6.025  -7.573  1.00 11.92 ? 91  GLU A CD  1 
ATOM   721  O OE1 . GLU A 1 91  ? 1.579   -7.165  -8.042  1.00 12.31 ? 91  GLU A OE1 1 
ATOM   722  O OE2 . GLU A 1 91  ? 1.658   -4.969  -8.168  1.00 12.61 ? 91  GLU A OE2 1 
ATOM   723  N N   . ASN A 1 92  ? -3.900  -5.668  -6.579  1.00 11.50 ? 92  ASN A N   1 
ATOM   724  C CA  . ASN A 1 92  ? -5.264  -6.212  -6.701  1.00 10.37 ? 92  ASN A CA  1 
ATOM   725  C C   . ASN A 1 92  ? -6.227  -5.234  -5.991  1.00 11.20 ? 92  ASN A C   1 
ATOM   726  O O   . ASN A 1 92  ? -5.794  -4.484  -5.119  1.00 11.76 ? 92  ASN A O   1 
ATOM   727  C CB  . ASN A 1 92  ? -5.317  -7.569  -6.017  1.00 10.68 ? 92  ASN A CB  1 
ATOM   728  C CG  . ASN A 1 92  ? -6.455  -8.458  -6.435  1.00 11.68 ? 92  ASN A CG  1 
ATOM   729  O OD1 . ASN A 1 92  ? -7.498  -8.022  -6.899  1.00 14.52 ? 92  ASN A OD1 1 
ATOM   730  N ND2 . ASN A 1 92  ? -6.250  -9.770  -6.261  1.00 17.06 ? 92  ASN A ND2 1 
ATOM   731  N N   . PHE A 1 93  ? -7.468  -5.239  -6.415  1.00 13.84 ? 93  PHE A N   1 
ATOM   732  C CA  . PHE A 1 93  ? -8.489  -4.374  -5.833  1.00 18.46 ? 93  PHE A CA  1 
ATOM   733  C C   . PHE A 1 93  ? -9.871  -4.984  -6.019  1.00 23.44 ? 93  PHE A C   1 
ATOM   734  O O   . PHE A 1 93  ? -10.061 -5.798  -6.929  1.00 23.56 ? 93  PHE A O   1 
ATOM   735  C CB  . PHE A 1 93  ? -8.405  -2.963  -6.306  1.00 18.03 ? 93  PHE A CB  1 
ATOM   736  C CG  . PHE A 1 93  ? -8.550  -2.708  -7.791  1.00 21.25 ? 93  PHE A CG  1 
ATOM   737  C CD1 . PHE A 1 93  ? -9.798  -2.521  -8.358  1.00 21.88 ? 93  PHE A CD1 1 
ATOM   738  C CD2 . PHE A 1 93  ? -7.433  -2.630  -8.610  1.00 23.25 ? 93  PHE A CD2 1 
ATOM   739  C CE1 . PHE A 1 93  ? -9.939  -2.251  -9.704  1.00 22.83 ? 93  PHE A CE1 1 
ATOM   740  C CE2 . PHE A 1 93  ? -7.562  -2.377  -9.962  1.00 24.17 ? 93  PHE A CE2 1 
ATOM   741  C CZ  . PHE A 1 93  ? -8.816  -2.179  -10.513 1.00 24.73 ? 93  PHE A CZ  1 
ATOM   742  N N   . GLY A 1 94  ? -10.791 -4.650  -5.132  1.00 26.16 ? 94  GLY A N   1 
ATOM   743  C CA  . GLY A 1 94  ? -12.098 -5.274  -5.086  1.00 28.70 ? 94  GLY A CA  1 
ATOM   744  C C   . GLY A 1 94  ? -13.025 -4.812  -6.185  1.00 32.02 ? 94  GLY A C   1 
ATOM   745  O O   . GLY A 1 94  ? -13.227 -5.520  -7.176  1.00 45.16 ? 94  GLY A O   1 
ATOM   746  N N   . THR A 1 95  ? -13.623 -3.636  -6.019  1.00 31.34 ? 95  THR A N   1 
ATOM   747  C CA  . THR A 1 95  ? -14.610 -3.137  -6.951  1.00 32.51 ? 95  THR A CA  1 
ATOM   748  C C   . THR A 1 95  ? -14.153 -1.942  -7.742  1.00 33.80 ? 95  THR A C   1 
ATOM   749  O O   . THR A 1 95  ? -14.166 -1.939  -8.980  1.00 43.11 ? 95  THR A O   1 
ATOM   750  C CB  . THR A 1 95  ? -15.960 -2.846  -6.270  1.00 33.88 ? 95  THR A CB  1 
ATOM   751  O OG1 . THR A 1 95  ? -15.729 -2.218  -5.003  1.00 36.95 ? 95  THR A OG1 1 
ATOM   752  C CG2 . THR A 1 95  ? -16.699 -4.148  -5.989  1.00 29.54 ? 95  THR A CG2 1 
ATOM   753  N N   . TYR A 1 96  ? -13.728 -0.872  -7.058  1.00 31.89 ? 96  TYR A N   1 
ATOM   754  C CA  . TYR A 1 96  ? -13.294 0.315   -7.788  1.00 33.70 ? 96  TYR A CA  1 
ATOM   755  C C   . TYR A 1 96  ? -11.791 0.483   -7.784  1.00 28.29 ? 96  TYR A C   1 
ATOM   756  O O   . TYR A 1 96  ? -11.112 0.134   -6.811  1.00 21.05 ? 96  TYR A O   1 
ATOM   757  C CB  . TYR A 1 96  ? -14.050 1.541   -7.392  1.00 40.33 ? 96  TYR A CB  1 
ATOM   758  C CG  . TYR A 1 96  ? -13.358 2.558   -6.532  1.00 47.36 ? 96  TYR A CG  1 
ATOM   759  C CD1 . TYR A 1 96  ? -12.959 2.263   -5.234  1.00 50.17 ? 96  TYR A CD1 1 
ATOM   760  C CD2 . TYR A 1 96  ? -13.116 3.847   -7.007  1.00 50.48 ? 96  TYR A CD2 1 
ATOM   761  C CE1 . TYR A 1 96  ? -12.330 3.207   -4.446  1.00 52.45 ? 96  TYR A CE1 1 
ATOM   762  C CE2 . TYR A 1 96  ? -12.488 4.795   -6.224  1.00 52.04 ? 96  TYR A CE2 1 
ATOM   763  C CZ  . TYR A 1 96  ? -12.096 4.470   -4.944  1.00 53.45 ? 96  TYR A CZ  1 
ATOM   764  O OH  . TYR A 1 96  ? -11.468 5.413   -4.159  1.00 59.26 ? 96  TYR A OH  1 
ATOM   765  N N   . ASP A 1 97  ? -11.242 0.985   -8.884  1.00 24.96 ? 97  ASP A N   1 
ATOM   766  C CA  . ASP A 1 97  ? -9.795  1.262   -8.958  1.00 23.11 ? 97  ASP A CA  1 
ATOM   767  C C   . ASP A 1 97  ? -9.483  2.490   -8.104  1.00 20.39 ? 97  ASP A C   1 
ATOM   768  O O   . ASP A 1 97  ? -9.998  3.574   -8.360  1.00 21.66 ? 97  ASP A O   1 
ATOM   769  C CB  . ASP A 1 97  ? -9.409  1.520   -10.410 1.00 25.85 ? 97  ASP A CB  1 
ATOM   770  C CG  . ASP A 1 97  ? -8.023  2.058   -10.625 1.00 26.00 ? 97  ASP A CG  1 
ATOM   771  O OD1 . ASP A 1 97  ? -7.357  2.508   -9.674  1.00 20.32 ? 97  ASP A OD1 1 
ATOM   772  O OD2 . ASP A 1 97  ? -7.569  2.061   -11.800 1.00 28.45 ? 97  ASP A OD2 1 
ATOM   773  N N   . PRO A 1 98  ? -8.648  2.300   -7.086  1.00 18.85 ? 98  PRO A N   1 
ATOM   774  C CA  . PRO A 1 98  ? -8.388  3.351   -6.117  1.00 18.79 ? 98  PRO A CA  1 
ATOM   775  C C   . PRO A 1 98  ? -7.703  4.566   -6.704  1.00 19.50 ? 98  PRO A C   1 
ATOM   776  O O   . PRO A 1 98  ? -7.626  5.618   -6.060  1.00 19.88 ? 98  PRO A O   1 
ATOM   777  C CB  . PRO A 1 98  ? -7.514  2.680   -5.064  1.00 19.55 ? 98  PRO A CB  1 
ATOM   778  C CG  . PRO A 1 98  ? -6.915  1.503   -5.743  1.00 18.14 ? 98  PRO A CG  1 
ATOM   779  C CD  . PRO A 1 98  ? -7.880  1.075   -6.808  1.00 17.94 ? 98  PRO A CD  1 
ATOM   780  N N   . SER A 1 99  ? -7.182  4.445   -7.926  1.00 18.21 ? 99  SER A N   1 
ATOM   781  C CA  . SER A 1 99  ? -6.458  5.566   -8.533  1.00 19.30 ? 99  SER A CA  1 
ATOM   782  C C   . SER A 1 99  ? -7.399  6.443   -9.350  1.00 22.24 ? 99  SER A C   1 
ATOM   783  O O   . SER A 1 99  ? -6.982  7.454   -9.918  1.00 24.15 ? 99  SER A O   1 
ATOM   784  C CB  . SER A 1 99  ? -5.334  5.036   -9.437  1.00 18.31 ? 99  SER A CB  1 
ATOM   785  O OG  . SER A 1 99  ? -5.876  4.448   -10.609 1.00 21.18 ? 99  SER A OG  1 
ATOM   786  N N   . SER A 1 100 ? -8.662  6.041   -9.432  1.00 24.92 ? 100 SER A N   1 
ATOM   787  C CA  . SER A 1 100 ? -9.641  6.795   -10.212 1.00 28.86 ? 100 SER A CA  1 
ATOM   788  C C   . SER A 1 100 ? -9.529  8.291   -9.938  1.00 29.01 ? 100 SER A C   1 
ATOM   789  O O   . SER A 1 100 ? -9.471  8.724   -8.791  1.00 30.11 ? 100 SER A O   1 
ATOM   790  C CB  . SER A 1 100 ? -11.065 6.324   -9.866  1.00 32.15 ? 100 SER A CB  1 
ATOM   791  O OG  . SER A 1 100 ? -11.391 5.167   -10.624 1.00 41.75 ? 100 SER A OG  1 
ATOM   792  N N   . GLY A 1 101 ? -9.503  9.079   -11.012 1.00 30.05 ? 101 GLY A N   1 
ATOM   793  C CA  . GLY A 1 101 ? -9.421  10.522  -10.888 1.00 30.94 ? 101 GLY A CA  1 
ATOM   794  C C   . GLY A 1 101 ? -8.009  11.033  -10.807 1.00 30.74 ? 101 GLY A C   1 
ATOM   795  O O   . GLY A 1 101 ? -7.759  12.239  -10.728 1.00 37.16 ? 101 GLY A O   1 
ATOM   796  N N   . ALA A 1 102 ? -7.026  10.120  -10.812 1.00 26.38 ? 102 ALA A N   1 
ATOM   797  C CA  . ALA A 1 102 ? -5.632  10.608  -10.800 1.00 23.60 ? 102 ALA A CA  1 
ATOM   798  C C   . ALA A 1 102 ? -5.291  11.150  -12.192 1.00 21.25 ? 102 ALA A C   1 
ATOM   799  O O   . ALA A 1 102 ? -5.943  10.792  -13.172 1.00 20.21 ? 102 ALA A O   1 
ATOM   800  C CB  . ALA A 1 102 ? -4.701  9.457   -10.446 1.00 24.46 ? 102 ALA A CB  1 
ATOM   801  N N   . THR A 1 103 ? -4.279  11.998  -12.261 1.00 19.55 ? 103 THR A N   1 
ATOM   802  C CA  . THR A 1 103 ? -3.775  12.462  -13.564 1.00 19.52 ? 103 THR A CA  1 
ATOM   803  C C   . THR A 1 103 ? -3.008  11.314  -14.234 1.00 19.66 ? 103 THR A C   1 
ATOM   804  O O   . THR A 1 103 ? -2.112  10.737  -13.620 1.00 17.65 ? 103 THR A O   1 
ATOM   805  C CB  . THR A 1 103 ? -2.790  13.642  -13.355 1.00 20.84 ? 103 THR A CB  1 
ATOM   806  O OG1 . THR A 1 103 ? -3.495  14.734  -12.761 1.00 22.82 ? 103 THR A OG1 1 
ATOM   807  C CG2 . THR A 1 103 ? -2.265  14.126  -14.694 1.00 23.39 ? 103 THR A CG2 1 
ATOM   808  N N   . ASP A 1 104 ? -3.376  11.012  -15.462 1.00 19.26 ? 104 ASP A N   1 
ATOM   809  C CA  . ASP A 1 104 ? -2.813  9.877   -16.197 1.00 20.79 ? 104 ASP A CA  1 
ATOM   810  C C   . ASP A 1 104 ? -1.396  10.159  -16.651 1.00 19.38 ? 104 ASP A C   1 
ATOM   811  O O   . ASP A 1 104 ? -1.138  11.141  -17.353 1.00 22.33 ? 104 ASP A O   1 
ATOM   812  C CB  . ASP A 1 104 ? -3.721  9.545   -17.380 1.00 26.18 ? 104 ASP A CB  1 
ATOM   813  C CG  . ASP A 1 104 ? -3.221  8.409   -18.238 1.00 30.63 ? 104 ASP A CG  1 
ATOM   814  O OD1 . ASP A 1 104 ? -2.363  7.627   -17.785 1.00 36.35 ? 104 ASP A OD1 1 
ATOM   815  O OD2 . ASP A 1 104 ? -3.689  8.296   -19.394 1.00 38.97 ? 104 ASP A OD2 1 
ATOM   816  N N   . LEU A 1 105 ? -0.451  9.309   -16.247 1.00 16.75 ? 105 LEU A N   1 
ATOM   817  C CA  . LEU A 1 105 ? 0.950   9.508   -16.585 1.00 15.49 ? 105 LEU A CA  1 
ATOM   818  C C   . LEU A 1 105 ? 1.458   8.416   -17.518 1.00 17.54 ? 105 LEU A C   1 
ATOM   819  O O   . LEU A 1 105 ? 2.660   8.267   -17.723 1.00 27.02 ? 105 LEU A O   1 
ATOM   820  C CB  . LEU A 1 105 ? 1.823   9.579   -15.338 1.00 15.33 ? 105 LEU A CB  1 
ATOM   821  C CG  . LEU A 1 105 ? 1.583   10.744  -14.382 1.00 17.69 ? 105 LEU A CG  1 
ATOM   822  C CD1 . LEU A 1 105 ? 2.481   10.621  -13.158 1.00 19.92 ? 105 LEU A CD1 1 
ATOM   823  C CD2 . LEU A 1 105 ? 1.823   12.074  -15.093 1.00 24.93 ? 105 LEU A CD2 1 
ATOM   824  N N   . GLY A 1 106 ? 0.532   7.637   -18.072 1.00 18.11 ? 106 GLY A N   1 
ATOM   825  C CA  . GLY A 1 106 ? 0.896   6.591   -19.007 1.00 18.85 ? 106 GLY A CA  1 
ATOM   826  C C   . GLY A 1 106 ? 1.018   5.231   -18.362 1.00 19.86 ? 106 GLY A C   1 
ATOM   827  O O   . GLY A 1 106 ? 0.388   4.951   -17.341 1.00 20.42 ? 106 GLY A O   1 
ATOM   828  N N   . THR A 1 107 ? 1.800   4.353   -18.982 1.00 19.97 ? 107 THR A N   1 
ATOM   829  C CA  . THR A 1 107 ? 1.900   2.970   -18.567 1.00 20.01 ? 107 THR A CA  1 
ATOM   830  C C   . THR A 1 107 ? 3.355   2.506   -18.531 1.00 20.06 ? 107 THR A C   1 
ATOM   831  O O   . THR A 1 107 ? 4.248   3.133   -19.086 1.00 21.02 ? 107 THR A O   1 
ATOM   832  C CB  . THR A 1 107 ? 1.124   2.032   -19.523 1.00 21.46 ? 107 THR A CB  1 
ATOM   833  O OG1 . THR A 1 107 ? 1.581   2.273   -20.867 1.00 28.12 ? 107 THR A OG1 1 
ATOM   834  C CG2 . THR A 1 107 ? -0.354  2.354   -19.503 1.00 18.14 ? 107 THR A CG2 1 
ATOM   835  N N   . VAL A 1 108 ? 3.561   1.385   -17.863 1.00 19.27 ? 108 VAL A N   1 
ATOM   836  C CA  . VAL A 1 108 ? 4.861   0.731   -17.818 1.00 18.82 ? 108 VAL A CA  1 
ATOM   837  C C   . VAL A 1 108 ? 4.651   -0.777  -17.628 1.00 20.20 ? 108 VAL A C   1 
ATOM   838  O O   . VAL A 1 108 ? 3.613   -1.189  -17.107 1.00 20.60 ? 108 VAL A O   1 
ATOM   839  C CB  . VAL A 1 108 ? 5.721   1.259   -16.657 1.00 20.51 ? 108 VAL A CB  1 
ATOM   840  C CG1 . VAL A 1 108 ? 5.028   1.008   -15.325 1.00 23.16 ? 108 VAL A CG1 1 
ATOM   841  C CG2 . VAL A 1 108 ? 7.099   0.619   -16.682 1.00 21.38 ? 108 VAL A CG2 1 
ATOM   842  N N   . GLU A 1 109 ? 5.623   -1.560  -18.046 1.00 20.48 ? 109 GLU A N   1 
ATOM   843  C CA  . GLU A 1 109 ? 5.539   -3.014  -17.883 1.00 22.92 ? 109 GLU A CA  1 
ATOM   844  C C   . GLU A 1 109 ? 6.477   -3.461  -16.768 1.00 18.07 ? 109 GLU A C   1 
ATOM   845  O O   . GLU A 1 109 ? 7.682   -3.246  -16.846 1.00 19.94 ? 109 GLU A O   1 
ATOM   846  C CB  . GLU A 1 109 ? 5.910   -3.711  -19.195 1.00 30.35 ? 109 GLU A CB  1 
ATOM   847  C CG  . GLU A 1 109 ? 4.738   -4.448  -19.836 1.00 38.40 ? 109 GLU A CG  1 
ATOM   848  C CD  . GLU A 1 109 ? 4.876   -5.954  -19.674 1.00 44.38 ? 109 GLU A CD  1 
ATOM   849  O OE1 . GLU A 1 109 ? 5.949   -6.387  -19.202 1.00 53.11 ? 109 GLU A OE1 1 
ATOM   850  O OE2 . GLU A 1 109 ? 3.926   -6.680  -20.019 1.00 53.88 ? 109 GLU A OE2 1 
ATOM   851  N N   . CYS A 1 110 ? 5.914   -4.050  -15.723 1.00 16.01 ? 110 CYS A N   1 
ATOM   852  C CA  . CYS A 1 110 ? 6.723   -4.530  -14.599 1.00 15.97 ? 110 CYS A CA  1 
ATOM   853  C C   . CYS A 1 110 ? 6.176   -5.907  -14.166 1.00 15.34 ? 110 CYS A C   1 
ATOM   854  O O   . CYS A 1 110 ? 4.964   -6.078  -14.121 1.00 15.31 ? 110 CYS A O   1 
ATOM   855  C CB  . CYS A 1 110 ? 6.571   -3.584  -13.389 1.00 15.51 ? 110 CYS A CB  1 
ATOM   856  S SG  . CYS A 1 110 ? 7.123   -1.904  -13.676 1.00 17.19 ? 110 CYS A SG  1 
ATOM   857  N N   . ASP A 1 111 ? 7.088   -6.810  -13.882 1.00 17.25 ? 111 ASP A N   1 
ATOM   858  C CA  . ASP A 1 111 ? 6.739   -8.109  -13.328 1.00 19.33 ? 111 ASP A CA  1 
ATOM   859  C C   . ASP A 1 111 ? 5.555   -8.743  -14.025 1.00 19.03 ? 111 ASP A C   1 
ATOM   860  O O   . ASP A 1 111 ? 4.620   -9.227  -13.381 1.00 20.00 ? 111 ASP A O   1 
ATOM   861  C CB  . ASP A 1 111 ? 6.432   -7.941  -11.820 1.00 20.23 ? 111 ASP A CB  1 
ATOM   862  C CG  . ASP A 1 111 ? 7.645   -7.356  -11.107 1.00 20.05 ? 111 ASP A CG  1 
ATOM   863  O OD1 . ASP A 1 111 ? 8.682   -8.048  -11.088 1.00 23.00 ? 111 ASP A OD1 1 
ATOM   864  O OD2 . ASP A 1 111 ? 7.553   -6.221  -10.623 1.00 17.33 ? 111 ASP A OD2 1 
ATOM   865  N N   . GLY A 1 112 ? 5.592   -8.764  -15.354 1.00 18.44 ? 112 GLY A N   1 
ATOM   866  C CA  . GLY A 1 112 ? 4.675   -9.501  -16.164 1.00 17.15 ? 112 GLY A CA  1 
ATOM   867  C C   . GLY A 1 112 ? 3.342   -8.878  -16.412 1.00 16.11 ? 112 GLY A C   1 
ATOM   868  O O   . GLY A 1 112 ? 2.398   -9.545  -16.853 1.00 19.53 ? 112 GLY A O   1 
ATOM   869  N N   . SER A 1 113 ? 3.191   -7.571  -16.167 1.00 14.92 ? 113 SER A N   1 
ATOM   870  C CA  . SER A 1 113 ? 1.898   -6.933  -16.464 1.00 13.10 ? 113 SER A CA  1 
ATOM   871  C C   . SER A 1 113 ? 2.119   -5.449  -16.805 1.00 12.64 ? 113 SER A C   1 
ATOM   872  O O   . SER A 1 113 ? 3.120   -4.870  -16.409 1.00 17.10 ? 113 SER A O   1 
ATOM   873  C CB  . SER A 1 113 ? 1.003   -7.021  -15.216 1.00 13.13 ? 113 SER A CB  1 
ATOM   874  O OG  . SER A 1 113 ? -0.297  -6.540  -15.486 1.00 14.90 ? 113 SER A OG  1 
ATOM   875  N N   . ILE A 1 114 ? 1.152   -4.871  -17.486 1.00 14.32 ? 114 ILE A N   1 
ATOM   876  C CA  . ILE A 1 114 ? 1.101   -3.414  -17.684 1.00 14.68 ? 114 ILE A CA  1 
ATOM   877  C C   . ILE A 1 114 ? 0.546   -2.780  -16.387 1.00 14.47 ? 114 ILE A C   1 
ATOM   878  O O   . ILE A 1 114 ? -0.354  -3.368  -15.782 1.00 15.76 ? 114 ILE A O   1 
ATOM   879  C CB  . ILE A 1 114 ? 0.132   -3.077  -18.832 1.00 18.79 ? 114 ILE A CB  1 
ATOM   880  C CG1 . ILE A 1 114 ? 0.726   -3.294  -20.230 1.00 24.66 ? 114 ILE A CG1 1 
ATOM   881  C CG2 . ILE A 1 114 ? -0.435  -1.684  -18.691 1.00 20.26 ? 114 ILE A CG2 1 
ATOM   882  C CD1 . ILE A 1 114 ? 2.225   -3.488  -20.227 1.00 29.24 ? 114 ILE A CD1 1 
ATOM   883  N N   . TYR A 1 115 ? 1.114   -1.671  -15.988 1.00 13.17 ? 115 TYR A N   1 
ATOM   884  C CA  . TYR A 1 115 ? 0.627   -0.876  -14.857 1.00 12.68 ? 115 TYR A CA  1 
ATOM   885  C C   . TYR A 1 115 ? 0.247   0.529   -15.367 1.00 13.56 ? 115 TYR A C   1 
ATOM   886  O O   . TYR A 1 115 ? 0.984   1.107   -16.166 1.00 13.84 ? 115 TYR A O   1 
ATOM   887  C CB  . TYR A 1 115 ? 1.712   -0.732  -13.797 1.00 12.83 ? 115 TYR A CB  1 
ATOM   888  C CG  . TYR A 1 115 ? 1.948   -1.928  -12.919 1.00 12.39 ? 115 TYR A CG  1 
ATOM   889  C CD1 . TYR A 1 115 ? 2.645   -3.038  -13.390 1.00 11.63 ? 115 TYR A CD1 1 
ATOM   890  C CD2 . TYR A 1 115 ? 1.525   -1.959  -11.598 1.00 11.64 ? 115 TYR A CD2 1 
ATOM   891  C CE1 . TYR A 1 115 ? 2.886   -4.133  -12.592 1.00 11.32 ? 115 TYR A CE1 1 
ATOM   892  C CE2 . TYR A 1 115 ? 1.749   -3.060  -10.791 1.00 10.77 ? 115 TYR A CE2 1 
ATOM   893  C CZ  . TYR A 1 115 ? 2.429   -4.149  -11.292 1.00 11.13 ? 115 TYR A CZ  1 
ATOM   894  O OH  . TYR A 1 115 ? 2.672   -5.243  -10.500 1.00 11.56 ? 115 TYR A OH  1 
ATOM   895  N N   . ARG A 1 116 ? -0.882  1.036   -14.910 1.00 13.40 ? 116 ARG A N   1 
ATOM   896  C CA  . ARG A 1 116 ? -1.280  2.410   -15.216 1.00 15.85 ? 116 ARG A CA  1 
ATOM   897  C C   . ARG A 1 116 ? -0.715  3.355   -14.141 1.00 15.32 ? 116 ARG A C   1 
ATOM   898  O O   . ARG A 1 116 ? -0.931  3.124   -12.956 1.00 14.13 ? 116 ARG A O   1 
ATOM   899  C CB  . ARG A 1 116 ? -2.801  2.533   -15.248 1.00 21.22 ? 116 ARG A CB  1 
ATOM   900  C CG  . ARG A 1 116 ? -3.466  1.724   -16.342 1.00 29.70 ? 116 ARG A CG  1 
ATOM   901  C CD  . ARG A 1 116 ? -4.979  1.780   -16.249 1.00 35.87 ? 116 ARG A CD  1 
ATOM   902  N NE  . ARG A 1 116 ? -5.500  0.908   -15.206 1.00 41.25 ? 116 ARG A NE  1 
ATOM   903  C CZ  . ARG A 1 116 ? -5.990  1.323   -14.043 1.00 44.22 ? 116 ARG A CZ  1 
ATOM   904  N NH1 . ARG A 1 116 ? -5.617  2.485   -13.529 1.00 41.05 ? 116 ARG A NH1 1 
ATOM   905  N NH2 . ARG A 1 116 ? -6.856  0.554   -13.389 1.00 50.71 ? 116 ARG A NH2 1 
ATOM   906  N N   . LEU A 1 117 ? 0.009   4.361   -14.585 1.00 13.83 ? 117 LEU A N   1 
ATOM   907  C CA  . LEU A 1 117 ? 0.649   5.328   -13.706 1.00 14.22 ? 117 LEU A CA  1 
ATOM   908  C C   . LEU A 1 117 ? -0.224  6.575   -13.563 1.00 15.22 ? 117 LEU A C   1 
ATOM   909  O O   . LEU A 1 117 ? -0.839  7.026   -14.516 1.00 15.37 ? 117 LEU A O   1 
ATOM   910  C CB  . LEU A 1 117 ? 2.011   5.745   -14.265 1.00 15.84 ? 117 LEU A CB  1 
ATOM   911  C CG  . LEU A 1 117 ? 2.960   4.602   -14.643 1.00 17.46 ? 117 LEU A CG  1 
ATOM   912  C CD1 . LEU A 1 117 ? 4.159   5.143   -15.408 1.00 17.96 ? 117 LEU A CD1 1 
ATOM   913  C CD2 . LEU A 1 117 ? 3.409   3.859   -13.393 1.00 15.80 ? 117 LEU A CD2 1 
ATOM   914  N N   . GLY A 1 118 ? -0.220  7.143   -12.359 1.00 15.37 ? 118 GLY A N   1 
ATOM   915  C CA  . GLY A 1 118 ? -0.969  8.365   -12.115 1.00 14.41 ? 118 GLY A CA  1 
ATOM   916  C C   . GLY A 1 118 ? -0.472  9.103   -10.896 1.00 13.87 ? 118 GLY A C   1 
ATOM   917  O O   . GLY A 1 118 ? 0.312   8.597   -10.094 1.00 14.39 ? 118 GLY A O   1 
ATOM   918  N N   . LYS A 1 119 ? -0.948  10.338  -10.736 1.00 14.82 ? 119 LYS A N   1 
ATOM   919  C CA  . LYS A 1 119 ? -0.609  11.109  -9.548  1.00 15.14 ? 119 LYS A CA  1 
ATOM   920  C C   . LYS A 1 119 ? -1.802  11.971  -9.139  1.00 15.86 ? 119 LYS A C   1 
ATOM   921  O O   . LYS A 1 119 ? -2.573  12.396  -9.995  1.00 15.28 ? 119 LYS A O   1 
ATOM   922  C CB  . LYS A 1 119 ? 0.619   11.964  -9.791  1.00 20.82 ? 119 LYS A CB  1 
ATOM   923  C CG  . LYS A 1 119 ? 0.352   13.263  -10.527 1.00 26.34 ? 119 LYS A CG  1 
ATOM   924  C CD  . LYS A 1 119 ? 1.298   14.361  -10.034 1.00 29.30 ? 119 LYS A CD  1 
ATOM   925  C CE  . LYS A 1 119 ? 1.214   15.573  -10.958 1.00 30.33 ? 119 LYS A CE  1 
ATOM   926  N NZ  . LYS A 1 119 ? 0.508   16.706  -10.307 1.00 30.84 ? 119 LYS A NZ  1 
ATOM   927  N N   . THR A 1 120 ? -1.955  12.163  -7.843  1.00 17.46 ? 120 THR A N   1 
ATOM   928  C CA  . THR A 1 120 ? -2.969  13.067  -7.301  1.00 20.37 ? 120 THR A CA  1 
ATOM   929  C C   . THR A 1 120 ? -2.320  13.909  -6.192  1.00 19.89 ? 120 THR A C   1 
ATOM   930  O O   . THR A 1 120 ? -1.214  13.606  -5.754  1.00 17.11 ? 120 THR A O   1 
ATOM   931  C CB  . THR A 1 120 ? -4.163  12.306  -6.699  1.00 22.98 ? 120 THR A CB  1 
ATOM   932  O OG1 . THR A 1 120 ? -3.692  11.329  -5.768  1.00 27.20 ? 120 THR A OG1 1 
ATOM   933  C CG2 . THR A 1 120 ? -4.933  11.554  -7.769  1.00 28.29 ? 120 THR A CG2 1 
ATOM   934  N N   . THR A 1 121 ? -3.007  14.957  -5.773  1.00 21.47 ? 121 THR A N   1 
ATOM   935  C CA  . THR A 1 121 ? -2.503  15.796  -4.690  1.00 23.47 ? 121 THR A CA  1 
ATOM   936  C C   . THR A 1 121 ? -3.538  15.877  -3.570  1.00 24.02 ? 121 THR A C   1 
ATOM   937  O O   . THR A 1 121 ? -4.722  16.073  -3.828  1.00 24.06 ? 121 THR A O   1 
ATOM   938  C CB  . THR A 1 121 ? -2.135  17.203  -5.165  1.00 26.63 ? 121 THR A CB  1 
ATOM   939  O OG1 . THR A 1 121 ? -1.091  17.126  -6.153  1.00 26.23 ? 121 THR A OG1 1 
ATOM   940  C CG2 . THR A 1 121 ? -1.551  18.020  -4.010  1.00 31.67 ? 121 THR A CG2 1 
ATOM   941  N N   . ARG A 1 122 ? -3.082  15.652  -2.347  1.00 25.66 ? 122 ARG A N   1 
ATOM   942  C CA  . ARG A 1 122 ? -3.955  15.763  -1.174  1.00 28.26 ? 122 ARG A CA  1 
ATOM   943  C C   . ARG A 1 122 ? -3.605  17.052  -0.425  1.00 28.27 ? 122 ARG A C   1 
ATOM   944  O O   . ARG A 1 122 ? -2.454  17.255  -0.041  1.00 25.58 ? 122 ARG A O   1 
ATOM   945  C CB  . ARG A 1 122 ? -3.760  14.557  -0.257  1.00 33.80 ? 122 ARG A CB  1 
ATOM   946  C CG  . ARG A 1 122 ? -4.109  13.223  -0.888  1.00 40.37 ? 122 ARG A CG  1 
ATOM   947  C CD  . ARG A 1 122 ? -5.601  12.944  -0.825  1.00 46.20 ? 122 ARG A CD  1 
ATOM   948  N NE  . ARG A 1 122 ? -6.250  13.654  0.272   1.00 51.32 ? 122 ARG A NE  1 
ATOM   949  C CZ  . ARG A 1 122 ? -6.618  13.097  1.419   1.00 53.63 ? 122 ARG A CZ  1 
ATOM   950  N NH1 . ARG A 1 122 ? -5.806  12.253  2.042   1.00 55.27 ? 122 ARG A NH1 1 
ATOM   951  N NH2 . ARG A 1 122 ? -7.797  13.388  1.952   1.00 55.10 ? 122 ARG A NH2 1 
ATOM   952  N N   . VAL A 1 123 ? -4.590  17.930  -0.283  1.00 30.46 ? 123 VAL A N   1 
ATOM   953  C CA  . VAL A 1 123 ? -4.343  19.221  0.366   1.00 32.30 ? 123 VAL A CA  1 
ATOM   954  C C   . VAL A 1 123 ? -4.843  19.198  1.803   1.00 30.93 ? 123 VAL A C   1 
ATOM   955  O O   . VAL A 1 123 ? -5.939  18.709  2.077   1.00 30.94 ? 123 VAL A O   1 
ATOM   956  C CB  . VAL A 1 123 ? -4.994  20.378  -0.405  1.00 34.66 ? 123 VAL A CB  1 
ATOM   957  C CG1 . VAL A 1 123 ? -4.666  21.711  0.274   1.00 38.81 ? 123 VAL A CG1 1 
ATOM   958  C CG2 . VAL A 1 123 ? -4.462  20.412  -1.845  1.00 35.91 ? 123 VAL A CG2 1 
ATOM   959  N N   . ASN A 1 124 ? -4.011  19.674  2.720   1.00 32.40 ? 124 ASN A N   1 
ATOM   960  C CA  . ASN A 1 124 ? -4.357  19.693  4.136   1.00 33.48 ? 124 ASN A CA  1 
ATOM   961  C C   . ASN A 1 124 ? -4.994  18.391  4.580   1.00 30.64 ? 124 ASN A C   1 
ATOM   962  O O   . ASN A 1 124 ? -6.095  18.370  5.134   1.00 32.59 ? 124 ASN A O   1 
ATOM   963  C CB  . ASN A 1 124 ? -5.291  20.876  4.434   1.00 37.47 ? 124 ASN A CB  1 
ATOM   964  C CG  . ASN A 1 124 ? -4.572  22.204  4.239   1.00 41.37 ? 124 ASN A CG  1 
ATOM   965  O OD1 . ASN A 1 124 ? -3.342  22.255  4.317   1.00 46.87 ? 124 ASN A OD1 1 
ATOM   966  N ND2 . ASN A 1 124 ? -5.331  23.253  3.972   1.00 48.62 ? 124 ASN A ND2 1 
ATOM   967  N N   . ALA A 1 125 ? -4.289  17.284  4.337   1.00 27.22 ? 125 ALA A N   1 
ATOM   968  C CA  . ALA A 1 125 ? -4.790  15.970  4.687   1.00 25.67 ? 125 ALA A CA  1 
ATOM   969  C C   . ALA A 1 125 ? -3.927  15.296  5.752   1.00 24.16 ? 125 ALA A C   1 
ATOM   970  O O   . ALA A 1 125 ? -2.802  15.711  6.022   1.00 23.56 ? 125 ALA A O   1 
ATOM   971  C CB  . ALA A 1 125 ? -4.901  15.083  3.458   1.00 26.72 ? 125 ALA A CB  1 
ATOM   972  N N   . PRO A 1 126 ? -4.459  14.230  6.328   1.00 24.41 ? 126 PRO A N   1 
ATOM   973  C CA  . PRO A 1 126 ? -3.764  13.487  7.379   1.00 26.41 ? 126 PRO A CA  1 
ATOM   974  C C   . PRO A 1 126 ? -2.549  12.744  6.810   1.00 25.36 ? 126 PRO A C   1 
ATOM   975  O O   . PRO A 1 126 ? -2.668  12.047  5.806   1.00 22.31 ? 126 PRO A O   1 
ATOM   976  C CB  . PRO A 1 126 ? -4.797  12.464  7.849   1.00 28.09 ? 126 PRO A CB  1 
ATOM   977  C CG  . PRO A 1 126 ? -6.092  12.882  7.252   1.00 27.87 ? 126 PRO A CG  1 
ATOM   978  C CD  . PRO A 1 126 ? -5.758  13.630  5.990   1.00 25.50 ? 126 PRO A CD  1 
ATOM   979  N N   . SER A 1 127 ? -1.415  12.888  7.480   1.00 24.01 ? 127 SER A N   1 
ATOM   980  C CA  . SER A 1 127 ? -0.193  12.213  7.036   1.00 21.20 ? 127 SER A CA  1 
ATOM   981  C C   . SER A 1 127 ? 0.595   11.684  8.224   1.00 22.73 ? 127 SER A C   1 
ATOM   982  O O   . SER A 1 127 ? 0.224   11.894  9.378   1.00 21.82 ? 127 SER A O   1 
ATOM   983  C CB  . SER A 1 127 ? 0.661   13.190  6.224   1.00 18.40 ? 127 SER A CB  1 
ATOM   984  O OG  . SER A 1 127 ? 1.505   13.944  7.055   1.00 17.67 ? 127 SER A OG  1 
ATOM   985  N N   . ILE A 1 128 ? 1.700   10.996  7.941   1.00 21.78 ? 128 ILE A N   1 
ATOM   986  C CA  . ILE A 1 128 ? 2.545   10.478  9.014   1.00 20.50 ? 128 ILE A CA  1 
ATOM   987  C C   . ILE A 1 128 ? 3.052   11.636  9.880   1.00 21.22 ? 128 ILE A C   1 
ATOM   988  O O   . ILE A 1 128 ? 3.375   11.442  11.048  1.00 26.73 ? 128 ILE A O   1 
ATOM   989  C CB  . ILE A 1 128 ? 3.773   9.731   8.443   1.00 20.01 ? 128 ILE A CB  1 
ATOM   990  C CG1 . ILE A 1 128 ? 4.512   10.499  7.346   1.00 20.45 ? 128 ILE A CG1 1 
ATOM   991  C CG2 . ILE A 1 128 ? 3.369   8.353   7.953   1.00 20.68 ? 128 ILE A CG2 1 
ATOM   992  C CD1 . ILE A 1 128 ? 5.806   9.817   6.911   1.00 19.49 ? 128 ILE A CD1 1 
ATOM   993  N N   . ASP A 1 129 ? 3.121   12.818  9.284   1.00 20.10 ? 129 ASP A N   1 
ATOM   994  C CA  . ASP A 1 129 ? 3.666   13.990  9.932   1.00 19.50 ? 129 ASP A CA  1 
ATOM   995  C C   . ASP A 1 129 ? 2.621   15.044  10.239  1.00 20.98 ? 129 ASP A C   1 
ATOM   996  O O   . ASP A 1 129 ? 2.909   16.242  10.281  1.00 24.60 ? 129 ASP A O   1 
ATOM   997  C CB  . ASP A 1 129 ? 4.826   14.576  9.144   1.00 21.93 ? 129 ASP A CB  1 
ATOM   998  C CG  . ASP A 1 129 ? 6.085   13.726  9.239   1.00 25.43 ? 129 ASP A CG  1 
ATOM   999  O OD1 . ASP A 1 129 ? 6.154   12.869  10.146  1.00 27.79 ? 129 ASP A OD1 1 
ATOM   1000 O OD2 . ASP A 1 129 ? 6.984   13.909  8.398   1.00 24.62 ? 129 ASP A OD2 1 
ATOM   1001 N N   . GLY A 1 130 ? 1.384   14.611  10.461  1.00 22.32 ? 130 GLY A N   1 
ATOM   1002 C CA  . GLY A 1 130 ? 0.309   15.540  10.767  1.00 24.26 ? 130 GLY A CA  1 
ATOM   1003 C C   . GLY A 1 130 ? -0.405  16.026  9.523   1.00 25.42 ? 130 GLY A C   1 
ATOM   1004 O O   . GLY A 1 130 ? -0.323  15.406  8.460   1.00 20.57 ? 130 GLY A O   1 
ATOM   1005 N N   . THR A 1 131 ? -1.121  17.138  9.649   1.00 25.33 ? 131 THR A N   1 
ATOM   1006 C CA  . THR A 1 131 ? -1.866  17.693  8.519   1.00 25.54 ? 131 THR A CA  1 
ATOM   1007 C C   . THR A 1 131 ? -0.944  18.382  7.545   1.00 25.55 ? 131 THR A C   1 
ATOM   1008 O O   . THR A 1 131 ? -0.244  19.343  7.871   1.00 30.81 ? 131 THR A O   1 
ATOM   1009 C CB  . THR A 1 131 ? -2.958  18.669  9.014   1.00 27.68 ? 131 THR A CB  1 
ATOM   1010 O OG1 . THR A 1 131 ? -3.962  17.892  9.712   1.00 29.27 ? 131 THR A OG1 1 
ATOM   1011 C CG2 . THR A 1 131 ? -3.670  19.299  7.826   1.00 30.10 ? 131 THR A CG2 1 
ATOM   1012 N N   . GLN A 1 132 ? -0.865  17.851  6.315   1.00 23.45 ? 132 GLN A N   1 
ATOM   1013 C CA  . GLN A 1 132 ? 0.094   18.385  5.357   1.00 22.04 ? 132 GLN A CA  1 
ATOM   1014 C C   . GLN A 1 132 ? -0.458  18.334  3.935   1.00 20.05 ? 132 GLN A C   1 
ATOM   1015 O O   . GLN A 1 132 ? -1.451  17.681  3.654   1.00 22.70 ? 132 GLN A O   1 
ATOM   1016 C CB  . GLN A 1 132 ? 1.405   17.592  5.404   1.00 26.44 ? 132 GLN A CB  1 
ATOM   1017 C CG  . GLN A 1 132 ? 1.950   17.335  6.786   1.00 31.27 ? 132 GLN A CG  1 
ATOM   1018 C CD  . GLN A 1 132 ? 2.851   18.448  7.286   1.00 35.74 ? 132 GLN A CD  1 
ATOM   1019 O OE1 . GLN A 1 132 ? 3.215   19.349  6.531   1.00 41.46 ? 132 GLN A OE1 1 
ATOM   1020 N NE2 . GLN A 1 132 ? 3.208   18.386  8.563   1.00 39.28 ? 132 GLN A NE2 1 
ATOM   1021 N N   . THR A 1 133 ? 0.245   19.017  3.034   1.00 20.80 ? 133 THR A N   1 
ATOM   1022 C CA  . THR A 1 133 ? -0.091  18.880  1.611   1.00 22.40 ? 133 THR A CA  1 
ATOM   1023 C C   . THR A 1 133 ? 0.945   17.971  0.958   1.00 21.58 ? 133 THR A C   1 
ATOM   1024 O O   . THR A 1 133 ? 2.143   18.097  1.220   1.00 21.33 ? 133 THR A O   1 
ATOM   1025 C CB  . THR A 1 133 ? -0.099  20.254  0.920   1.00 25.42 ? 133 THR A CB  1 
ATOM   1026 O OG1 . THR A 1 133 ? -1.270  20.976  1.360   1.00 29.47 ? 133 THR A OG1 1 
ATOM   1027 C CG2 . THR A 1 133 ? -0.258  20.082  -0.587  1.00 25.36 ? 133 THR A CG2 1 
ATOM   1028 N N   . PHE A 1 134 ? 0.471   16.989  0.197   1.00 19.07 ? 134 PHE A N   1 
ATOM   1029 C CA  . PHE A 1 134 ? 1.392   16.003  -0.363  1.00 15.75 ? 134 PHE A CA  1 
ATOM   1030 C C   . PHE A 1 134 ? 0.822   15.340  -1.601  1.00 15.87 ? 134 PHE A C   1 
ATOM   1031 O O   . PHE A 1 134 ? -0.390  15.277  -1.804  1.00 16.35 ? 134 PHE A O   1 
ATOM   1032 C CB  . PHE A 1 134 ? 1.776   14.978  0.688   1.00 15.60 ? 134 PHE A CB  1 
ATOM   1033 C CG  . PHE A 1 134 ? 0.627   14.189  1.279   1.00 15.97 ? 134 PHE A CG  1 
ATOM   1034 C CD1 . PHE A 1 134 ? -0.044  14.652  2.406   1.00 16.05 ? 134 PHE A CD1 1 
ATOM   1035 C CD2 . PHE A 1 134 ? 0.224   12.988  0.735   1.00 17.31 ? 134 PHE A CD2 1 
ATOM   1036 C CE1 . PHE A 1 134 ? -1.082  13.931  2.944   1.00 15.61 ? 134 PHE A CE1 1 
ATOM   1037 C CE2 . PHE A 1 134 ? -0.827  12.269  1.252   1.00 17.75 ? 134 PHE A CE2 1 
ATOM   1038 C CZ  . PHE A 1 134 ? -1.487  12.739  2.381   1.00 18.48 ? 134 PHE A CZ  1 
ATOM   1039 N N   . ASP A 1 135 ? 1.718   14.800  -2.429  1.00 15.25 ? 135 ASP A N   1 
ATOM   1040 C CA  . ASP A 1 135 ? 1.296   14.067  -3.612  1.00 14.96 ? 135 ASP A CA  1 
ATOM   1041 C C   . ASP A 1 135 ? 1.150   12.568  -3.286  1.00 12.38 ? 135 ASP A C   1 
ATOM   1042 O O   . ASP A 1 135 ? 1.806   12.075  -2.373  1.00 12.33 ? 135 ASP A O   1 
ATOM   1043 C CB  . ASP A 1 135 ? 2.335   14.214  -4.727  1.00 18.59 ? 135 ASP A CB  1 
ATOM   1044 C CG  . ASP A 1 135 ? 2.369   15.608  -5.317  1.00 23.17 ? 135 ASP A CG  1 
ATOM   1045 O OD1 . ASP A 1 135 ? 1.344   16.316  -5.253  1.00 23.17 ? 135 ASP A OD1 1 
ATOM   1046 O OD2 . ASP A 1 135 ? 3.431   15.989  -5.851  1.00 32.94 ? 135 ASP A OD2 1 
ATOM   1047 N N   . GLN A 1 136 ? 0.310   11.915  -4.052  1.00 10.87 ? 136 GLN A N   1 
ATOM   1048 C CA  . GLN A 1 136 ? 0.193   10.467  -4.085  1.00 12.30 ? 136 GLN A CA  1 
ATOM   1049 C C   . GLN A 1 136 ? 0.627   9.965   -5.486  1.00 13.27 ? 136 GLN A C   1 
ATOM   1050 O O   . GLN A 1 136 ? 0.095   10.466  -6.477  1.00 14.49 ? 136 GLN A O   1 
ATOM   1051 C CB  . GLN A 1 136 ? -1.259  10.041  -3.882  1.00 13.74 ? 136 GLN A CB  1 
ATOM   1052 C CG  . GLN A 1 136 ? -1.863  10.430  -2.547  1.00 15.26 ? 136 GLN A CG  1 
ATOM   1053 C CD  . GLN A 1 136 ? -3.315  9.962   -2.466  1.00 19.21 ? 136 GLN A CD  1 
ATOM   1054 O OE1 . GLN A 1 136 ? -4.090  10.235  -3.377  1.00 24.73 ? 136 GLN A OE1 1 
ATOM   1055 N NE2 . GLN A 1 136 ? -3.641  9.222   -1.428  1.00 23.58 ? 136 GLN A NE2 1 
ATOM   1056 N N   . TYR A 1 137 ? 1.529   9.009   -5.504  1.00 11.14 ? 137 TYR A N   1 
ATOM   1057 C CA  . TYR A 1 137 ? 1.923   8.357   -6.757  1.00 10.24 ? 137 TYR A CA  1 
ATOM   1058 C C   . TYR A 1 137 ? 1.212   6.988   -6.839  1.00 11.94 ? 137 TYR A C   1 
ATOM   1059 O O   . TYR A 1 137 ? 1.170   6.272   -5.840  1.00 11.04 ? 137 TYR A O   1 
ATOM   1060 C CB  . TYR A 1 137 ? 3.415   8.157   -6.846  1.00 9.56  ? 137 TYR A CB  1 
ATOM   1061 C CG  . TYR A 1 137 ? 4.300   9.356   -6.701  1.00 11.48 ? 137 TYR A CG  1 
ATOM   1062 C CD1 . TYR A 1 137 ? 3.811   10.653  -6.742  1.00 14.04 ? 137 TYR A CD1 1 
ATOM   1063 C CD2 . TYR A 1 137 ? 5.673   9.192   -6.519  1.00 12.51 ? 137 TYR A CD2 1 
ATOM   1064 C CE1 . TYR A 1 137 ? 4.660   11.740  -6.602  1.00 13.69 ? 137 TYR A CE1 1 
ATOM   1065 C CE2 . TYR A 1 137 ? 6.525   10.265  -6.383  1.00 14.16 ? 137 TYR A CE2 1 
ATOM   1066 C CZ  . TYR A 1 137 ? 6.005   11.548  -6.426  1.00 13.86 ? 137 TYR A CZ  1 
ATOM   1067 O OH  . TYR A 1 137 ? 6.857   12.618  -6.280  1.00 14.31 ? 137 TYR A OH  1 
ATOM   1068 N N   . TRP A 1 138 ? 0.667   6.689   -7.998  1.00 11.92 ? 138 TRP A N   1 
ATOM   1069 C CA  . TRP A 1 138 ? -0.078  5.459   -8.235  1.00 11.19 ? 138 TRP A CA  1 
ATOM   1070 C C   . TRP A 1 138 ? 0.553   4.652   -9.391  1.00 13.30 ? 138 TRP A C   1 
ATOM   1071 O O   . TRP A 1 138 ? 0.915   5.215   -10.413 1.00 10.99 ? 138 TRP A O   1 
ATOM   1072 C CB  . TRP A 1 138 ? -1.521  5.780   -8.629  1.00 12.48 ? 138 TRP A CB  1 
ATOM   1073 C CG  . TRP A 1 138 ? -2.316  6.452   -7.564  1.00 13.88 ? 138 TRP A CG  1 
ATOM   1074 C CD1 . TRP A 1 138 ? -2.508  7.797   -7.408  1.00 16.06 ? 138 TRP A CD1 1 
ATOM   1075 C CD2 . TRP A 1 138 ? -3.031  5.816   -6.498  1.00 14.08 ? 138 TRP A CD2 1 
ATOM   1076 N NE1 . TRP A 1 138 ? -3.295  8.029   -6.311  1.00 16.79 ? 138 TRP A NE1 1 
ATOM   1077 C CE2 . TRP A 1 138 ? -3.633  6.837   -5.736  1.00 16.03 ? 138 TRP A CE2 1 
ATOM   1078 C CE3 . TRP A 1 138 ? -3.222  4.488   -6.120  1.00 15.16 ? 138 TRP A CE3 1 
ATOM   1079 C CZ2 . TRP A 1 138 ? -4.413  6.565   -4.612  1.00 16.81 ? 138 TRP A CZ2 1 
ATOM   1080 C CZ3 . TRP A 1 138 ? -3.997  4.220   -5.006  1.00 17.25 ? 138 TRP A CZ3 1 
ATOM   1081 C CH2 . TRP A 1 138 ? -4.581  5.255   -4.267  1.00 17.44 ? 138 TRP A CH2 1 
ATOM   1082 N N   . SER A 1 139 ? 0.609   3.351   -9.186  1.00 12.27 ? 139 SER A N   1 
ATOM   1083 C CA  . SER A 1 139 ? 0.909   2.380   -10.233 1.00 10.75 ? 139 SER A CA  1 
ATOM   1084 C C   . SER A 1 139 ? -0.013  1.170   -10.051 1.00 10.83 ? 139 SER A C   1 
ATOM   1085 O O   . SER A 1 139 ? 0.055   0.493   -9.023  1.00 12.58 ? 139 SER A O   1 
ATOM   1086 C CB  . SER A 1 139 ? 2.370   1.968   -10.205 1.00 12.17 ? 139 SER A CB  1 
ATOM   1087 O OG  . SER A 1 139 ? 2.665   1.063   -11.266 1.00 14.79 ? 139 SER A OG  1 
ATOM   1088 N N   . VAL A 1 140 ? -0.932  0.987   -10.990 1.00 9.78  ? 140 VAL A N   1 
ATOM   1089 C CA  . VAL A 1 140 ? -2.017  0.040   -10.826 1.00 10.11 ? 140 VAL A CA  1 
ATOM   1090 C C   . VAL A 1 140 ? -1.940  -1.099  -11.828 1.00 11.69 ? 140 VAL A C   1 
ATOM   1091 O O   . VAL A 1 140 ? -1.990  -0.868  -13.035 1.00 11.45 ? 140 VAL A O   1 
ATOM   1092 C CB  . VAL A 1 140 ? -3.392  0.723   -10.902 1.00 12.67 ? 140 VAL A CB  1 
ATOM   1093 C CG1 . VAL A 1 140 ? -4.522  -0.281  -10.764 1.00 14.19 ? 140 VAL A CG1 1 
ATOM   1094 C CG2 . VAL A 1 140 ? -3.492  1.786   -9.805  1.00 12.46 ? 140 VAL A CG2 1 
ATOM   1095 N N   . ARG A 1 141 ? -1.809  -2.313  -11.309 1.00 11.70 ? 141 ARG A N   1 
ATOM   1096 C CA  . ARG A 1 141 ? -1.627  -3.508  -12.106 1.00 11.84 ? 141 ARG A CA  1 
ATOM   1097 C C   . ARG A 1 141 ? -2.860  -3.875  -12.901 1.00 13.41 ? 141 ARG A C   1 
ATOM   1098 O O   . ARG A 1 141 ? -3.984  -3.946  -12.391 1.00 14.64 ? 141 ARG A O   1 
ATOM   1099 C CB  . ARG A 1 141 ? -1.147  -4.672  -11.255 1.00 12.05 ? 141 ARG A CB  1 
ATOM   1100 C CG  . ARG A 1 141 ? -0.577  -5.848  -12.024 1.00 12.18 ? 141 ARG A CG  1 
ATOM   1101 C CD  . ARG A 1 141 ? -0.185  -6.981  -11.081 1.00 11.94 ? 141 ARG A CD  1 
ATOM   1102 N NE  . ARG A 1 141 ? 0.180   -8.190  -11.820 1.00 13.11 ? 141 ARG A NE  1 
ATOM   1103 C CZ  . ARG A 1 141 ? 1.402   -8.476  -12.237 1.00 13.30 ? 141 ARG A CZ  1 
ATOM   1104 N NH1 . ARG A 1 141 ? 2.406   -7.642  -12.028 1.00 12.95 ? 141 ARG A NH1 1 
ATOM   1105 N NH2 . ARG A 1 141 ? 1.628   -9.625  -12.871 1.00 14.56 ? 141 ARG A NH2 1 
ATOM   1106 N N   . GLN A 1 142 ? -2.660  -4.130  -14.198 1.00 11.31 ? 142 GLN A N   1 
ATOM   1107 C CA  . GLN A 1 142 ? -3.774  -4.520  -15.057 1.00 11.55 ? 142 GLN A CA  1 
ATOM   1108 C C   . GLN A 1 142 ? -4.220  -5.947  -14.777 1.00 11.66 ? 142 GLN A C   1 
ATOM   1109 O O   . GLN A 1 142 ? -5.421  -6.228  -14.732 1.00 15.35 ? 142 GLN A O   1 
ATOM   1110 C CB  . GLN A 1 142 ? -3.341  -4.379  -16.524 1.00 14.82 ? 142 GLN A CB  1 
ATOM   1111 C CG  . GLN A 1 142 ? -4.358  -4.827  -17.541 1.00 18.50 ? 142 GLN A CG  1 
ATOM   1112 C CD  . GLN A 1 142 ? -4.000  -4.380  -18.957 1.00 20.81 ? 142 GLN A CD  1 
ATOM   1113 O OE1 . GLN A 1 142 ? -2.960  -4.759  -19.487 1.00 22.25 ? 142 GLN A OE1 1 
ATOM   1114 N NE2 . GLN A 1 142 ? -4.868  -3.579  -19.551 1.00 28.99 ? 142 GLN A NE2 1 
ATOM   1115 N N   . ASP A 1 143 ? -3.266  -6.863  -14.624 1.00 12.29 ? 143 ASP A N   1 
ATOM   1116 C CA  . ASP A 1 143 ? -3.574  -8.269  -14.378 1.00 12.38 ? 143 ASP A CA  1 
ATOM   1117 C C   . ASP A 1 143 ? -3.497  -8.582  -12.880 1.00 13.82 ? 143 ASP A C   1 
ATOM   1118 O O   . ASP A 1 143 ? -2.434  -8.910  -12.349 1.00 13.66 ? 143 ASP A O   1 
ATOM   1119 C CB  . ASP A 1 143 ? -2.603  -9.177  -15.144 1.00 13.25 ? 143 ASP A CB  1 
ATOM   1120 C CG  . ASP A 1 143 ? -2.692  -8.960  -16.646 1.00 13.51 ? 143 ASP A CG  1 
ATOM   1121 O OD1 . ASP A 1 143 ? -3.824  -8.842  -17.155 1.00 15.97 ? 143 ASP A OD1 1 
ATOM   1122 O OD2 . ASP A 1 143 ? -1.636  -8.891  -17.302 1.00 15.96 ? 143 ASP A OD2 1 
ATOM   1123 N N   . LYS A 1 144 ? -4.642  -8.463  -12.222 1.00 13.74 ? 144 LYS A N   1 
ATOM   1124 C CA  . LYS A 1 144 ? -4.746  -8.617  -10.787 1.00 17.66 ? 144 LYS A CA  1 
ATOM   1125 C C   . LYS A 1 144 ? -4.250  -9.965  -10.300 1.00 16.65 ? 144 LYS A C   1 
ATOM   1126 O O   . LYS A 1 144 ? -4.464  -11.000 -10.924 1.00 14.95 ? 144 LYS A O   1 
ATOM   1127 C CB  . LYS A 1 144 ? -6.178  -8.356  -10.327 1.00 19.01 ? 144 LYS A CB  1 
ATOM   1128 C CG  . LYS A 1 144 ? -6.682  -6.951  -10.664 1.00 21.35 ? 144 LYS A CG  1 
ATOM   1129 C CD  . LYS A 1 144 ? -8.121  -6.797  -10.172 1.00 25.88 ? 144 LYS A CD  1 
ATOM   1130 C CE  . LYS A 1 144 ? -8.870  -5.734  -10.948 1.00 29.54 ? 144 LYS A CE  1 
ATOM   1131 N NZ  . LYS A 1 144 ? -10.290 -5.616  -10.491 1.00 36.13 ? 144 LYS A NZ  1 
ATOM   1132 N N   . ARG A 1 145 ? -3.569  -9.964  -9.152  1.00 14.89 ? 145 ARG A N   1 
ATOM   1133 C CA  . ARG A 1 145 ? -3.083  -11.227 -8.585  1.00 14.32 ? 145 ARG A CA  1 
ATOM   1134 C C   . ARG A 1 145 ? -3.057  -11.156 -7.064  1.00 14.32 ? 145 ARG A C   1 
ATOM   1135 O O   . ARG A 1 145 ? -3.096  -10.071 -6.487  1.00 15.12 ? 145 ARG A O   1 
ATOM   1136 C CB  . ARG A 1 145 ? -1.678  -11.525 -9.115  1.00 12.77 ? 145 ARG A CB  1 
ATOM   1137 C CG  . ARG A 1 145 ? -0.632  -10.518 -8.732  1.00 12.54 ? 145 ARG A CG  1 
ATOM   1138 C CD  . ARG A 1 145 ? 0.733   -10.829 -9.330  1.00 14.25 ? 145 ARG A CD  1 
ATOM   1139 N NE  . ARG A 1 145 ? 1.652   -9.706  -9.156  1.00 11.99 ? 145 ARG A NE  1 
ATOM   1140 C CZ  . ARG A 1 145 ? 2.957   -9.754  -9.302  1.00 12.76 ? 145 ARG A CZ  1 
ATOM   1141 N NH1 . ARG A 1 145 ? 3.522   -10.817 -9.859  1.00 15.00 ? 145 ARG A NH1 1 
ATOM   1142 N NH2 . ARG A 1 145 ? 3.721   -8.745  -8.905  1.00 14.07 ? 145 ARG A NH2 1 
ATOM   1143 N N   . THR A 1 146 ? -2.924  -12.317 -6.417  1.00 14.75 ? 146 THR A N   1 
ATOM   1144 C CA  . THR A 1 146 ? -2.854  -12.334 -4.955  1.00 16.19 ? 146 THR A CA  1 
ATOM   1145 C C   . THR A 1 146 ? -1.527  -12.841 -4.448  1.00 17.83 ? 146 THR A C   1 
ATOM   1146 O O   . THR A 1 146 ? -1.269  -12.896 -3.239  1.00 22.43 ? 146 THR A O   1 
ATOM   1147 C CB  . THR A 1 146 ? -3.998  -13.194 -4.367  1.00 18.80 ? 146 THR A CB  1 
ATOM   1148 O OG1 . THR A 1 146 ? -3.958  -14.478 -5.041  1.00 29.07 ? 146 THR A OG1 1 
ATOM   1149 C CG2 . THR A 1 146 ? -5.339  -12.579 -4.763  1.00 21.61 ? 146 THR A CG2 1 
ATOM   1150 N N   . SER A 1 147 ? -0.626  -13.203 -5.361  1.00 16.01 ? 147 SER A N   1 
ATOM   1151 C CA  . SER A 1 147 ? 0.731   -13.542 -4.968  1.00 17.11 ? 147 SER A CA  1 
ATOM   1152 C C   . SER A 1 147 ? 1.715   -13.204 -6.087  1.00 15.90 ? 147 SER A C   1 
ATOM   1153 O O   . SER A 1 147 ? 1.338   -13.112 -7.247  1.00 15.34 ? 147 SER A O   1 
ATOM   1154 C CB  . SER A 1 147 ? 0.855   -15.025 -4.609  1.00 19.74 ? 147 SER A CB  1 
ATOM   1155 O OG  . SER A 1 147 ? 0.735   -15.825 -5.774  1.00 24.59 ? 147 SER A OG  1 
ATOM   1156 N N   . GLY A 1 148 ? 2.977   -13.020 -5.704  1.00 14.06 ? 148 GLY A N   1 
ATOM   1157 C CA  . GLY A 1 148 ? 4.001   -12.709 -6.683  1.00 15.55 ? 148 GLY A CA  1 
ATOM   1158 C C   . GLY A 1 148 ? 5.079   -11.808 -6.120  1.00 15.31 ? 148 GLY A C   1 
ATOM   1159 O O   . GLY A 1 148 ? 5.131   -11.530 -4.927  1.00 13.28 ? 148 GLY A O   1 
ATOM   1160 N N   . THR A 1 149 ? 5.962   -11.359 -7.006  1.00 15.19 ? 149 THR A N   1 
ATOM   1161 C CA  . THR A 1 149 ? 7.058   -10.481 -6.625  1.00 14.34 ? 149 THR A CA  1 
ATOM   1162 C C   . THR A 1 149 ? 6.884   -9.124  -7.319  1.00 13.91 ? 149 THR A C   1 
ATOM   1163 O O   . THR A 1 149 ? 6.586   -9.073  -8.511  1.00 12.79 ? 149 THR A O   1 
ATOM   1164 C CB  . THR A 1 149 ? 8.417   -11.075 -7.077  1.00 16.28 ? 149 THR A CB  1 
ATOM   1165 O OG1 . THR A 1 149 ? 8.640   -12.295 -6.356  1.00 21.66 ? 149 THR A OG1 1 
ATOM   1166 C CG2 . THR A 1 149 ? 9.548   -10.130 -6.691  1.00 16.54 ? 149 THR A CG2 1 
ATOM   1167 N N   . VAL A 1 150 ? 7.039   -8.074  -6.540  1.00 12.89 ? 150 VAL A N   1 
ATOM   1168 C CA  . VAL A 1 150 ? 7.085   -6.715  -7.060  1.00 12.03 ? 150 VAL A CA  1 
ATOM   1169 C C   . VAL A 1 150 ? 8.520   -6.193  -6.975  1.00 11.17 ? 150 VAL A C   1 
ATOM   1170 O O   . VAL A 1 150 ? 9.112   -6.168  -5.903  1.00 14.26 ? 150 VAL A O   1 
ATOM   1171 C CB  . VAL A 1 150 ? 6.174   -5.761  -6.263  1.00 13.52 ? 150 VAL A CB  1 
ATOM   1172 C CG1 . VAL A 1 150 ? 6.407   -4.323  -6.687  1.00 15.63 ? 150 VAL A CG1 1 
ATOM   1173 C CG2 . VAL A 1 150 ? 4.722   -6.151  -6.399  1.00 13.26 ? 150 VAL A CG2 1 
ATOM   1174 N N   . GLN A 1 151 ? 9.061   -5.811  -8.123  1.00 13.72 ? 151 GLN A N   1 
ATOM   1175 C CA  . GLN A 1 151 ? 10.364  -5.110  -8.104  1.00 15.65 ? 151 GLN A CA  1 
ATOM   1176 C C   . GLN A 1 151 ? 10.063  -3.604  -8.086  1.00 13.24 ? 151 GLN A C   1 
ATOM   1177 O O   . GLN A 1 151 ? 9.638   -3.046  -9.092  1.00 13.72 ? 151 GLN A O   1 
ATOM   1178 C CB  . GLN A 1 151 ? 11.137  -5.453  -9.381  1.00 21.57 ? 151 GLN A CB  1 
ATOM   1179 C CG  . GLN A 1 151 ? 11.553  -6.911  -9.477  1.00 28.55 ? 151 GLN A CG  1 
ATOM   1180 C CD  . GLN A 1 151 ? 12.901  -7.183  -8.844  1.00 36.13 ? 151 GLN A CD  1 
ATOM   1181 O OE1 . GLN A 1 151 ? 13.449  -8.282  -8.969  1.00 49.44 ? 151 GLN A OE1 1 
ATOM   1182 N NE2 . GLN A 1 151 ? 13.456  -6.184  -8.162  1.00 42.31 ? 151 GLN A NE2 1 
ATOM   1183 N N   . THR A 1 152 ? 10.198  -3.008  -6.906  1.00 12.87 ? 152 THR A N   1 
ATOM   1184 C CA  . THR A 1 152 ? 9.736   -1.630  -6.734  1.00 12.75 ? 152 THR A CA  1 
ATOM   1185 C C   . THR A 1 152 ? 10.479  -0.670  -7.642  1.00 13.89 ? 152 THR A C   1 
ATOM   1186 O O   . THR A 1 152 ? 9.931   0.353   -8.060  1.00 15.07 ? 152 THR A O   1 
ATOM   1187 C CB  . THR A 1 152 ? 9.823   -1.167  -5.284  1.00 11.88 ? 152 THR A CB  1 
ATOM   1188 O OG1 . THR A 1 152 ? 11.176  -1.158  -4.846  1.00 12.17 ? 152 THR A OG1 1 
ATOM   1189 C CG2 . THR A 1 152 ? 9.050   -2.101  -4.363  1.00 15.22 ? 152 THR A CG2 1 
ATOM   1190 N N   . GLY A 1 153 ? 11.728  -0.999  -7.966  1.00 14.45 ? 153 GLY A N   1 
ATOM   1191 C CA  . GLY A 1 153 ? 12.552  -0.157  -8.812  1.00 13.53 ? 153 GLY A CA  1 
ATOM   1192 C C   . GLY A 1 153 ? 11.945  0.095   -10.168 1.00 15.01 ? 153 GLY A C   1 
ATOM   1193 O O   . GLY A 1 153 ? 12.150  1.160   -10.770 1.00 15.39 ? 153 GLY A O   1 
ATOM   1194 N N   . CYS A 1 154 ? 11.200  -0.883  -10.679 1.00 14.45 ? 154 CYS A N   1 
ATOM   1195 C CA  . CYS A 1 154 ? 10.530  -0.733  -11.969 1.00 15.13 ? 154 CYS A CA  1 
ATOM   1196 C C   . CYS A 1 154 ? 9.528   0.413   -11.924 1.00 15.52 ? 154 CYS A C   1 
ATOM   1197 O O   . CYS A 1 154 ? 9.392   1.171   -12.878 1.00 14.46 ? 154 CYS A O   1 
ATOM   1198 C CB  . CYS A 1 154 ? 9.863   -2.036  -12.380 1.00 15.51 ? 154 CYS A CB  1 
ATOM   1199 S SG  . CYS A 1 154 ? 9.114   -2.068  -14.022 1.00 17.67 ? 154 CYS A SG  1 
ATOM   1200 N N   . HIS A 1 155 ? 8.841   0.559   -10.788 1.00 13.59 ? 155 HIS A N   1 
ATOM   1201 C CA  . HIS A 1 155 ? 7.820   1.584   -10.643 1.00 11.30 ? 155 HIS A CA  1 
ATOM   1202 C C   . HIS A 1 155 ? 8.397   2.947   -10.330 1.00 10.57 ? 155 HIS A C   1 
ATOM   1203 O O   . HIS A 1 155 ? 7.954   3.962   -10.883 1.00 13.29 ? 155 HIS A O   1 
ATOM   1204 C CB  . HIS A 1 155 ? 6.802   1.174   -9.567  1.00 12.61 ? 155 HIS A CB  1 
ATOM   1205 C CG  . HIS A 1 155 ? 6.160   -0.141  -9.898  1.00 10.51 ? 155 HIS A CG  1 
ATOM   1206 N ND1 . HIS A 1 155 ? 5.046   -0.235  -10.705 1.00 11.15 ? 155 HIS A ND1 1 
ATOM   1207 C CD2 . HIS A 1 155 ? 6.543   -1.412  -9.597  1.00 8.78  ? 155 HIS A CD2 1 
ATOM   1208 C CE1 . HIS A 1 155 ? 4.740   -1.514  -10.852 1.00 12.23 ? 155 HIS A CE1 1 
ATOM   1209 N NE2 . HIS A 1 155 ? 5.618   -2.236  -10.189 1.00 9.19  ? 155 HIS A NE2 1 
ATOM   1210 N N   . PHE A 1 156 ? 9.386   2.993   -9.446  1.00 10.07 ? 156 PHE A N   1 
ATOM   1211 C CA  . PHE A 1 156 ? 10.080  4.237   -9.150  1.00 12.83 ? 156 PHE A CA  1 
ATOM   1212 C C   . PHE A 1 156 ? 10.748  4.820   -10.384 1.00 13.83 ? 156 PHE A C   1 
ATOM   1213 O O   . PHE A 1 156 ? 10.690  6.026   -10.625 1.00 15.43 ? 156 PHE A O   1 
ATOM   1214 C CB  . PHE A 1 156 ? 11.066  4.062   -8.000  1.00 14.61 ? 156 PHE A CB  1 
ATOM   1215 C CG  . PHE A 1 156 ? 10.398  4.099   -6.628  1.00 16.36 ? 156 PHE A CG  1 
ATOM   1216 C CD1 . PHE A 1 156 ? 10.070  5.312   -6.046  1.00 17.86 ? 156 PHE A CD1 1 
ATOM   1217 C CD2 . PHE A 1 156 ? 10.097  2.933   -5.958  1.00 18.46 ? 156 PHE A CD2 1 
ATOM   1218 C CE1 . PHE A 1 156 ? 9.433   5.351   -4.817  1.00 19.36 ? 156 PHE A CE1 1 
ATOM   1219 C CE2 . PHE A 1 156 ? 9.453   2.961   -4.732  1.00 19.45 ? 156 PHE A CE2 1 
ATOM   1220 C CZ  . PHE A 1 156 ? 9.134   4.177   -4.157  1.00 18.97 ? 156 PHE A CZ  1 
ATOM   1221 N N   . ASP A 1 157 ? 11.360  3.969   -11.212 1.00 14.31 ? 157 ASP A N   1 
ATOM   1222 C CA  . ASP A 1 157 ? 11.981  4.455   -12.451 1.00 15.88 ? 157 ASP A CA  1 
ATOM   1223 C C   . ASP A 1 157 ? 10.920  5.055   -13.376 1.00 16.79 ? 157 ASP A C   1 
ATOM   1224 O O   . ASP A 1 157 ? 11.150  6.077   -14.013 1.00 18.79 ? 157 ASP A O   1 
ATOM   1225 C CB  . ASP A 1 157 ? 12.684  3.314   -13.185 1.00 18.29 ? 157 ASP A CB  1 
ATOM   1226 C CG  . ASP A 1 157 ? 13.984  2.884   -12.561 1.00 22.36 ? 157 ASP A CG  1 
ATOM   1227 O OD1 . ASP A 1 157 ? 14.467  3.550   -11.622 1.00 27.40 ? 157 ASP A OD1 1 
ATOM   1228 O OD2 . ASP A 1 157 ? 14.544  1.851   -13.001 1.00 29.45 ? 157 ASP A OD2 1 
ATOM   1229 N N   . ALA A 1 158 ? 9.776   4.380   -13.459 1.00 15.05 ? 158 ALA A N   1 
ATOM   1230 C CA  . ALA A 1 158 ? 8.671   4.838   -14.277 1.00 14.47 ? 158 ALA A CA  1 
ATOM   1231 C C   . ALA A 1 158 ? 8.155   6.193   -13.813 1.00 15.05 ? 158 ALA A C   1 
ATOM   1232 O O   . ALA A 1 158 ? 7.904   7.086   -14.615 1.00 12.21 ? 158 ALA A O   1 
ATOM   1233 C CB  . ALA A 1 158 ? 7.553   3.810   -14.294 1.00 16.68 ? 158 ALA A CB  1 
ATOM   1234 N N   . TRP A 1 159 ? 7.981   6.343   -12.496 1.00 15.10 ? 159 TRP A N   1 
ATOM   1235 C CA  . TRP A 1 159 ? 7.521   7.629   -11.959 1.00 13.98 ? 159 TRP A CA  1 
ATOM   1236 C C   . TRP A 1 159 ? 8.546   8.722   -12.253 1.00 15.10 ? 159 TRP A C   1 
ATOM   1237 O O   . TRP A 1 159 ? 8.195   9.846   -12.597 1.00 14.99 ? 159 TRP A O   1 
ATOM   1238 C CB  . TRP A 1 159 ? 7.258   7.531   -10.466 1.00 13.09 ? 159 TRP A CB  1 
ATOM   1239 C CG  . TRP A 1 159 ? 6.004   6.799   -10.092 1.00 10.69 ? 159 TRP A CG  1 
ATOM   1240 C CD1 . TRP A 1 159 ? 4.817   6.780   -10.744 1.00 11.41 ? 159 TRP A CD1 1 
ATOM   1241 C CD2 . TRP A 1 159 ? 5.829   5.963   -8.929  1.00 9.30  ? 159 TRP A CD2 1 
ATOM   1242 N NE1 . TRP A 1 159 ? 3.909   5.985   -10.074 1.00 12.06 ? 159 TRP A NE1 1 
ATOM   1243 C CE2 . TRP A 1 159 ? 4.511   5.480   -8.961  1.00 10.41 ? 159 TRP A CE2 1 
ATOM   1244 C CE3 . TRP A 1 159 ? 6.667   5.595   -7.881  1.00 9.75  ? 159 TRP A CE3 1 
ATOM   1245 C CZ2 . TRP A 1 159 ? 4.003   4.629   -7.971  1.00 10.35 ? 159 TRP A CZ2 1 
ATOM   1246 C CZ3 . TRP A 1 159 ? 6.166   4.752   -6.901  1.00 9.89  ? 159 TRP A CZ3 1 
ATOM   1247 C CH2 . TRP A 1 159 ? 4.854   4.284   -6.957  1.00 8.46  ? 159 TRP A CH2 1 
ATOM   1248 N N   . ALA A 1 160 ? 9.832   8.382   -12.137 1.00 14.83 ? 160 ALA A N   1 
ATOM   1249 C CA  . ALA A 1 160 ? 10.879  9.350   -12.433 1.00 15.02 ? 160 ALA A CA  1 
ATOM   1250 C C   . ALA A 1 160 ? 10.838  9.800   -13.886 1.00 17.33 ? 160 ALA A C   1 
ATOM   1251 O O   . ALA A 1 160 ? 10.964  10.992  -14.179 1.00 16.51 ? 160 ALA A O   1 
ATOM   1252 C CB  . ALA A 1 160 ? 12.245  8.811   -12.063 1.00 14.89 ? 160 ALA A CB  1 
ATOM   1253 N N   . ARG A 1 161 ? 10.672  8.859   -14.807 1.00 18.47 ? 161 ARG A N   1 
ATOM   1254 C CA  . ARG A 1 161 ? 10.627  9.174   -16.228 1.00 21.49 ? 161 ARG A CA  1 
ATOM   1255 C C   . ARG A 1 161 ? 9.462   10.101  -16.560 1.00 21.89 ? 161 ARG A C   1 
ATOM   1256 O O   . ARG A 1 161 ? 9.518   10.870  -17.521 1.00 26.24 ? 161 ARG A O   1 
ATOM   1257 C CB  . ARG A 1 161 ? 10.507  7.892   -17.061 1.00 24.00 ? 161 ARG A CB  1 
ATOM   1258 C CG  . ARG A 1 161 ? 11.778  7.067   -17.111 1.00 30.07 ? 161 ARG A CG  1 
ATOM   1259 C CD  . ARG A 1 161 ? 11.679  5.978   -18.178 1.00 35.76 ? 161 ARG A CD  1 
ATOM   1260 N NE  . ARG A 1 161 ? 12.207  4.704   -17.699 1.00 39.92 ? 161 ARG A NE  1 
ATOM   1261 C CZ  . ARG A 1 161 ? 11.536  3.851   -16.936 1.00 41.11 ? 161 ARG A CZ  1 
ATOM   1262 N NH1 . ARG A 1 161 ? 10.266  3.570   -17.200 1.00 40.43 ? 161 ARG A NH1 1 
ATOM   1263 N NH2 . ARG A 1 161 ? 12.141  3.265   -15.911 1.00 45.82 ? 161 ARG A NH2 1 
ATOM   1264 N N   . ALA A 1 162 ? 8.400   10.014  -15.771 1.00 19.18 ? 162 ALA A N   1 
ATOM   1265 C CA  . ALA A 1 162 ? 7.246   10.881  -15.942 1.00 18.43 ? 162 ALA A CA  1 
ATOM   1266 C C   . ALA A 1 162 ? 7.476   12.252  -15.327 1.00 17.99 ? 162 ALA A C   1 
ATOM   1267 O O   . ALA A 1 162 ? 6.640   13.149  -15.450 1.00 25.76 ? 162 ALA A O   1 
ATOM   1268 C CB  . ALA A 1 162 ? 5.996   10.236  -15.368 1.00 22.62 ? 162 ALA A CB  1 
ATOM   1269 N N   . GLY A 1 163 ? 8.609   12.421  -14.650 1.00 17.28 ? 163 GLY A N   1 
ATOM   1270 C CA  . GLY A 1 163 ? 8.976   13.689  -14.069 1.00 16.29 ? 163 GLY A CA  1 
ATOM   1271 C C   . GLY A 1 163 ? 8.665   13.825  -12.605 1.00 17.22 ? 163 GLY A C   1 
ATOM   1272 O O   . GLY A 1 163 ? 8.725   14.930  -12.041 1.00 21.35 ? 163 GLY A O   1 
ATOM   1273 N N   . LEU A 1 164 ? 8.322   12.726  -11.931 1.00 15.65 ? 164 LEU A N   1 
ATOM   1274 C CA  . LEU A 1 164 ? 7.986   12.826  -10.502 1.00 15.46 ? 164 LEU A CA  1 
ATOM   1275 C C   . LEU A 1 164 ? 9.228   12.734  -9.646  1.00 14.87 ? 164 LEU A C   1 
ATOM   1276 O O   . LEU A 1 164 ? 10.213  12.079  -9.998  1.00 15.03 ? 164 LEU A O   1 
ATOM   1277 C CB  . LEU A 1 164 ? 6.988   11.734  -10.124 1.00 16.16 ? 164 LEU A CB  1 
ATOM   1278 C CG  . LEU A 1 164 ? 5.670   11.715  -10.893 1.00 19.35 ? 164 LEU A CG  1 
ATOM   1279 C CD1 . LEU A 1 164 ? 4.781   10.571  -10.401 1.00 21.33 ? 164 LEU A CD1 1 
ATOM   1280 C CD2 . LEU A 1 164 ? 4.939   13.043  -10.755 1.00 24.50 ? 164 LEU A CD2 1 
ATOM   1281 N N   . ASN A 1 165 ? 9.212   13.392  -8.484  1.00 13.38 ? 165 ASN A N   1 
ATOM   1282 C CA  . ASN A 1 165 ? 10.382  13.328  -7.610  1.00 15.02 ? 165 ASN A CA  1 
ATOM   1283 C C   . ASN A 1 165 ? 10.363  12.043  -6.785  1.00 15.04 ? 165 ASN A C   1 
ATOM   1284 O O   . ASN A 1 165 ? 9.450   11.839  -5.985  1.00 17.49 ? 165 ASN A O   1 
ATOM   1285 C CB  . ASN A 1 165 ? 10.417  14.548  -6.691  1.00 16.23 ? 165 ASN A CB  1 
ATOM   1286 C CG  . ASN A 1 165 ? 11.679  14.626  -5.857  1.00 18.23 ? 165 ASN A CG  1 
ATOM   1287 O OD1 . ASN A 1 165 ? 12.368  13.630  -5.651  1.00 22.58 ? 165 ASN A OD1 1 
ATOM   1288 N ND2 . ASN A 1 165 ? 11.989  15.819  -5.366  1.00 22.82 ? 165 ASN A ND2 1 
ATOM   1289 N N   . VAL A 1 166 ? 11.365  11.198  -6.982  1.00 14.97 ? 166 VAL A N   1 
ATOM   1290 C CA  . VAL A 1 166 ? 11.495  9.953   -6.246  1.00 18.04 ? 166 VAL A CA  1 
ATOM   1291 C C   . VAL A 1 166 ? 12.776  9.927   -5.418  1.00 17.97 ? 166 VAL A C   1 
ATOM   1292 O O   . VAL A 1 166 ? 13.280  8.855   -5.076  1.00 20.95 ? 166 VAL A O   1 
ATOM   1293 C CB  . VAL A 1 166 ? 11.499  8.727   -7.182  1.00 20.40 ? 166 VAL A CB  1 
ATOM   1294 C CG1 . VAL A 1 166 ? 10.229  8.666   -7.998  1.00 18.76 ? 166 VAL A CG1 1 
ATOM   1295 C CG2 . VAL A 1 166 ? 12.735  8.752   -8.073  1.00 22.05 ? 166 VAL A CG2 1 
ATOM   1296 N N   . ASN A 1 167 ? 13.288  11.105  -5.083  1.00 17.81 ? 167 ASN A N   1 
ATOM   1297 C CA  . ASN A 1 167 ? 14.540  11.212  -4.353  1.00 19.36 ? 167 ASN A CA  1 
ATOM   1298 C C   . ASN A 1 167 ? 14.361  11.519  -2.887  1.00 17.65 ? 167 ASN A C   1 
ATOM   1299 O O   . ASN A 1 167 ? 15.325  11.877  -2.199  1.00 18.64 ? 167 ASN A O   1 
ATOM   1300 C CB  . ASN A 1 167 ? 15.442  12.267  -5.015  1.00 24.70 ? 167 ASN A CB  1 
ATOM   1301 C CG  . ASN A 1 167 ? 15.720  11.896  -6.470  1.00 30.45 ? 167 ASN A CG  1 
ATOM   1302 O OD1 . ASN A 1 167 ? 16.152  10.777  -6.744  1.00 37.26 ? 167 ASN A OD1 1 
ATOM   1303 N ND2 . ASN A 1 167 ? 15.425  12.818  -7.371  1.00 37.09 ? 167 ASN A ND2 1 
ATOM   1304 N N   . GLY A 1 168 ? 13.142  11.405  -2.370  1.00 18.07 ? 168 GLY A N   1 
ATOM   1305 C CA  . GLY A 1 168 ? 12.885  11.710  -0.970  1.00 17.17 ? 168 GLY A CA  1 
ATOM   1306 C C   . GLY A 1 168 ? 13.506  10.702  -0.027  1.00 17.09 ? 168 GLY A C   1 
ATOM   1307 O O   . GLY A 1 168 ? 13.948  9.628   -0.444  1.00 18.74 ? 168 GLY A O   1 
ATOM   1308 N N   . ASP A 1 169 ? 13.553  11.045  1.254   1.00 16.64 ? 169 ASP A N   1 
ATOM   1309 C CA  . ASP A 1 169 ? 14.047  10.126  2.282   1.00 17.17 ? 169 ASP A CA  1 
ATOM   1310 C C   . ASP A 1 169 ? 12.931  9.137   2.638   1.00 16.63 ? 169 ASP A C   1 
ATOM   1311 O O   . ASP A 1 169 ? 11.854  9.552   3.053   1.00 17.06 ? 169 ASP A O   1 
ATOM   1312 C CB  . ASP A 1 169 ? 14.401  10.928  3.555   1.00 19.99 ? 169 ASP A CB  1 
ATOM   1313 C CG  . ASP A 1 169 ? 15.487  11.954  3.256   1.00 25.38 ? 169 ASP A CG  1 
ATOM   1314 O OD1 . ASP A 1 169 ? 16.469  11.570  2.591   1.00 28.33 ? 169 ASP A OD1 1 
ATOM   1315 O OD2 . ASP A 1 169 ? 15.329  13.123  3.657   1.00 33.95 ? 169 ASP A OD2 1 
ATOM   1316 N N   . HIS A 1 170 ? 13.204  7.854   2.444   1.00 15.07 ? 170 HIS A N   1 
ATOM   1317 C CA  . HIS A 1 170 ? 12.210  6.826   2.635   1.00 12.67 ? 170 HIS A CA  1 
ATOM   1318 C C   . HIS A 1 170 ? 11.779  6.678   4.088   1.00 11.50 ? 170 HIS A C   1 
ATOM   1319 O O   . HIS A 1 170 ? 12.611  6.603   4.990   1.00 12.98 ? 170 HIS A O   1 
ATOM   1320 C CB  . HIS A 1 170 ? 12.690  5.475   2.097   1.00 13.64 ? 170 HIS A CB  1 
ATOM   1321 C CG  . HIS A 1 170 ? 12.511  5.345   0.614   1.00 15.97 ? 170 HIS A CG  1 
ATOM   1322 N ND1 . HIS A 1 170 ? 11.373  4.831   0.045   1.00 17.32 ? 170 HIS A ND1 1 
ATOM   1323 C CD2 . HIS A 1 170 ? 13.331  5.699   -0.412  1.00 16.65 ? 170 HIS A CD2 1 
ATOM   1324 C CE1 . HIS A 1 170 ? 11.494  4.860   -1.273  1.00 17.78 ? 170 HIS A CE1 1 
ATOM   1325 N NE2 . HIS A 1 170 ? 12.671  5.382   -1.575  1.00 16.15 ? 170 HIS A NE2 1 
ATOM   1326 N N   . TYR A 1 171 ? 10.473  6.582   4.278   1.00 10.38 ? 171 TYR A N   1 
ATOM   1327 C CA  . TYR A 1 171 ? 9.914   6.101   5.557   1.00 9.71  ? 171 TYR A CA  1 
ATOM   1328 C C   . TYR A 1 171 ? 9.515   4.653   5.381   1.00 11.28 ? 171 TYR A C   1 
ATOM   1329 O O   . TYR A 1 171 ? 10.247  3.889   4.697   1.00 12.72 ? 171 TYR A O   1 
ATOM   1330 C CB  . TYR A 1 171 ? 8.775   6.996   5.984   1.00 10.15 ? 171 TYR A CB  1 
ATOM   1331 C CG  . TYR A 1 171 ? 8.320   6.820   7.413   1.00 10.13 ? 171 TYR A CG  1 
ATOM   1332 C CD1 . TYR A 1 171 ? 9.224   6.908   8.466   1.00 12.55 ? 171 TYR A CD1 1 
ATOM   1333 C CD2 . TYR A 1 171 ? 6.990   6.565   7.707   1.00 12.32 ? 171 TYR A CD2 1 
ATOM   1334 C CE1 . TYR A 1 171 ? 8.809   6.749   9.776   1.00 12.70 ? 171 TYR A CE1 1 
ATOM   1335 C CE2 . TYR A 1 171 ? 6.566   6.403   9.019   1.00 13.09 ? 171 TYR A CE2 1 
ATOM   1336 C CZ  . TYR A 1 171 ? 7.480   6.497   10.042  1.00 12.62 ? 171 TYR A CZ  1 
ATOM   1337 O OH  . TYR A 1 171 ? 7.059   6.324   11.344  1.00 15.11 ? 171 TYR A OH  1 
ATOM   1338 N N   . TYR A 1 172 ? 8.378   4.201   5.894   1.00 10.13 ? 172 TYR A N   1 
ATOM   1339 C CA  . TYR A 1 172 ? 8.022   2.804   5.770   1.00 9.07  ? 172 TYR A CA  1 
ATOM   1340 C C   . TYR A 1 172 ? 7.621   2.375   4.370   1.00 8.66  ? 172 TYR A C   1 
ATOM   1341 O O   . TYR A 1 172 ? 7.230   3.171   3.523   1.00 8.48  ? 172 TYR A O   1 
ATOM   1342 C CB  . TYR A 1 172 ? 7.076   2.301   6.816   1.00 9.99  ? 172 TYR A CB  1 
ATOM   1343 C CG  . TYR A 1 172 ? 5.655   2.794   6.756   1.00 9.14  ? 172 TYR A CG  1 
ATOM   1344 C CD1 . TYR A 1 172 ? 4.832   2.535   5.678   1.00 9.08  ? 172 TYR A CD1 1 
ATOM   1345 C CD2 . TYR A 1 172 ? 5.130   3.545   7.814   1.00 9.29  ? 172 TYR A CD2 1 
ATOM   1346 C CE1 . TYR A 1 172 ? 3.524   2.988   5.633   1.00 10.61 ? 172 TYR A CE1 1 
ATOM   1347 C CE2 . TYR A 1 172 ? 3.829   4.004   7.775   1.00 9.18  ? 172 TYR A CE2 1 
ATOM   1348 C CZ  . TYR A 1 172 ? 3.034   3.725   6.693   1.00 10.99 ? 172 TYR A CZ  1 
ATOM   1349 O OH  . TYR A 1 172 ? 1.736   4.182   6.656   1.00 16.63 ? 172 TYR A OH  1 
ATOM   1350 N N   . GLN A 1 173 ? 7.711   1.069   4.151   1.00 8.15  ? 173 GLN A N   1 
ATOM   1351 C CA  . GLN A 1 173 ? 7.360   0.440   2.867   1.00 8.74  ? 173 GLN A CA  1 
ATOM   1352 C C   . GLN A 1 173 ? 6.766   -0.940  3.185   1.00 8.36  ? 173 GLN A C   1 
ATOM   1353 O O   . GLN A 1 173 ? 7.470   -1.827  3.661   1.00 10.26 ? 173 GLN A O   1 
ATOM   1354 C CB  . GLN A 1 173 ? 8.659   0.267   2.065   1.00 10.34 ? 173 GLN A CB  1 
ATOM   1355 C CG  . GLN A 1 173 ? 8.516   -0.474  0.749   1.00 10.59 ? 173 GLN A CG  1 
ATOM   1356 C CD  . GLN A 1 173 ? 9.827   -0.404  -0.045  1.00 10.49 ? 173 GLN A CD  1 
ATOM   1357 O OE1 . GLN A 1 173 ? 10.821  -1.004  0.349   1.00 10.98 ? 173 GLN A OE1 1 
ATOM   1358 N NE2 . GLN A 1 173 ? 9.821   0.390   -1.102  1.00 11.99 ? 173 GLN A NE2 1 
ATOM   1359 N N   . ILE A 1 174 ? 5.458   -1.072  3.026   1.00 7.49  ? 174 ILE A N   1 
ATOM   1360 C CA  . ILE A 1 174 ? 4.789   -2.290  3.488   1.00 6.78  ? 174 ILE A CA  1 
ATOM   1361 C C   . ILE A 1 174 ? 3.890   -2.856  2.408   1.00 7.05  ? 174 ILE A C   1 
ATOM   1362 O O   . ILE A 1 174 ? 3.564   -2.189  1.424   1.00 10.53 ? 174 ILE A O   1 
ATOM   1363 C CB  . ILE A 1 174 ? 3.949   -1.998  4.753   1.00 7.05  ? 174 ILE A CB  1 
ATOM   1364 C CG1 . ILE A 1 174 ? 2.792   -1.034  4.521   1.00 10.08 ? 174 ILE A CG1 1 
ATOM   1365 C CG2 . ILE A 1 174 ? 4.846   -1.547  5.885   1.00 8.05  ? 174 ILE A CG2 1 
ATOM   1366 C CD1 . ILE A 1 174 ? 1.863   -0.868  5.702   1.00 12.20 ? 174 ILE A CD1 1 
ATOM   1367 N N   . VAL A 1 175 ? 3.477   -4.109  2.587   1.00 6.74  ? 175 VAL A N   1 
ATOM   1368 C CA  . VAL A 1 175 ? 2.438   -4.661  1.709   1.00 7.20  ? 175 VAL A CA  1 
ATOM   1369 C C   . VAL A 1 175 ? 1.102   -4.572  2.453   1.00 10.09 ? 175 VAL A C   1 
ATOM   1370 O O   . VAL A 1 175 ? 0.894   -5.268  3.441   1.00 10.13 ? 175 VAL A O   1 
ATOM   1371 C CB  . VAL A 1 175 ? 2.711   -6.120  1.334   1.00 9.93  ? 175 VAL A CB  1 
ATOM   1372 C CG1 . VAL A 1 175 ? 1.568   -6.649  0.466   1.00 13.32 ? 175 VAL A CG1 1 
ATOM   1373 C CG2 . VAL A 1 175 ? 4.027   -6.208  0.552   1.00 13.21 ? 175 VAL A CG2 1 
ATOM   1374 N N   . ALA A 1 176 ? 0.287   -3.625  2.016   1.00 9.82  ? 176 ALA A N   1 
ATOM   1375 C CA  . ALA A 1 176 ? -0.881  -3.234  2.788   1.00 10.78 ? 176 ALA A CA  1 
ATOM   1376 C C   . ALA A 1 176 ? -2.157  -3.798  2.180   1.00 10.30 ? 176 ALA A C   1 
ATOM   1377 O O   . ALA A 1 176 ? -2.297  -3.879  0.969   1.00 11.04 ? 176 ALA A O   1 
ATOM   1378 C CB  . ALA A 1 176 ? -0.973  -1.712  2.878   1.00 12.52 ? 176 ALA A CB  1 
ATOM   1379 N N   . THR A 1 177 ? -3.079  -4.135  3.070   1.00 7.60  ? 177 THR A N   1 
ATOM   1380 C CA  . THR A 1 177 ? -4.459  -4.440  2.699   1.00 7.36  ? 177 THR A CA  1 
ATOM   1381 C C   . THR A 1 177 ? -5.336  -3.264  3.191   1.00 7.48  ? 177 THR A C   1 
ATOM   1382 O O   . THR A 1 177 ? -5.135  -2.813  4.314   1.00 9.81  ? 177 THR A O   1 
ATOM   1383 C CB  . THR A 1 177 ? -4.934  -5.717  3.422   1.00 12.62 ? 177 THR A CB  1 
ATOM   1384 O OG1 . THR A 1 177 ? -4.108  -6.818  3.003   1.00 12.69 ? 177 THR A OG1 1 
ATOM   1385 C CG2 . THR A 1 177 ? -6.359  -6.058  3.031   1.00 14.81 ? 177 THR A CG2 1 
ATOM   1386 N N   . GLU A 1 178 ? -6.193  -2.791  2.322   1.00 10.09 ? 178 GLU A N   1 
ATOM   1387 C CA  . GLU A 1 178 ? -7.076  -1.667  2.631   1.00 9.14  ? 178 GLU A CA  1 
ATOM   1388 C C   . GLU A 1 178 ? -8.532  -2.087  2.418   1.00 10.63 ? 178 GLU A C   1 
ATOM   1389 O O   . GLU A 1 178 ? -8.832  -2.883  1.539   1.00 10.07 ? 178 GLU A O   1 
ATOM   1390 C CB  . GLU A 1 178 ? -6.754  -0.473  1.726   1.00 10.54 ? 178 GLU A CB  1 
ATOM   1391 C CG  . GLU A 1 178 ? -7.555  0.772   1.988   1.00 11.41 ? 178 GLU A CG  1 
ATOM   1392 C CD  . GLU A 1 178 ? -8.767  0.957   1.118   1.00 13.62 ? 178 GLU A CD  1 
ATOM   1393 O OE1 . GLU A 1 178 ? -9.187  0.015   0.418   1.00 12.98 ? 178 GLU A OE1 1 
ATOM   1394 O OE2 . GLU A 1 178 ? -9.355  2.068   1.147   1.00 18.31 ? 178 GLU A OE2 1 
ATOM   1395 N N   . GLY A 1 179 ? -9.400  -1.543  3.261   1.00 11.24 ? 179 GLY A N   1 
ATOM   1396 C CA  . GLY A 1 179 ? -10.833 -1.655  3.113   1.00 11.52 ? 179 GLY A CA  1 
ATOM   1397 C C   . GLY A 1 179 ? -11.469 -0.260  3.209   1.00 11.12 ? 179 GLY A C   1 
ATOM   1398 O O   . GLY A 1 179 ? -10.940 0.587   3.929   1.00 12.23 ? 179 GLY A O   1 
ATOM   1399 N N   . TYR A 1 180 ? -12.546 -0.051  2.476   1.00 11.19 ? 180 TYR A N   1 
ATOM   1400 C CA  . TYR A 1 180 ? -13.274 1.214   2.521   1.00 11.13 ? 180 TYR A CA  1 
ATOM   1401 C C   . TYR A 1 180 ? -14.779 0.962   2.455   1.00 10.90 ? 180 TYR A C   1 
ATOM   1402 O O   . TYR A 1 180 ? -15.316 0.653   1.400   1.00 13.46 ? 180 TYR A O   1 
ATOM   1403 C CB  . TYR A 1 180 ? -12.848 2.127   1.368   1.00 13.42 ? 180 TYR A CB  1 
ATOM   1404 C CG  . TYR A 1 180 ? -13.402 3.528   1.493   1.00 17.32 ? 180 TYR A CG  1 
ATOM   1405 C CD1 . TYR A 1 180 ? -12.881 4.407   2.433   1.00 20.55 ? 180 TYR A CD1 1 
ATOM   1406 C CD2 . TYR A 1 180 ? -14.459 3.956   0.706   1.00 20.76 ? 180 TYR A CD2 1 
ATOM   1407 C CE1 . TYR A 1 180 ? -13.382 5.687   2.566   1.00 22.43 ? 180 TYR A CE1 1 
ATOM   1408 C CE2 . TYR A 1 180 ? -14.966 5.239   0.833   1.00 22.61 ? 180 TYR A CE2 1 
ATOM   1409 C CZ  . TYR A 1 180 ? -14.424 6.094   1.764   1.00 24.24 ? 180 TYR A CZ  1 
ATOM   1410 O OH  . TYR A 1 180 ? -14.933 7.370   1.904   1.00 31.45 ? 180 TYR A OH  1 
ATOM   1411 N N   . PHE A 1 181 ? -15.445 1.057   3.605   1.00 11.60 ? 181 PHE A N   1 
ATOM   1412 C CA  . PHE A 1 181 ? -16.879 0.782   3.659   1.00 12.52 ? 181 PHE A CA  1 
ATOM   1413 C C   . PHE A 1 181 ? -17.213 -0.536  3.004   1.00 11.87 ? 181 PHE A C   1 
ATOM   1414 O O   . PHE A 1 181 ? -18.008 -0.668  2.088   1.00 10.74 ? 181 PHE A O   1 
ATOM   1415 C CB  . PHE A 1 181 ? -17.680 1.935   3.057   1.00 14.27 ? 181 PHE A CB  1 
ATOM   1416 C CG  . PHE A 1 181 ? -17.663 3.173   3.956   1.00 15.75 ? 181 PHE A CG  1 
ATOM   1417 C CD1 . PHE A 1 181 ? -18.577 3.317   4.977   1.00 17.46 ? 181 PHE A CD1 1 
ATOM   1418 C CD2 . PHE A 1 181 ? -16.707 4.155   3.766   1.00 18.39 ? 181 PHE A CD2 1 
ATOM   1419 C CE1 . PHE A 1 181 ? -18.567 4.436   5.790   1.00 19.46 ? 181 PHE A CE1 1 
ATOM   1420 C CE2 . PHE A 1 181 ? -16.677 5.271   4.583   1.00 20.14 ? 181 PHE A CE2 1 
ATOM   1421 C CZ  . PHE A 1 181 ? -17.615 5.419   5.590   1.00 20.35 ? 181 PHE A CZ  1 
ATOM   1422 N N   . SER A 1 182 ? -16.539 -1.582  3.495   1.00 12.05 ? 182 SER A N   1 
ATOM   1423 C CA  . SER A 1 182 ? -16.752 -2.915  2.929   1.00 12.03 ? 182 SER A CA  1 
ATOM   1424 C C   . SER A 1 182 ? -16.531 -3.953  4.028   1.00 11.98 ? 182 SER A C   1 
ATOM   1425 O O   . SER A 1 182 ? -16.442 -3.600  5.205   1.00 12.26 ? 182 SER A O   1 
ATOM   1426 C CB  . SER A 1 182 ? -15.779 -3.157  1.766   1.00 11.48 ? 182 SER A CB  1 
ATOM   1427 O OG  . SER A 1 182 ? -14.429 -2.987  2.172   1.00 11.49 ? 182 SER A OG  1 
ATOM   1428 N N   . SER A 1 183 ? -16.452 -5.209  3.639   1.00 13.05 ? 183 SER A N   1 
ATOM   1429 C CA  . SER A 1 183 ? -16.084 -6.270  4.582   1.00 12.66 ? 183 SER A CA  1 
ATOM   1430 C C   . SER A 1 183 ? -15.062 -7.179  3.905   1.00 12.46 ? 183 SER A C   1 
ATOM   1431 O O   . SER A 1 183 ? -14.937 -7.180  2.679   1.00 11.92 ? 183 SER A O   1 
ATOM   1432 C CB  . SER A 1 183 ? -17.310 -7.067  5.009   1.00 15.02 ? 183 SER A CB  1 
ATOM   1433 O OG  . SER A 1 183 ? -17.839 -7.817  3.923   1.00 15.12 ? 183 SER A OG  1 
ATOM   1434 N N   . GLY A 1 184 ? -14.320 -7.930  4.711   1.00 12.29 ? 184 GLY A N   1 
ATOM   1435 C CA  . GLY A 1 184 ? -13.386 -8.874  4.134   1.00 13.89 ? 184 GLY A CA  1 
ATOM   1436 C C   . GLY A 1 184 ? -12.465 -9.531  5.117   1.00 13.43 ? 184 GLY A C   1 
ATOM   1437 O O   . GLY A 1 184 ? -12.512 -9.342  6.326   1.00 9.69  ? 184 GLY A O   1 
ATOM   1438 N N   . TYR A 1 185 ? -11.577 -10.370 4.565   1.00 12.02 ? 185 TYR A N   1 
ATOM   1439 C CA  . TYR A 1 185 ? -10.570 -11.040 5.362   1.00 10.48 ? 185 TYR A CA  1 
ATOM   1440 C C   . TYR A 1 185 ? -9.275  -11.142 4.531   1.00 10.57 ? 185 TYR A C   1 
ATOM   1441 O O   . TYR A 1 185 ? -9.358  -11.339 3.319   1.00 12.94 ? 185 TYR A O   1 
ATOM   1442 C CB  . TYR A 1 185 ? -11.044 -12.483 5.678   1.00 11.62 ? 185 TYR A CB  1 
ATOM   1443 C CG  . TYR A 1 185 ? -9.972  -13.258 6.413   1.00 12.45 ? 185 TYR A CG  1 
ATOM   1444 C CD1 . TYR A 1 185 ? -9.775  -13.086 7.771   1.00 12.37 ? 185 TYR A CD1 1 
ATOM   1445 C CD2 . TYR A 1 185 ? -9.129  -14.124 5.725   1.00 13.73 ? 185 TYR A CD2 1 
ATOM   1446 C CE1 . TYR A 1 185 ? -8.789  -13.769 8.450   1.00 12.44 ? 185 TYR A CE1 1 
ATOM   1447 C CE2 . TYR A 1 185 ? -8.136  -14.815 6.400   1.00 14.13 ? 185 TYR A CE2 1 
ATOM   1448 C CZ  . TYR A 1 185 ? -7.975  -14.644 7.754   1.00 12.80 ? 185 TYR A CZ  1 
ATOM   1449 O OH  . TYR A 1 185 ? -6.984  -15.322 8.427   1.00 11.67 ? 185 TYR A OH  1 
ATOM   1450 N N   . ALA A 1 186 ? -8.159  -10.960 5.190   1.00 10.10 ? 186 ALA A N   1 
ATOM   1451 C CA  . ALA A 1 186 ? -6.857  -11.108 4.560   1.00 10.89 ? 186 ALA A CA  1 
ATOM   1452 C C   . ALA A 1 186 ? -5.854  -11.707 5.540   1.00 11.52 ? 186 ALA A C   1 
ATOM   1453 O O   . ALA A 1 186 ? -5.801  -11.353 6.713   1.00 10.98 ? 186 ALA A O   1 
ATOM   1454 C CB  . ALA A 1 186 ? -6.353  -9.785  4.018   1.00 16.69 ? 186 ALA A CB  1 
ATOM   1455 N N   . ARG A 1 187 ? -5.042  -12.620 5.020   1.00 9.45  ? 187 ARG A N   1 
ATOM   1456 C CA  . ARG A 1 187 ? -3.913  -13.146 5.771   1.00 9.53  ? 187 ARG A CA  1 
ATOM   1457 C C   . ARG A 1 187 ? -2.712  -13.244 4.799   1.00 11.41 ? 187 ARG A C   1 
ATOM   1458 O O   . ARG A 1 187 ? -2.716  -14.094 3.919   1.00 15.06 ? 187 ARG A O   1 
ATOM   1459 C CB  . ARG A 1 187 ? -4.218  -14.522 6.345   1.00 9.89  ? 187 ARG A CB  1 
ATOM   1460 C CG  . ARG A 1 187 ? -3.123  -15.047 7.260   1.00 12.33 ? 187 ARG A CG  1 
ATOM   1461 C CD  . ARG A 1 187 ? -3.590  -16.279 8.018   1.00 14.03 ? 187 ARG A CD  1 
ATOM   1462 N NE  . ARG A 1 187 ? -3.608  -17.458 7.160   1.00 14.41 ? 187 ARG A NE  1 
ATOM   1463 C CZ  . ARG A 1 187 ? -4.703  -18.050 6.716   1.00 17.46 ? 187 ARG A CZ  1 
ATOM   1464 N NH1 . ARG A 1 187 ? -5.897  -17.536 6.986   1.00 22.95 ? 187 ARG A NH1 1 
ATOM   1465 N NH2 . ARG A 1 187 ? -4.617  -19.168 6.010   1.00 19.19 ? 187 ARG A NH2 1 
ATOM   1466 N N   . ILE A 1 188 ? -1.824  -12.292 4.946   1.00 10.85 ? 188 ILE A N   1 
ATOM   1467 C CA  . ILE A 1 188 ? -0.773  -12.012 3.989   1.00 10.20 ? 188 ILE A CA  1 
ATOM   1468 C C   . ILE A 1 188 ? 0.610   -12.196 4.589   1.00 10.54 ? 188 ILE A C   1 
ATOM   1469 O O   . ILE A 1 188 ? 0.886   -11.773 5.710   1.00 10.67 ? 188 ILE A O   1 
ATOM   1470 C CB  . ILE A 1 188 ? -0.914  -10.564 3.455   1.00 13.01 ? 188 ILE A CB  1 
ATOM   1471 C CG1 . ILE A 1 188 ? -2.310  -10.290 2.861   1.00 15.16 ? 188 ILE A CG1 1 
ATOM   1472 C CG2 . ILE A 1 188 ? 0.167   -10.262 2.440   1.00 17.07 ? 188 ILE A CG2 1 
ATOM   1473 C CD1 . ILE A 1 188 ? -2.561  -11.067 1.580   1.00 16.80 ? 188 ILE A CD1 1 
ATOM   1474 N N   . THR A 1 189 ? 1.484   -12.848 3.826   1.00 10.68 ? 189 THR A N   1 
ATOM   1475 C CA  . THR A 1 189 ? 2.866   -13.055 4.201   1.00 11.58 ? 189 THR A CA  1 
ATOM   1476 C C   . THR A 1 189 ? 3.796   -12.327 3.211   1.00 10.38 ? 189 THR A C   1 
ATOM   1477 O O   . THR A 1 189 ? 3.680   -12.542 2.007   1.00 12.01 ? 189 THR A O   1 
ATOM   1478 C CB  . THR A 1 189 ? 3.248   -14.558 4.174   1.00 13.20 ? 189 THR A CB  1 
ATOM   1479 O OG1 . THR A 1 189 ? 2.495   -15.246 5.176   1.00 15.34 ? 189 THR A OG1 1 
ATOM   1480 C CG2 . THR A 1 189 ? 4.717   -14.713 4.557   1.00 13.14 ? 189 THR A CG2 1 
ATOM   1481 N N   . VAL A 1 190 ? 4.657   -11.490 3.748   1.00 10.57 ? 190 VAL A N   1 
ATOM   1482 C CA  . VAL A 1 190 ? 5.582   -10.690 2.963   1.00 11.55 ? 190 VAL A CA  1 
ATOM   1483 C C   . VAL A 1 190 ? 7.009   -11.183 3.151   1.00 12.27 ? 190 VAL A C   1 
ATOM   1484 O O   . VAL A 1 190 ? 7.361   -11.734 4.193   1.00 11.08 ? 190 VAL A O   1 
ATOM   1485 C CB  . VAL A 1 190 ? 5.502   -9.194  3.301   1.00 14.95 ? 190 VAL A CB  1 
ATOM   1486 C CG1 . VAL A 1 190 ? 4.047   -8.733  3.356   1.00 16.00 ? 190 VAL A CG1 1 
ATOM   1487 C CG2 . VAL A 1 190 ? 6.196   -8.878  4.612   1.00 18.87 ? 190 VAL A CG2 1 
ATOM   1488 N N   . ALA A 1 191 ? 7.832   -10.998 2.121   1.00 12.04 ? 191 ALA A N   1 
ATOM   1489 C CA  . ALA A 1 191 ? 9.258   -11.322 2.263   1.00 12.70 ? 191 ALA A CA  1 
ATOM   1490 C C   . ALA A 1 191 ? 10.066  -10.506 1.245   1.00 13.18 ? 191 ALA A C   1 
ATOM   1491 O O   . ALA A 1 191 ? 9.541   -10.126 0.205   1.00 13.18 ? 191 ALA A O   1 
ATOM   1492 C CB  . ALA A 1 191 ? 9.478   -12.810 2.007   1.00 16.67 ? 191 ALA A CB  1 
ATOM   1493 N N   . ASP A 1 192 ? 11.322  -10.277 1.585   1.00 12.74 ? 192 ASP A N   1 
ATOM   1494 C CA  . ASP A 1 192 ? 12.286  -9.695  0.637   1.00 12.33 ? 192 ASP A CA  1 
ATOM   1495 C C   . ASP A 1 192 ? 12.985  -10.884 -0.069  1.00 14.93 ? 192 ASP A C   1 
ATOM   1496 O O   . ASP A 1 192 ? 13.533  -11.745 0.610   1.00 15.02 ? 192 ASP A O   1 
ATOM   1497 C CB  . ASP A 1 192 ? 13.337  -8.908  1.427   1.00 13.47 ? 192 ASP A CB  1 
ATOM   1498 C CG  . ASP A 1 192 ? 14.329  -8.190  0.539   1.00 13.59 ? 192 ASP A CG  1 
ATOM   1499 O OD1 . ASP A 1 192 ? 14.671  -8.713  -0.542  1.00 15.23 ? 192 ASP A OD1 1 
ATOM   1500 O OD2 . ASP A 1 192 ? 14.757  -7.084  0.918   1.00 13.45 ? 192 ASP A OD2 1 
ATOM   1501 N N   . VAL A 1 193 ? 12.859  -10.951 -1.381  1.00 15.81 ? 193 VAL A N   1 
ATOM   1502 C CA  . VAL A 1 193 ? 13.426  -12.105 -2.107  1.00 17.53 ? 193 VAL A CA  1 
ATOM   1503 C C   . VAL A 1 193 ? 14.585  -11.663 -2.987  1.00 19.82 ? 193 VAL A C   1 
ATOM   1504 O O   . VAL A 1 193 ? 14.856  -12.277 -4.018  1.00 24.69 ? 193 VAL A O   1 
ATOM   1505 C CB  . VAL A 1 193 ? 12.360  -12.803 -2.953  1.00 16.95 ? 193 VAL A CB  1 
ATOM   1506 C CG1 . VAL A 1 193 ? 11.354  -13.528 -2.080  1.00 18.06 ? 193 VAL A CG1 1 
ATOM   1507 C CG2 . VAL A 1 193 ? 11.669  -11.840 -3.896  1.00 16.90 ? 193 VAL A CG2 1 
ATOM   1508 N N   . GLY A 1 194 ? 15.243  -10.570 -2.604  1.00 18.46 ? 194 GLY A N   1 
ATOM   1509 C CA  . GLY A 1 194 ? 16.368  -10.055 -3.372  1.00 21.14 ? 194 GLY A CA  1 
ATOM   1510 C C   . GLY A 1 194 ? 17.547  -11.019 -3.345  1.00 24.47 ? 194 GLY A C   1 
ATOM   1511 O O   . GLY A 1 194 ? 17.569  -11.942 -2.526  1.00 26.37 ? 194 GLY A O   1 
ATOM   1512 O OXT . GLY A 1 194 ? 18.308  -10.612 -4.259  1.00 32.05 ? 194 GLY A OXT 1 
HETATM 1513 O O   . HOH B 2 .   ? -15.275 -0.762  6.109   1.00 13.95 ? 201 HOH A O   1 
HETATM 1514 O O   . HOH B 2 .   ? 9.221   3.663   1.386   1.00 16.22 ? 202 HOH A O   1 
HETATM 1515 O O   . HOH B 2 .   ? -1.223  3.950   12.778  1.00 19.12 ? 203 HOH A O   1 
HETATM 1516 O O   . HOH B 2 .   ? 5.429   -5.004  -10.028 1.00 16.22 ? 204 HOH A O   1 
HETATM 1517 O O   . HOH B 2 .   ? 10.230  10.998  -3.079  1.00 17.03 ? 205 HOH A O   1 
HETATM 1518 O O   . HOH B 2 .   ? 15.511  -6.839  -2.730  1.00 17.48 ? 206 HOH A O   1 
HETATM 1519 O O   . HOH B 2 .   ? 17.027  -7.451  3.535   1.00 20.50 ? 207 HOH A O   1 
HETATM 1520 O O   . HOH B 2 .   ? -1.401  2.015   7.777   1.00 18.18 ? 208 HOH A O   1 
HETATM 1521 O O   . HOH B 2 .   ? -12.020 -1.470  -4.737  1.00 20.77 ? 209 HOH A O   1 
HETATM 1522 O O   . HOH B 2 .   ? -7.980  1.528   14.638  1.00 19.34 ? 210 HOH A O   1 
HETATM 1523 O O   . HOH B 2 .   ? 0.887   4.201   11.026  1.00 18.64 ? 211 HOH A O   1 
HETATM 1524 O O   . HOH B 2 .   ? -17.787 -1.869  -0.553  1.00 21.91 ? 212 HOH A O   1 
HETATM 1525 O O   . HOH B 2 .   ? -3.146  4.756   -12.077 1.00 27.25 ? 213 HOH A O   1 
HETATM 1526 O O   . HOH B 2 .   ? 10.638  1.168   -15.458 1.00 22.84 ? 214 HOH A O   1 
HETATM 1527 O O   . HOH B 2 .   ? 15.977  6.919   1.690   1.00 22.84 ? 215 HOH A O   1 
HETATM 1528 O O   . HOH B 2 .   ? 1.633   6.311   14.069  1.00 20.92 ? 216 HOH A O   1 
HETATM 1529 O O   . HOH B 2 .   ? 5.785   -13.999 0.718   1.00 23.62 ? 217 HOH A O   1 
HETATM 1530 O O   . HOH B 2 .   ? -1.033  -8.162  16.888  1.00 26.59 ? 218 HOH A O   1 
HETATM 1531 O O   . HOH B 2 .   ? 13.198  -2.670  8.024   1.00 25.35 ? 219 HOH A O   1 
HETATM 1532 O O   . HOH B 2 .   ? 13.399  -3.389  -7.752  1.00 20.14 ? 220 HOH A O   1 
HETATM 1533 O O   . HOH B 2 .   ? 2.425   2.648   17.916  1.00 23.91 ? 221 HOH A O   1 
HETATM 1534 O O   . HOH B 2 .   ? 12.199  -11.043 4.180   1.00 21.44 ? 222 HOH A O   1 
HETATM 1535 O O   . HOH B 2 .   ? -6.813  4.115   17.553  1.00 27.80 ? 223 HOH A O   1 
HETATM 1536 O O   . HOH B 2 .   ? -0.385  -15.838 4.567   1.00 24.01 ? 224 HOH A O   1 
HETATM 1537 O O   . HOH B 2 .   ? -0.503  -11.520 -13.041 1.00 20.57 ? 225 HOH A O   1 
HETATM 1538 O O   . HOH B 2 .   ? 7.423   15.543  -8.263  1.00 28.66 ? 226 HOH A O   1 
HETATM 1539 O O   . HOH B 2 .   ? -1.733  4.496   6.604   1.00 30.72 ? 227 HOH A O   1 
HETATM 1540 O O   . HOH B 2 .   ? -4.504  -4.106  -9.581  1.00 23.00 ? 228 HOH A O   1 
HETATM 1541 O O   . HOH B 2 .   ? -7.022  -15.464 -1.704  1.00 29.01 ? 229 HOH A O   1 
HETATM 1542 O O   . HOH B 2 .   ? 11.593  9.101   10.849  1.00 28.11 ? 230 HOH A O   1 
HETATM 1543 O O   . HOH B 2 .   ? -3.497  -12.228 -13.029 1.00 31.20 ? 231 HOH A O   1 
HETATM 1544 O O   . HOH B 2 .   ? 7.061   6.470   -17.414 1.00 28.62 ? 232 HOH A O   1 
HETATM 1545 O O   . HOH B 2 .   ? 7.561   -15.123 7.379   1.00 27.75 ? 233 HOH A O   1 
HETATM 1546 O O   . HOH B 2 .   ? 0.514   5.602   8.698   1.00 27.19 ? 234 HOH A O   1 
HETATM 1547 O O   . HOH B 2 .   ? 6.175   -11.784 -10.072 1.00 26.66 ? 235 HOH A O   1 
HETATM 1548 O O   . HOH B 2 .   ? -8.416  -18.469 6.069   1.00 33.06 ? 236 HOH A O   1 
HETATM 1549 O O   . HOH B 2 .   ? 16.123  3.987   1.524   1.00 31.26 ? 237 HOH A O   1 
HETATM 1550 O O   . HOH B 2 .   ? -6.421  -3.602  -13.123 1.00 31.88 ? 238 HOH A O   1 
HETATM 1551 O O   . HOH B 2 .   ? 6.033   15.095  -5.366  1.00 33.38 ? 239 HOH A O   1 
HETATM 1552 O O   . HOH B 2 .   ? -16.797 -10.516 3.724   1.00 31.22 ? 240 HOH A O   1 
HETATM 1553 O O   . HOH B 2 .   ? -16.036 6.271   8.870   1.00 34.46 ? 241 HOH A O   1 
HETATM 1554 O O   . HOH B 2 .   ? -10.407 1.204   -1.728  1.00 29.15 ? 242 HOH A O   1 
HETATM 1555 O O   . HOH B 2 .   ? -2.128  16.791  -12.029 1.00 33.04 ? 243 HOH A O   1 
HETATM 1556 O O   . HOH B 2 .   ? 11.741  9.677   6.166   1.00 28.13 ? 244 HOH A O   1 
HETATM 1557 O O   . HOH B 2 .   ? -1.008  -18.219 6.804   1.00 33.40 ? 245 HOH A O   1 
HETATM 1558 O O   . HOH B 2 .   ? 14.164  -8.388  5.109   1.00 40.29 ? 246 HOH A O   1 
HETATM 1559 O O   . HOH B 2 .   ? 12.867  5.812   8.154   1.00 34.08 ? 247 HOH A O   1 
HETATM 1560 O O   . HOH B 2 .   ? -7.302  -10.268 12.534  1.00 35.59 ? 248 HOH A O   1 
HETATM 1561 O O   . HOH B 2 .   ? 8.843   18.267  -8.208  1.00 33.88 ? 249 HOH A O   1 
HETATM 1562 O O   . HOH B 2 .   ? 0.192   12.287  13.245  1.00 31.30 ? 250 HOH A O   1 
HETATM 1563 O O   . HOH B 2 .   ? 14.566  8.026   -2.496  1.00 28.82 ? 251 HOH A O   1 
HETATM 1564 O O   . HOH B 2 .   ? 16.432  3.740   -1.897  1.00 34.99 ? 252 HOH A O   1 
HETATM 1565 O O   . HOH B 2 .   ? 8.933   16.275  4.078   1.00 28.07 ? 253 HOH A O   1 
HETATM 1566 O O   . HOH B 2 .   ? -7.445  -8.396  -13.800 1.00 38.06 ? 254 HOH A O   1 
HETATM 1567 O O   . HOH B 2 .   ? -3.869  9.444   2.238   1.00 37.56 ? 255 HOH A O   1 
HETATM 1568 O O   . HOH B 2 .   ? 1.720   10.289  13.059  1.00 33.87 ? 256 HOH A O   1 
HETATM 1569 O O   . HOH B 2 .   ? 6.957   18.062  0.872   1.00 40.83 ? 257 HOH A O   1 
HETATM 1570 O O   . HOH B 2 .   ? 5.507   0.204   18.404  1.00 30.44 ? 258 HOH A O   1 
HETATM 1571 O O   . HOH B 2 .   ? -2.865  -14.600 -7.804  1.00 33.20 ? 259 HOH A O   1 
HETATM 1572 O O   . HOH B 2 .   ? 8.187   -14.118 5.065   1.00 36.87 ? 260 HOH A O   1 
HETATM 1573 O O   . HOH B 2 .   ? 11.399  -6.859  15.948  1.00 36.03 ? 261 HOH A O   1 
HETATM 1574 O O   . HOH B 2 .   ? 12.143  5.812   11.065  1.00 39.12 ? 262 HOH A O   1 
HETATM 1575 O O   . HOH B 2 .   ? 12.228  12.505  -12.054 1.00 44.07 ? 263 HOH A O   1 
HETATM 1576 O O   . HOH B 2 .   ? 4.724   16.380  -2.362  1.00 42.65 ? 264 HOH A O   1 
HETATM 1577 O O   . HOH B 2 .   ? 8.694   -8.979  18.091  1.00 36.55 ? 265 HOH A O   1 
HETATM 1578 O O   . HOH B 2 .   ? 15.874  -4.012  4.220   1.00 36.88 ? 266 HOH A O   1 
HETATM 1579 O O   . HOH B 2 .   ? -16.994 1.895   -0.722  1.00 39.18 ? 267 HOH A O   1 
HETATM 1580 O O   . HOH B 2 .   ? 15.264  7.251   5.317   1.00 36.26 ? 268 HOH A O   1 
HETATM 1581 O O   . HOH B 2 .   ? 15.243  -1.162  5.141   1.00 46.53 ? 269 HOH A O   1 
HETATM 1582 O O   . HOH B 2 .   ? 7.615   -0.598  -20.163 1.00 38.97 ? 270 HOH A O   1 
HETATM 1583 O O   . HOH B 2 .   ? 4.952   -16.455 8.655   1.00 32.38 ? 271 HOH A O   1 
HETATM 1584 O O   . HOH B 2 .   ? 13.318  11.900  -8.915  1.00 37.87 ? 272 HOH A O   1 
HETATM 1585 O O   . HOH B 2 .   ? 7.989   -0.933  17.911  1.00 37.05 ? 273 HOH A O   1 
HETATM 1586 O O   . HOH B 2 .   ? 13.306  -14.543 1.142   1.00 45.37 ? 274 HOH A O   1 
HETATM 1587 O O   . HOH B 2 .   ? -2.959  -6.413  17.040  1.00 35.57 ? 275 HOH A O   1 
HETATM 1588 O O   . HOH B 2 .   ? -1.382  -16.562 -2.412  1.00 36.85 ? 276 HOH A O   1 
HETATM 1589 O O   . HOH B 2 .   ? 18.283  -2.480  2.478   1.00 43.61 ? 277 HOH A O   1 
HETATM 1590 O O   . HOH B 2 .   ? 10.667  4.154   12.853  1.00 32.21 ? 278 HOH A O   1 
HETATM 1591 O O   . HOH B 2 .   ? 2.460   -13.547 -10.580 1.00 41.02 ? 279 HOH A O   1 
HETATM 1592 O O   . HOH B 2 .   ? -0.174  4.413   15.199  1.00 32.67 ? 280 HOH A O   1 
HETATM 1593 O O   . HOH B 2 .   ? 7.746   -7.750  -17.283 1.00 38.79 ? 281 HOH A O   1 
HETATM 1594 O O   . HOH B 2 .   ? 11.765  -5.147  8.122   1.00 48.15 ? 282 HOH A O   1 
HETATM 1595 O O   . HOH B 2 .   ? -2.851  -1.815  18.224  1.00 34.74 ? 283 HOH A O   1 
HETATM 1596 O O   . HOH B 2 .   ? -10.062 3.911   -1.761  1.00 45.74 ? 284 HOH A O   1 
HETATM 1597 O O   . HOH B 2 .   ? 8.163   17.535  -5.259  1.00 39.36 ? 285 HOH A O   1 
HETATM 1598 O O   . HOH B 2 .   ? -7.280  5.767   -12.539 1.00 53.20 ? 286 HOH A O   1 
HETATM 1599 O O   . HOH B 2 .   ? -5.259  12.539  -17.001 1.00 50.30 ? 287 HOH A O   1 
HETATM 1600 O O   . HOH B 2 .   ? 12.770  8.454   8.221   1.00 45.71 ? 288 HOH A O   1 
HETATM 1601 O O   . HOH B 2 .   ? -14.704 -12.324 2.668   1.00 38.02 ? 289 HOH A O   1 
HETATM 1602 O O   . HOH B 2 .   ? 7.210   16.004  6.900   1.00 47.15 ? 290 HOH A O   1 
HETATM 1603 O O   . HOH B 2 .   ? 14.398  5.418   -9.261  1.00 42.16 ? 291 HOH A O   1 
HETATM 1604 O O   . HOH B 2 .   ? 17.520  0.327   -3.622  1.00 41.91 ? 292 HOH A O   1 
HETATM 1605 O O   . HOH B 2 .   ? -5.009  15.360  -17.206 1.00 38.99 ? 293 HOH A O   1 
HETATM 1606 O O   . HOH B 2 .   ? -14.590 7.580   13.089  1.00 47.80 ? 294 HOH A O   1 
HETATM 1607 O O   . HOH B 2 .   ? 10.862  -13.599 -7.271  1.00 40.89 ? 295 HOH A O   1 
HETATM 1608 O O   . HOH B 2 .   ? -3.218  -3.135  -22.304 1.00 50.16 ? 296 HOH A O   1 
HETATM 1609 O O   . HOH B 2 .   ? -5.698  -8.747  17.393  1.00 44.05 ? 297 HOH A O   1 
HETATM 1610 O O   . HOH B 2 .   ? -14.908 -7.306  -3.832  1.00 42.39 ? 298 HOH A O   1 
HETATM 1611 O O   . HOH B 2 .   ? -4.164  10.550  4.397   1.00 52.67 ? 299 HOH A O   1 
HETATM 1612 O O   . HOH B 2 .   ? -3.680  6.395   -14.424 1.00 46.83 ? 300 HOH A O   1 
HETATM 1613 O O   . HOH B 2 .   ? 10.075  -6.024  -14.159 1.00 38.17 ? 301 HOH A O   1 
HETATM 1614 O O   . HOH B 2 .   ? -1.087  18.328  12.513  1.00 36.75 ? 302 HOH A O   1 
HETATM 1615 O O   . HOH B 2 .   ? -5.384  15.641  -7.363  1.00 48.72 ? 303 HOH A O   1 
HETATM 1616 O O   . HOH B 2 .   ? 15.410  14.678  0.357   1.00 46.77 ? 304 HOH A O   1 
HETATM 1617 O O   . HOH B 2 .   ? 0.258   -13.941 -11.807 1.00 42.64 ? 305 HOH A O   1 
HETATM 1618 O O   . HOH B 2 .   ? 0.213   -14.992 -8.946  1.00 41.89 ? 306 HOH A O   1 
HETATM 1619 O O   . HOH B 2 .   ? 19.572  3.609   0.293   1.00 47.91 ? 307 HOH A O   1 
HETATM 1620 O O   . HOH B 2 .   ? 13.466  -9.104  8.543   1.00 45.79 ? 308 HOH A O   1 
HETATM 1621 O O   . HOH B 2 .   ? -2.304  12.827  10.744  1.00 60.99 ? 309 HOH A O   1 
HETATM 1622 O O   . HOH B 2 .   ? -1.986  2.116   20.516  1.00 50.82 ? 310 HOH A O   1 
HETATM 1623 O O   . HOH B 2 .   ? 10.114  -12.909 -10.341 1.00 45.73 ? 311 HOH A O   1 
HETATM 1624 O O   . HOH B 2 .   ? 6.384   -12.850 18.118  1.00 59.73 ? 312 HOH A O   1 
HETATM 1625 O O   . HOH B 2 .   ? 16.134  -6.537  5.607   1.00 50.30 ? 313 HOH A O   1 
HETATM 1626 O O   . HOH B 2 .   ? 7.373   -14.663 -7.876  1.00 51.42 ? 314 HOH A O   1 
HETATM 1627 O O   . HOH B 2 .   ? 17.431  -4.235  -3.361  1.00 49.33 ? 315 HOH A O   1 
HETATM 1628 O O   . HOH B 2 .   ? -19.427 -4.503  0.535   1.00 57.23 ? 316 HOH A O   1 
HETATM 1629 O O   . HOH B 2 .   ? 13.950  7.010   -14.545 1.00 55.06 ? 317 HOH A O   1 
HETATM 1630 O O   . HOH B 2 .   ? 11.272  -12.562 11.271  1.00 45.18 ? 318 HOH A O   1 
HETATM 1631 O O   . HOH B 2 .   ? 11.956  -4.660  -13.207 1.00 39.86 ? 319 HOH A O   1 
HETATM 1632 O O   . HOH B 2 .   ? 18.919  2.340   -6.013  1.00 55.14 ? 320 HOH A O   1 
HETATM 1633 O O   . HOH B 2 .   ? -8.074  4.244   1.251   1.00 55.83 ? 321 HOH A O   1 
HETATM 1634 O O   . HOH B 2 .   ? 8.858   -10.808 -11.165 1.00 53.72 ? 322 HOH A O   1 
HETATM 1635 O O   . HOH B 2 .   ? 16.182  6.068   -2.907  1.00 61.18 ? 323 HOH A O   1 
HETATM 1636 O O   . HOH B 2 .   ? -0.129  8.241   9.629   1.00 57.34 ? 324 HOH A O   1 
HETATM 1637 O O   . HOH B 2 .   ? -12.343 1.566   12.342  1.00 48.11 ? 325 HOH A O   1 
HETATM 1638 O O   . HOH B 2 .   ? 7.352   -15.784 2.417   1.00 43.47 ? 326 HOH A O   1 
HETATM 1639 O O   . HOH B 2 .   ? 1.858   -6.649  17.499  1.00 41.34 ? 327 HOH A O   1 
HETATM 1640 O O   . HOH B 2 .   ? 12.563  2.463   13.911  1.00 56.48 ? 328 HOH A O   1 
HETATM 1641 O O   . HOH B 2 .   ? -7.362  -6.291  18.596  1.00 59.04 ? 329 HOH A O   1 
HETATM 1642 O O   . HOH B 2 .   ? 5.066   7.480   -18.514 1.00 47.95 ? 330 HOH A O   1 
HETATM 1643 O O   . HOH B 2 .   ? -8.036  5.992   -3.093  1.00 44.58 ? 331 HOH A O   1 
HETATM 1644 O O   . HOH B 2 .   ? 13.384  0.396   -14.772 1.00 58.27 ? 332 HOH A O   1 
HETATM 1645 O O   . HOH B 2 .   ? 17.643  9.298   2.667   1.00 56.93 ? 333 HOH A O   1 
HETATM 1646 O O   . HOH B 2 .   ? 6.211   -11.884 -18.014 1.00 53.19 ? 334 HOH A O   1 
HETATM 1647 O O   . HOH B 2 .   ? 4.338   -12.134 -13.319 1.00 47.97 ? 335 HOH A O   1 
HETATM 1648 O O   . HOH B 2 .   ? -12.154 8.368   6.522   1.00 50.60 ? 336 HOH A O   1 
HETATM 1649 O O   . HOH B 2 .   ? -1.926  16.281  -9.246  1.00 54.37 ? 337 HOH A O   1 
HETATM 1650 O O   . HOH B 2 .   ? -8.965  -19.814 3.284   1.00 57.48 ? 338 HOH A O   1 
# 
